data_4TNY
#
_entry.id   4TNY
#
_cell.length_a   86.253
_cell.length_b   141.874
_cell.length_c   98.333
_cell.angle_alpha   90.000
_cell.angle_beta   116.380
_cell.angle_gamma   90.000
#
_symmetry.space_group_name_H-M   'P 1 21 1'
#
loop_
_entity.id
_entity.type
_entity.pdbx_description
1 polymer 'Deoxynucleoside triphosphate triphosphohydrolase SAMHD1'
2 non-polymer "2'-DEOXYGUANOSINE-5'-TRIPHOSPHATE"
3 non-polymer "2'-DEOXYADENOSINE 5'-TRIPHOSPHATE"
4 non-polymer 'MAGNESIUM ION'
5 water water
#
_entity_poly.entity_id   1
_entity_poly.type   'polypeptide(L)'
_entity_poly.pdbx_seq_one_letter_code
;DTMKVINDPIHGHIELHPLLVRIIDTPQFQRLRYIKQLGGGYYVFPGASHNRFEHSLGVGYLAGCLVHALGEKQPELQIS
ERDVLCVQIAGLCRNLGHGPFSHMFDGRFIPLARPEVKWTHEQGSVMMFEHLINSNGIKPVMEQYGLIPEEDICFIKEQI
VGPLESPVEDSLWPYKGRPENKSFLYEIVSNKRNGIDVDKWDYFARDCHHLGIQNNFDYKRFIKFARVCEVDNELRICAR
DKEVGNLYDMFHTRNSLHRRAYQHKVGNIIDTMITDAFLKADDYIEITGAGGKKYRISTAIDDMEAYTKLTDNIFLEILY
STDPKLKDAREILKQIEYRNLFKYVGETQPTGQIKIKREDYESLPKEVASAKPKVLLDVKLKAEDFIVDVINMDYGMQEK
NPIDHVSFYCKTAPNRAIRITKNQVSQLLPEKFAEQLIRVYCKKVDRKSLYAARQYFVQWCADRNFTKPQDGDVIAPLIT
PQKKEWNDSTSVQNPTRLREASKSRVQLFKDDPM
;
_entity_poly.pdbx_strand_id   A,C,B,D
#
loop_
_chem_comp.id
_chem_comp.type
_chem_comp.name
_chem_comp.formula
DGT non-polymer 2'-DEOXYGUANOSINE-5'-TRIPHOSPHATE 'C10 H16 N5 O13 P3'
DTP non-polymer '2'-DEOXYADENOSINE 5'-TRIPHOSPHATE' 'C10 H16 N5 O12 P3'
MG non-polymer 'MAGNESIUM ION' 'Mg 2'
#
# COMPACT_ATOMS: atom_id res chain seq x y z
N ASP A 1 11.39 -31.95 13.43
CA ASP A 1 10.90 -30.55 13.32
C ASP A 1 11.86 -29.75 12.45
N THR A 2 11.32 -29.02 11.47
CA THR A 2 12.11 -27.97 10.79
C THR A 2 11.37 -26.62 10.86
N MET A 3 12.01 -25.58 10.33
CA MET A 3 11.53 -24.19 10.45
C MET A 3 10.17 -23.99 9.69
N LYS A 4 9.29 -23.22 10.29
CA LYS A 4 8.04 -22.88 9.65
C LYS A 4 8.07 -21.47 9.10
N VAL A 5 7.31 -21.26 8.04
CA VAL A 5 7.09 -19.94 7.46
C VAL A 5 5.67 -19.51 7.77
N ILE A 6 5.52 -18.30 8.23
CA ILE A 6 4.24 -17.70 8.42
C ILE A 6 4.15 -16.46 7.57
N ASN A 7 3.01 -16.27 6.91
CA ASN A 7 2.79 -15.08 6.11
C ASN A 7 2.00 -14.06 6.92
N ASP A 8 2.65 -12.93 7.18
CA ASP A 8 2.08 -11.85 7.90
C ASP A 8 1.86 -10.67 6.96
N PRO A 9 0.68 -10.08 6.98
CA PRO A 9 0.42 -8.92 6.12
C PRO A 9 1.35 -7.74 6.37
N ILE A 10 1.91 -7.58 7.54
CA ILE A 10 2.82 -6.47 7.79
C ILE A 10 4.24 -6.78 7.38
N HIS A 11 4.77 -7.94 7.76
CA HIS A 11 6.17 -8.20 7.57
C HIS A 11 6.47 -9.18 6.44
N GLY A 12 5.47 -9.79 5.83
CA GLY A 12 5.69 -10.76 4.81
C GLY A 12 5.93 -12.13 5.39
N HIS A 13 6.72 -12.95 4.72
CA HIS A 13 7.05 -14.31 5.16
C HIS A 13 8.12 -14.28 6.23
N ILE A 14 7.74 -14.67 7.44
CA ILE A 14 8.57 -14.74 8.61
C ILE A 14 8.92 -16.20 8.81
N GLU A 15 10.21 -16.50 9.06
CA GLU A 15 10.67 -17.84 9.40
C GLU A 15 10.69 -18.03 10.89
N LEU A 16 10.15 -19.16 11.33
CA LEU A 16 10.17 -19.46 12.76
C LEU A 16 11.00 -20.70 13.02
N HIS A 17 12.02 -20.55 13.87
CA HIS A 17 12.83 -21.66 14.33
C HIS A 17 11.93 -22.67 15.10
N PRO A 18 12.25 -23.98 15.03
CA PRO A 18 11.38 -24.98 15.61
C PRO A 18 11.09 -24.81 17.09
N LEU A 19 12.02 -24.29 17.83
CA LEU A 19 11.80 -24.03 19.24
C LEU A 19 10.73 -22.97 19.46
N LEU A 20 10.75 -21.93 18.61
CA LEU A 20 9.72 -20.88 18.65
C LEU A 20 8.36 -21.47 18.32
N VAL A 21 8.33 -22.35 17.33
CA VAL A 21 7.08 -23.03 16.98
C VAL A 21 6.50 -23.78 18.21
N ARG A 22 7.39 -24.45 18.94
CA ARG A 22 6.98 -25.20 20.11
C ARG A 22 6.39 -24.32 21.18
N ILE A 23 7.02 -23.17 21.42
CA ILE A 23 6.48 -22.20 22.39
C ILE A 23 5.14 -21.64 21.95
N ILE A 24 4.98 -21.40 20.65
CA ILE A 24 3.78 -20.79 20.08
C ILE A 24 2.59 -21.73 20.17
N ASP A 25 2.85 -23.00 19.95
CA ASP A 25 1.80 -24.01 19.90
C ASP A 25 1.47 -24.59 21.27
N THR A 26 1.13 -23.69 22.17
CA THR A 26 0.70 -23.99 23.52
C THR A 26 -0.53 -23.15 23.87
N PRO A 27 -1.35 -23.65 24.79
CA PRO A 27 -2.57 -22.91 25.20
C PRO A 27 -2.25 -21.54 25.73
N GLN A 28 -1.09 -21.39 26.36
CA GLN A 28 -0.72 -20.14 26.99
C GLN A 28 -0.49 -19.04 25.94
N PHE A 29 0.07 -19.43 24.78
CA PHE A 29 0.39 -18.49 23.74
C PHE A 29 -0.83 -18.31 22.84
N GLN A 30 -1.48 -19.41 22.51
CA GLN A 30 -2.60 -19.35 21.56
C GLN A 30 -3.74 -18.55 22.10
N ARG A 31 -3.77 -18.44 23.42
CA ARG A 31 -4.71 -17.59 24.14
C ARG A 31 -4.79 -16.18 23.54
N LEU A 32 -3.66 -15.69 23.05
CA LEU A 32 -3.55 -14.34 22.53
C LEU A 32 -4.36 -14.11 21.30
N ARG A 33 -4.84 -15.17 20.67
CA ARG A 33 -5.75 -15.07 19.58
C ARG A 33 -7.12 -14.54 19.96
N TYR A 34 -7.40 -14.55 21.26
CA TYR A 34 -8.74 -14.19 21.71
C TYR A 34 -8.71 -12.92 22.56
N ILE A 35 -7.65 -12.13 22.38
CA ILE A 35 -7.51 -10.86 23.05
C ILE A 35 -7.21 -9.74 22.01
N LYS A 36 -8.17 -8.83 21.82
CA LYS A 36 -8.00 -7.75 20.87
C LYS A 36 -6.86 -6.83 21.32
N GLN A 37 -6.00 -6.52 20.35
CA GLN A 37 -4.91 -5.59 20.55
C GLN A 37 -5.38 -4.23 21.07
N LEU A 38 -6.45 -3.69 20.50
CA LEU A 38 -6.88 -2.34 20.81
C LEU A 38 -8.11 -2.24 21.71
N GLY A 39 -8.49 -3.37 22.33
CA GLY A 39 -9.67 -3.45 23.16
C GLY A 39 -10.95 -2.89 22.53
N GLY A 40 -11.52 -1.89 23.20
CA GLY A 40 -12.73 -1.22 22.75
C GLY A 40 -12.56 -0.39 21.48
N GLY A 41 -11.33 -0.17 21.07
CA GLY A 41 -11.05 0.50 19.80
C GLY A 41 -11.74 -0.08 18.58
N TYR A 42 -11.95 -1.39 18.54
CA TYR A 42 -12.67 -2.08 17.49
C TYR A 42 -14.11 -1.59 17.35
N TYR A 43 -14.66 -1.07 18.43
CA TYR A 43 -16.03 -0.58 18.43
C TYR A 43 -16.09 0.84 17.84
N VAL A 44 -14.94 1.43 17.52
CA VAL A 44 -14.87 2.72 16.82
C VAL A 44 -14.19 2.60 15.43
N PHE A 45 -13.15 1.77 15.35
CA PHE A 45 -12.41 1.51 14.13
C PHE A 45 -12.65 0.07 13.76
N PRO A 46 -13.59 -0.20 12.88
CA PRO A 46 -13.94 -1.56 12.53
C PRO A 46 -12.87 -2.39 11.83
N GLY A 47 -11.78 -1.79 11.39
CA GLY A 47 -10.68 -2.55 10.86
C GLY A 47 -9.87 -3.15 11.96
N ALA A 48 -9.96 -2.66 13.21
CA ALA A 48 -9.10 -3.09 14.29
C ALA A 48 -9.58 -4.34 15.01
N SER A 49 -9.74 -5.39 14.21
CA SER A 49 -10.13 -6.71 14.63
C SER A 49 -8.89 -7.52 15.15
N HIS A 50 -7.71 -6.99 14.93
CA HIS A 50 -6.49 -7.73 15.23
C HIS A 50 -6.29 -8.03 16.71
N ASN A 51 -5.61 -9.16 16.95
CA ASN A 51 -5.38 -9.67 18.28
C ASN A 51 -3.91 -9.68 18.65
N ARG A 52 -3.66 -9.86 19.95
CA ARG A 52 -2.30 -9.83 20.48
C ARG A 52 -1.41 -10.92 19.88
N PHE A 53 -2.01 -12.04 19.46
CA PHE A 53 -1.26 -13.11 18.86
C PHE A 53 -0.36 -12.72 17.71
N GLU A 54 -0.96 -12.10 16.70
CA GLU A 54 -0.23 -11.71 15.52
C GLU A 54 0.75 -10.58 15.80
N HIS A 55 0.44 -9.69 16.72
CA HIS A 55 1.38 -8.70 17.13
C HIS A 55 2.62 -9.35 17.74
N SER A 56 2.44 -10.40 18.55
CA SER A 56 3.54 -11.05 19.26
C SER A 56 4.45 -11.70 18.26
N LEU A 57 3.89 -12.34 17.23
CA LEU A 57 4.71 -12.89 16.16
C LEU A 57 5.58 -11.82 15.54
N GLY A 58 5.01 -10.65 15.28
CA GLY A 58 5.74 -9.58 14.66
C GLY A 58 6.87 -9.06 15.53
N VAL A 59 6.59 -8.87 16.81
CA VAL A 59 7.59 -8.43 17.74
C VAL A 59 8.75 -9.41 17.80
N GLY A 60 8.42 -10.72 17.86
CA GLY A 60 9.43 -11.77 17.83
C GLY A 60 10.25 -11.72 16.55
N TYR A 61 9.60 -11.56 15.41
CA TYR A 61 10.31 -11.40 14.17
C TYR A 61 11.20 -10.22 14.14
N LEU A 62 10.72 -9.05 14.52
CA LEU A 62 11.57 -7.85 14.40
C LEU A 62 12.75 -7.92 15.35
N ALA A 63 12.53 -8.49 16.52
CA ALA A 63 13.60 -8.66 17.53
C ALA A 63 14.73 -9.47 16.90
N GLY A 64 14.38 -10.55 16.24
CA GLY A 64 15.32 -11.33 15.45
C GLY A 64 16.02 -10.58 14.35
N CYS A 65 15.27 -9.76 13.58
CA CYS A 65 15.85 -8.96 12.54
C CYS A 65 16.91 -8.04 13.07
N LEU A 66 16.65 -7.36 14.18
CA LEU A 66 17.59 -6.36 14.64
C LEU A 66 18.85 -7.05 15.15
N VAL A 67 18.70 -8.09 15.95
CA VAL A 67 19.86 -8.79 16.52
C VAL A 67 20.70 -9.43 15.39
N HIS A 68 20.04 -10.02 14.38
N HIS A 68 20.04 -10.00 14.38
CA HIS A 68 20.74 -10.54 13.21
CA HIS A 68 20.74 -10.54 13.21
C HIS A 68 21.49 -9.44 12.47
C HIS A 68 21.49 -9.44 12.47
N ALA A 69 20.83 -8.32 12.20
CA ALA A 69 21.47 -7.20 11.52
C ALA A 69 22.72 -6.74 12.24
N LEU A 70 22.68 -6.61 13.56
CA LEU A 70 23.83 -6.14 14.32
C LEU A 70 24.99 -7.14 14.24
N GLY A 71 24.66 -8.44 14.32
CA GLY A 71 25.64 -9.50 14.22
C GLY A 71 26.33 -9.52 12.87
N GLU A 72 25.58 -9.30 11.80
CA GLU A 72 26.15 -9.26 10.46
C GLU A 72 27.07 -8.07 10.24
N LYS A 73 26.69 -6.90 10.72
CA LYS A 73 27.55 -5.71 10.58
C LYS A 73 28.79 -5.77 11.49
N GLN A 74 28.66 -6.37 12.67
CA GLN A 74 29.67 -6.33 13.71
C GLN A 74 29.87 -7.72 14.30
N PRO A 75 30.56 -8.59 13.53
CA PRO A 75 30.93 -9.96 14.01
C PRO A 75 31.68 -9.94 15.34
N GLU A 76 32.42 -8.87 15.58
CA GLU A 76 33.20 -8.74 16.78
C GLU A 76 32.35 -8.74 18.07
N LEU A 77 31.04 -8.59 17.94
CA LEU A 77 30.17 -8.62 19.10
C LEU A 77 29.97 -10.03 19.64
N GLN A 78 30.25 -11.06 18.81
CA GLN A 78 30.11 -12.45 19.21
C GLN A 78 28.65 -12.81 19.59
N ILE A 79 27.70 -12.27 18.85
CA ILE A 79 26.32 -12.63 19.07
C ILE A 79 26.15 -14.07 18.62
N SER A 80 25.67 -14.94 19.53
CA SER A 80 25.45 -16.35 19.21
C SER A 80 24.01 -16.66 18.80
N GLU A 81 23.83 -17.80 18.11
CA GLU A 81 22.49 -18.31 17.80
C GLU A 81 21.66 -18.40 19.07
N ARG A 82 22.27 -18.78 20.18
CA ARG A 82 21.62 -18.79 21.46
C ARG A 82 21.06 -17.43 21.89
N ASP A 83 21.88 -16.39 21.72
CA ASP A 83 21.44 -15.01 21.98
C ASP A 83 20.23 -14.65 21.12
N VAL A 84 20.31 -14.95 19.82
CA VAL A 84 19.24 -14.66 18.89
C VAL A 84 17.95 -15.33 19.32
N LEU A 85 17.99 -16.61 19.68
CA LEU A 85 16.78 -17.33 20.07
C LEU A 85 16.20 -16.74 21.33
N CYS A 86 17.06 -16.36 22.26
CA CYS A 86 16.57 -15.79 23.50
C CYS A 86 15.89 -14.44 23.25
N VAL A 87 16.43 -13.63 22.36
CA VAL A 87 15.85 -12.35 22.09
C VAL A 87 14.51 -12.56 21.36
N GLN A 88 14.47 -13.48 20.42
CA GLN A 88 13.21 -13.78 19.73
C GLN A 88 12.13 -14.27 20.68
N ILE A 89 12.50 -15.11 21.63
CA ILE A 89 11.52 -15.62 22.61
C ILE A 89 10.97 -14.51 23.51
N ALA A 90 11.84 -13.62 23.95
CA ALA A 90 11.41 -12.50 24.73
C ALA A 90 10.45 -11.62 23.91
N GLY A 91 10.76 -11.42 22.64
CA GLY A 91 9.88 -10.66 21.77
C GLY A 91 8.53 -11.32 21.67
N LEU A 92 8.52 -12.62 21.41
CA LEU A 92 7.29 -13.37 21.29
C LEU A 92 6.45 -13.32 22.51
N CYS A 93 7.11 -13.32 23.65
CA CYS A 93 6.43 -13.53 24.93
C CYS A 93 6.18 -12.29 25.75
N ARG A 94 6.55 -11.11 25.29
CA ARG A 94 6.33 -9.93 26.14
C ARG A 94 4.86 -9.51 26.23
N ASN A 95 4.01 -10.07 25.39
CA ASN A 95 2.56 -9.81 25.52
C ASN A 95 1.75 -10.89 26.18
N LEU A 96 2.38 -11.92 26.74
CA LEU A 96 1.66 -13.07 27.31
C LEU A 96 0.79 -12.70 28.49
N GLY A 97 1.10 -11.61 29.20
CA GLY A 97 0.37 -11.25 30.38
C GLY A 97 -0.86 -10.39 30.17
N HIS A 98 -1.17 -10.05 28.93
CA HIS A 98 -2.35 -9.20 28.69
C HIS A 98 -3.66 -9.92 29.04
N GLY A 99 -4.62 -9.12 29.51
CA GLY A 99 -5.91 -9.64 29.87
C GLY A 99 -6.94 -9.24 28.86
N PRO A 100 -8.23 -9.54 29.11
CA PRO A 100 -9.31 -9.21 28.19
C PRO A 100 -9.26 -7.72 27.80
N PHE A 101 -9.32 -7.46 26.49
CA PHE A 101 -9.34 -6.10 25.97
C PHE A 101 -8.04 -5.33 26.27
N SER A 102 -6.96 -6.08 26.42
CA SER A 102 -5.62 -5.54 26.64
C SER A 102 -5.57 -4.48 27.71
N HIS A 103 -5.30 -3.24 27.36
CA HIS A 103 -5.00 -2.22 28.37
C HIS A 103 -6.19 -1.83 29.22
N MET A 104 -7.39 -2.16 28.78
CA MET A 104 -8.55 -1.96 29.60
C MET A 104 -8.40 -2.73 30.93
N PHE A 105 -7.88 -3.97 30.84
CA PHE A 105 -7.86 -4.87 31.94
C PHE A 105 -6.88 -4.42 33.03
N ASP A 106 -5.64 -4.07 32.65
CA ASP A 106 -4.71 -3.61 33.69
C ASP A 106 -4.71 -2.11 33.90
N GLY A 107 -5.23 -1.37 32.94
CA GLY A 107 -5.35 0.08 33.08
C GLY A 107 -6.61 0.58 33.75
N ARG A 108 -7.72 -0.14 33.65
CA ARG A 108 -8.98 0.30 34.29
C ARG A 108 -9.54 -0.72 35.24
N PHE A 109 -9.67 -1.98 34.82
CA PHE A 109 -10.41 -2.97 35.63
C PHE A 109 -9.71 -3.38 36.91
N ILE A 110 -8.48 -3.87 36.82
CA ILE A 110 -7.80 -4.33 38.01
C ILE A 110 -7.58 -3.21 39.01
N PRO A 111 -7.18 -2.01 38.56
CA PRO A 111 -7.08 -0.94 39.53
C PRO A 111 -8.37 -0.65 40.32
N LEU A 112 -9.53 -0.83 39.71
CA LEU A 112 -10.80 -0.63 40.43
C LEU A 112 -11.26 -1.85 41.21
N ALA A 113 -11.06 -3.05 40.68
CA ALA A 113 -11.46 -4.27 41.38
C ALA A 113 -10.55 -4.63 42.53
N ARG A 114 -9.25 -4.43 42.38
CA ARG A 114 -8.27 -4.84 43.40
C ARG A 114 -7.34 -3.68 43.64
N PRO A 115 -7.87 -2.62 44.27
CA PRO A 115 -7.01 -1.42 44.46
C PRO A 115 -5.74 -1.65 45.25
N GLU A 116 -5.73 -2.62 46.15
CA GLU A 116 -4.59 -2.90 47.01
C GLU A 116 -3.43 -3.55 46.23
N VAL A 117 -3.70 -4.18 45.09
CA VAL A 117 -2.70 -4.85 44.34
C VAL A 117 -1.96 -3.90 43.41
N LYS A 118 -0.73 -4.24 43.09
CA LYS A 118 0.03 -3.55 42.06
C LYS A 118 0.28 -4.55 40.96
N TRP A 119 -0.45 -4.49 39.87
CA TRP A 119 -0.35 -5.48 38.78
C TRP A 119 -0.11 -4.81 37.46
N THR A 120 0.69 -5.46 36.62
CA THR A 120 0.96 -4.99 35.29
C THR A 120 0.99 -6.17 34.36
N HIS A 121 0.70 -5.92 33.08
CA HIS A 121 0.79 -7.00 32.08
C HIS A 121 2.22 -7.58 32.01
N GLU A 122 3.24 -6.74 32.25
CA GLU A 122 4.63 -7.16 32.27
C GLU A 122 4.91 -8.29 33.25
N GLN A 123 4.48 -8.05 34.50
CA GLN A 123 4.53 -9.06 35.54
C GLN A 123 3.75 -10.27 35.13
N GLY A 124 2.57 -10.05 34.59
CA GLY A 124 1.75 -11.17 34.14
C GLY A 124 2.48 -11.98 33.05
N SER A 125 3.25 -11.29 32.21
CA SER A 125 3.93 -11.97 31.13
C SER A 125 4.99 -12.94 31.63
N VAL A 126 5.72 -12.51 32.66
CA VAL A 126 6.73 -13.34 33.31
C VAL A 126 6.10 -14.55 33.96
N MET A 127 4.99 -14.37 34.64
CA MET A 127 4.28 -15.47 35.29
C MET A 127 3.73 -16.47 34.23
N MET A 128 3.10 -15.92 33.18
CA MET A 128 2.56 -16.76 32.14
C MET A 128 3.69 -17.49 31.44
N PHE A 129 4.82 -16.86 31.31
CA PHE A 129 5.94 -17.47 30.62
C PHE A 129 6.47 -18.69 31.37
N GLU A 130 6.67 -18.51 32.67
CA GLU A 130 7.08 -19.59 33.56
C GLU A 130 6.08 -20.73 33.51
N HIS A 131 4.80 -20.39 33.54
CA HIS A 131 3.75 -21.38 33.45
C HIS A 131 3.82 -22.10 32.12
N LEU A 132 4.07 -21.38 31.03
CA LEU A 132 4.12 -21.97 29.71
C LEU A 132 5.24 -23.00 29.62
N ILE A 133 6.41 -22.59 30.08
CA ILE A 133 7.60 -23.44 30.08
C ILE A 133 7.36 -24.72 30.87
N ASN A 134 6.89 -24.57 32.11
CA ASN A 134 6.72 -25.71 33.00
C ASN A 134 5.59 -26.62 32.57
N SER A 135 4.48 -26.07 32.12
CA SER A 135 3.35 -26.86 31.74
C SER A 135 3.59 -27.63 30.46
N ASN A 136 4.56 -27.24 29.66
CA ASN A 136 4.65 -27.83 28.32
C ASN A 136 5.98 -28.52 28.02
N GLY A 137 6.82 -28.71 29.03
CA GLY A 137 8.07 -29.41 28.84
C GLY A 137 9.02 -28.72 27.88
N ILE A 138 9.07 -27.40 27.98
CA ILE A 138 9.89 -26.62 27.05
C ILE A 138 11.39 -26.63 27.40
N LYS A 139 11.70 -26.74 28.69
CA LYS A 139 13.12 -26.72 29.13
C LYS A 139 14.01 -27.72 28.39
N PRO A 140 13.57 -28.98 28.24
CA PRO A 140 14.35 -29.98 27.50
C PRO A 140 14.55 -29.61 26.06
N VAL A 141 13.54 -29.03 25.46
CA VAL A 141 13.62 -28.60 24.07
C VAL A 141 14.61 -27.45 23.92
N MET A 142 14.64 -26.55 24.89
CA MET A 142 15.60 -25.47 24.89
C MET A 142 17.01 -26.03 24.95
N GLU A 143 17.23 -27.03 25.82
CA GLU A 143 18.53 -27.65 25.90
C GLU A 143 18.92 -28.34 24.60
N GLN A 144 17.94 -28.96 23.97
CA GLN A 144 18.19 -29.60 22.69
C GLN A 144 18.73 -28.64 21.62
N TYR A 145 18.39 -27.37 21.73
CA TYR A 145 18.79 -26.36 20.71
C TYR A 145 19.87 -25.46 21.26
N GLY A 146 20.52 -25.87 22.33
CA GLY A 146 21.73 -25.19 22.79
C GLY A 146 21.52 -24.09 23.79
N LEU A 147 20.30 -23.90 24.24
CA LEU A 147 20.08 -22.95 25.31
C LEU A 147 20.38 -23.57 26.65
N ILE A 148 20.71 -22.72 27.63
CA ILE A 148 20.97 -23.13 29.02
C ILE A 148 19.85 -22.56 29.85
N PRO A 149 18.80 -23.36 30.13
CA PRO A 149 17.57 -22.87 30.79
C PRO A 149 17.77 -21.95 31.98
N GLU A 150 18.67 -22.30 32.90
CA GLU A 150 18.89 -21.48 34.09
C GLU A 150 19.19 -20.02 33.72
N GLU A 151 20.26 -19.82 32.96
CA GLU A 151 20.67 -18.47 32.57
C GLU A 151 19.75 -17.81 31.59
N ASP A 152 19.27 -18.59 30.62
CA ASP A 152 18.51 -18.06 29.48
C ASP A 152 17.10 -17.71 29.85
N ILE A 153 16.47 -18.50 30.72
CA ILE A 153 15.15 -18.16 31.22
C ILE A 153 15.23 -16.88 32.00
N CYS A 154 16.28 -16.72 32.80
CA CYS A 154 16.49 -15.48 33.52
C CYS A 154 16.65 -14.30 32.54
N PHE A 155 17.45 -14.50 31.49
CA PHE A 155 17.66 -13.48 30.50
C PHE A 155 16.35 -13.04 29.84
N ILE A 156 15.54 -14.00 29.43
CA ILE A 156 14.29 -13.75 28.78
C ILE A 156 13.36 -12.93 29.68
N LYS A 157 13.26 -13.32 30.94
CA LYS A 157 12.43 -12.59 31.87
C LYS A 157 12.94 -11.19 32.10
N GLU A 158 14.25 -11.04 32.24
CA GLU A 158 14.82 -9.72 32.42
C GLU A 158 14.57 -8.79 31.23
N GLN A 159 14.55 -9.36 30.06
CA GLN A 159 14.24 -8.60 28.83
C GLN A 159 12.83 -8.05 28.85
N ILE A 160 11.92 -8.78 29.51
CA ILE A 160 10.51 -8.43 29.54
C ILE A 160 10.25 -7.41 30.65
N VAL A 161 10.80 -7.65 31.83
CA VAL A 161 10.34 -6.91 33.02
C VAL A 161 11.47 -6.10 33.67
N GLY A 162 12.69 -6.23 33.18
CA GLY A 162 13.85 -5.54 33.76
C GLY A 162 14.50 -6.37 34.83
N PRO A 163 15.56 -5.84 35.48
CA PRO A 163 16.25 -6.59 36.54
C PRO A 163 15.30 -7.17 37.60
N LEU A 164 15.43 -8.45 37.88
CA LEU A 164 14.61 -9.06 38.93
C LEU A 164 15.10 -8.71 40.37
N GLU A 165 16.20 -7.99 40.49
CA GLU A 165 16.29 -7.01 41.63
C GLU A 165 15.26 -5.84 41.43
N LEU A 172 26.44 -0.29 39.14
CA LEU A 172 26.66 -1.72 38.95
C LEU A 172 25.67 -2.37 37.96
N TRP A 173 26.16 -3.40 37.27
CA TRP A 173 25.35 -4.21 36.33
C TRP A 173 24.28 -5.06 37.04
N PRO A 174 22.99 -4.69 36.88
CA PRO A 174 21.94 -5.32 37.65
C PRO A 174 21.34 -6.60 37.02
N TYR A 175 21.85 -7.01 35.86
CA TYR A 175 21.30 -8.13 35.15
C TYR A 175 22.15 -9.34 35.38
N LYS A 176 21.51 -10.52 35.42
CA LYS A 176 22.23 -11.77 35.58
C LYS A 176 22.20 -12.67 34.32
N GLY A 177 21.28 -12.44 33.40
CA GLY A 177 21.13 -13.33 32.28
C GLY A 177 22.21 -13.15 31.25
N ARG A 178 22.75 -11.92 31.14
CA ARG A 178 23.89 -11.67 30.27
C ARG A 178 24.78 -10.62 30.92
N PRO A 179 26.09 -10.61 30.58
CA PRO A 179 27.03 -9.62 31.12
C PRO A 179 27.00 -8.30 30.34
N GLU A 180 27.79 -7.31 30.77
CA GLU A 180 27.73 -5.95 30.20
C GLU A 180 28.16 -5.94 28.74
N ASN A 181 29.03 -6.85 28.34
CA ASN A 181 29.45 -6.88 26.98
C ASN A 181 28.27 -7.22 26.02
N LYS A 182 27.16 -7.76 26.57
CA LYS A 182 25.94 -8.00 25.82
C LYS A 182 24.76 -7.10 26.22
N SER A 183 25.07 -5.98 26.83
CA SER A 183 24.07 -5.01 27.31
C SER A 183 23.07 -4.57 26.27
N PHE A 184 23.57 -4.38 25.06
CA PHE A 184 22.75 -3.94 23.94
C PHE A 184 21.59 -4.89 23.66
N LEU A 185 21.70 -6.16 24.04
CA LEU A 185 20.63 -7.09 23.83
C LEU A 185 19.40 -6.77 24.60
N TYR A 186 19.60 -6.09 25.73
CA TYR A 186 18.47 -5.68 26.58
C TYR A 186 17.73 -4.48 26.04
N GLU A 187 18.18 -3.89 24.93
CA GLU A 187 17.56 -2.71 24.37
C GLU A 187 16.63 -3.04 23.21
N ILE A 188 16.49 -4.31 22.85
CA ILE A 188 15.73 -4.70 21.68
C ILE A 188 14.24 -4.88 21.90
N VAL A 189 13.82 -5.66 22.90
CA VAL A 189 12.44 -6.09 23.02
C VAL A 189 11.63 -5.08 23.87
N SER A 190 12.22 -4.65 24.98
CA SER A 190 11.55 -3.75 25.89
C SER A 190 12.60 -2.80 26.44
N ASN A 191 12.70 -1.63 25.81
CA ASN A 191 13.80 -0.73 26.08
C ASN A 191 13.49 0.16 27.26
N LYS A 192 14.02 -0.18 28.41
CA LYS A 192 13.72 0.59 29.64
C LYS A 192 14.47 1.92 29.69
N ARG A 193 15.51 2.09 28.88
CA ARG A 193 16.27 3.33 28.90
C ARG A 193 15.56 4.50 28.19
N ASN A 194 15.00 4.25 27.03
CA ASN A 194 14.40 5.29 26.22
C ASN A 194 13.16 4.88 25.38
N GLY A 195 12.71 3.63 25.50
CA GLY A 195 11.45 3.19 24.89
C GLY A 195 11.54 2.82 23.41
N ILE A 196 12.72 2.90 22.82
CA ILE A 196 12.88 2.64 21.43
C ILE A 196 13.14 1.14 21.22
N ASP A 197 12.10 0.40 20.87
CA ASP A 197 12.17 -1.04 20.81
C ASP A 197 11.27 -1.62 19.73
N VAL A 198 11.41 -2.91 19.49
CA VAL A 198 10.72 -3.52 18.36
C VAL A 198 9.22 -3.68 18.59
N ASP A 199 8.81 -3.55 19.84
CA ASP A 199 7.40 -3.64 20.18
C ASP A 199 6.61 -2.50 19.56
N LYS A 200 7.13 -1.29 19.70
CA LYS A 200 6.56 -0.11 19.04
C LYS A 200 6.55 -0.24 17.56
N TRP A 201 7.62 -0.76 17.01
CA TRP A 201 7.71 -0.81 15.59
C TRP A 201 6.65 -1.69 14.99
N ASP A 202 6.39 -2.82 15.62
CA ASP A 202 5.36 -3.65 15.09
C ASP A 202 3.99 -3.03 15.28
N TYR A 203 3.68 -2.47 16.45
CA TYR A 203 2.33 -1.96 16.64
C TYR A 203 2.03 -0.73 15.79
N PHE A 204 2.99 0.15 15.60
CA PHE A 204 2.83 1.28 14.69
C PHE A 204 2.35 0.79 13.34
N ALA A 205 3.09 -0.12 12.75
CA ALA A 205 2.81 -0.64 11.43
C ALA A 205 1.53 -1.41 11.41
N ARG A 206 1.32 -2.30 12.38
CA ARG A 206 0.16 -3.18 12.36
C ARG A 206 -1.11 -2.43 12.71
N ASP A 207 -1.06 -1.61 13.73
CA ASP A 207 -2.25 -0.84 14.12
C ASP A 207 -2.65 0.05 12.95
N CYS A 208 -1.71 0.72 12.31
CA CYS A 208 -2.00 1.59 11.17
C CYS A 208 -2.66 0.86 10.02
N HIS A 209 -2.12 -0.29 9.65
CA HIS A 209 -2.69 -1.13 8.67
C HIS A 209 -4.15 -1.47 8.90
N HIS A 210 -4.50 -1.71 10.16
CA HIS A 210 -5.83 -2.09 10.51
C HIS A 210 -6.75 -0.92 10.79
N LEU A 211 -6.22 0.15 11.33
CA LEU A 211 -6.99 1.31 11.67
C LEU A 211 -7.43 2.08 10.44
N GLY A 212 -6.62 2.02 9.38
CA GLY A 212 -6.81 2.88 8.23
C GLY A 212 -6.19 4.25 8.45
N ILE A 213 -5.06 4.30 9.16
CA ILE A 213 -4.30 5.51 9.31
C ILE A 213 -2.90 5.15 8.96
N GLN A 214 -2.20 6.05 8.29
CA GLN A 214 -0.92 5.72 7.68
C GLN A 214 0.23 5.98 8.66
N ASN A 215 1.17 5.03 8.68
CA ASN A 215 2.32 5.06 9.61
C ASN A 215 3.48 5.86 9.02
N ASN A 216 4.02 6.81 9.78
CA ASN A 216 5.14 7.68 9.33
C ASN A 216 6.61 7.20 9.66
N PHE A 217 6.72 6.22 10.55
CA PHE A 217 8.03 5.74 11.00
C PHE A 217 8.58 4.55 10.22
N ASP A 218 9.84 4.67 9.79
CA ASP A 218 10.53 3.62 9.02
C ASP A 218 11.57 2.83 9.87
N TYR A 219 11.12 1.74 10.46
CA TYR A 219 11.96 0.93 11.33
C TYR A 219 13.03 0.21 10.54
N LYS A 220 12.72 -0.20 9.32
CA LYS A 220 13.73 -0.87 8.47
C LYS A 220 14.93 0.05 8.26
N ARG A 221 14.64 1.33 8.08
CA ARG A 221 15.73 2.30 7.91
C ARG A 221 16.54 2.33 9.19
N PHE A 222 15.85 2.38 10.31
CA PHE A 222 16.51 2.47 11.59
C PHE A 222 17.43 1.27 11.83
N ILE A 223 16.93 0.09 11.55
CA ILE A 223 17.73 -1.11 11.64
C ILE A 223 18.97 -1.03 10.78
N LYS A 224 18.85 -0.56 9.53
CA LYS A 224 20.06 -0.39 8.74
C LYS A 224 21.15 0.53 9.31
N PHE A 225 20.75 1.55 10.03
CA PHE A 225 21.68 2.53 10.52
C PHE A 225 22.06 2.27 11.98
N ALA A 226 21.58 1.18 12.58
CA ALA A 226 21.91 0.95 13.97
C ALA A 226 23.29 0.28 14.10
N ARG A 227 24.02 0.63 15.17
CA ARG A 227 25.33 0.06 15.46
C ARG A 227 25.47 -0.06 16.96
N VAL A 228 26.40 -0.90 17.40
CA VAL A 228 26.73 -1.00 18.79
C VAL A 228 28.04 -0.28 19.03
N CYS A 229 28.04 0.61 20.04
CA CYS A 229 29.21 1.36 20.44
C CYS A 229 29.34 1.32 21.96
N GLU A 230 30.55 1.58 22.44
CA GLU A 230 30.78 1.64 23.88
C GLU A 230 30.24 2.98 24.41
N VAL A 231 29.44 2.91 25.46
CA VAL A 231 28.96 4.11 26.16
C VAL A 231 29.09 3.79 27.65
N ASP A 232 29.79 4.64 28.39
CA ASP A 232 30.00 4.48 29.85
C ASP A 232 30.27 3.04 30.24
N ASN A 233 31.20 2.36 29.55
CA ASN A 233 31.59 0.96 29.86
C ASN A 233 30.52 -0.09 29.65
N GLU A 234 29.52 0.27 28.86
CA GLU A 234 28.53 -0.67 28.34
C GLU A 234 28.58 -0.62 26.81
N LEU A 235 28.30 -1.75 26.19
CA LEU A 235 28.02 -1.79 24.75
C LEU A 235 26.53 -1.57 24.47
N ARG A 236 26.21 -0.42 23.85
CA ARG A 236 24.85 -0.04 23.57
C ARG A 236 24.56 0.17 22.10
N ILE A 237 23.29 0.03 21.74
CA ILE A 237 22.83 0.33 20.40
C ILE A 237 22.85 1.84 20.17
N CYS A 238 23.49 2.29 19.11
CA CYS A 238 23.53 3.69 18.72
C CYS A 238 22.94 3.88 17.35
N ALA A 239 22.34 5.05 17.17
CA ALA A 239 21.72 5.42 15.91
C ALA A 239 22.62 6.42 15.23
N ARG A 240 22.57 6.45 13.91
CA ARG A 240 23.35 7.42 13.16
C ARG A 240 22.87 8.82 13.49
N ASP A 241 23.79 9.74 13.70
CA ASP A 241 23.48 11.12 14.11
C ASP A 241 22.34 11.79 13.34
N LYS A 242 22.43 11.76 12.03
CA LYS A 242 21.45 12.46 11.19
C LYS A 242 20.03 11.86 11.29
N GLU A 243 19.90 10.65 11.83
CA GLU A 243 18.62 10.01 12.04
C GLU A 243 17.88 10.53 13.28
N VAL A 244 18.47 11.47 14.01
CA VAL A 244 17.83 11.97 15.24
C VAL A 244 16.42 12.56 15.01
N GLY A 245 16.23 13.26 13.90
CA GLY A 245 14.93 13.80 13.50
C GLY A 245 13.89 12.72 13.33
N ASN A 246 14.25 11.62 12.69
CA ASN A 246 13.40 10.47 12.57
C ASN A 246 12.95 9.91 13.89
N LEU A 247 13.82 9.99 14.89
CA LEU A 247 13.42 9.49 16.21
C LEU A 247 12.48 10.38 16.91
N TYR A 248 12.71 11.69 16.87
CA TYR A 248 11.72 12.64 17.35
C TYR A 248 10.38 12.37 16.68
N ASP A 249 10.39 12.14 15.38
CA ASP A 249 9.20 11.86 14.63
C ASP A 249 8.53 10.57 15.07
N MET A 250 9.29 9.56 15.46
CA MET A 250 8.72 8.31 15.92
C MET A 250 7.82 8.55 17.15
N PHE A 251 8.30 9.37 18.09
CA PHE A 251 7.51 9.64 19.27
C PHE A 251 6.33 10.55 18.95
N HIS A 252 6.51 11.45 18.01
CA HIS A 252 5.43 12.29 17.55
C HIS A 252 4.31 11.41 16.96
N THR A 253 4.70 10.39 16.22
CA THR A 253 3.77 9.46 15.64
C THR A 253 3.00 8.65 16.72
N ARG A 254 3.73 8.21 17.71
CA ARG A 254 3.12 7.55 18.81
C ARG A 254 2.06 8.42 19.50
N ASN A 255 2.40 9.66 19.73
CA ASN A 255 1.47 10.56 20.35
C ASN A 255 0.23 10.81 19.45
N SER A 256 0.41 10.91 18.14
CA SER A 256 -0.67 11.06 17.22
C SER A 256 -1.58 9.91 17.22
N LEU A 257 -1.04 8.72 17.28
CA LEU A 257 -1.83 7.50 17.36
C LEU A 257 -2.64 7.44 18.64
N HIS A 258 -2.05 7.84 19.75
CA HIS A 258 -2.81 7.91 20.96
C HIS A 258 -3.96 8.93 20.84
N ARG A 259 -3.69 10.10 20.31
CA ARG A 259 -4.68 11.14 20.17
C ARG A 259 -5.82 10.72 19.22
N ARG A 260 -5.48 10.16 18.08
CA ARG A 260 -6.48 9.81 17.10
C ARG A 260 -7.22 8.54 17.40
N ALA A 261 -6.53 7.53 17.92
CA ALA A 261 -7.09 6.19 18.03
C ALA A 261 -7.10 5.64 19.44
N TYR A 262 -5.95 5.47 20.07
CA TYR A 262 -5.90 4.71 21.30
C TYR A 262 -6.64 5.41 22.44
N GLN A 263 -6.68 6.72 22.42
CA GLN A 263 -7.42 7.47 23.42
C GLN A 263 -8.66 8.14 22.81
N HIS A 264 -9.13 7.64 21.69
CA HIS A 264 -10.37 8.12 21.14
C HIS A 264 -11.45 8.20 22.24
N LYS A 265 -12.14 9.31 22.32
CA LYS A 265 -13.08 9.60 23.42
C LYS A 265 -14.18 8.56 23.53
N VAL A 266 -14.64 8.04 22.40
CA VAL A 266 -15.66 7.02 22.42
C VAL A 266 -15.09 5.63 22.65
N GLY A 267 -13.93 5.32 22.07
CA GLY A 267 -13.32 4.04 22.37
C GLY A 267 -13.10 3.94 23.87
N ASN A 268 -12.66 5.01 24.51
CA ASN A 268 -12.40 5.01 25.94
C ASN A 268 -13.66 4.84 26.78
N ILE A 269 -14.77 5.38 26.32
CA ILE A 269 -16.01 5.28 27.10
C ILE A 269 -16.55 3.86 26.94
N ILE A 270 -16.34 3.25 25.80
CA ILE A 270 -16.69 1.85 25.64
C ILE A 270 -15.85 0.92 26.53
N ASP A 271 -14.55 1.16 26.60
CA ASP A 271 -13.69 0.45 27.54
C ASP A 271 -14.20 0.63 28.96
N THR A 272 -14.61 1.84 29.28
CA THR A 272 -15.13 2.16 30.61
C THR A 272 -16.43 1.40 30.89
N MET A 273 -17.31 1.32 29.89
CA MET A 273 -18.57 0.60 30.07
C MET A 273 -18.33 -0.90 30.22
N ILE A 274 -17.40 -1.42 29.46
CA ILE A 274 -17.05 -2.84 29.54
C ILE A 274 -16.46 -3.11 30.93
N THR A 275 -15.58 -2.24 31.39
CA THR A 275 -15.01 -2.36 32.72
C THR A 275 -16.11 -2.39 33.79
N ASP A 276 -17.10 -1.50 33.66
N ASP A 276 -17.09 -1.51 33.66
CA ASP A 276 -18.22 -1.46 34.61
CA ASP A 276 -18.20 -1.47 34.58
C ASP A 276 -19.01 -2.78 34.59
C ASP A 276 -19.00 -2.77 34.58
N ALA A 277 -19.27 -3.31 33.41
CA ALA A 277 -19.94 -4.61 33.32
C ALA A 277 -19.13 -5.71 33.99
N PHE A 278 -17.79 -5.67 33.83
CA PHE A 278 -16.93 -6.70 34.42
C PHE A 278 -17.00 -6.62 35.91
N LEU A 279 -17.00 -5.40 36.45
CA LEU A 279 -17.11 -5.19 37.89
C LEU A 279 -18.41 -5.76 38.43
N LYS A 280 -19.52 -5.56 37.73
CA LYS A 280 -20.79 -6.06 38.12
C LYS A 280 -20.95 -7.55 37.89
N ALA A 281 -20.10 -8.14 37.09
CA ALA A 281 -20.15 -9.58 36.90
C ALA A 281 -19.14 -10.31 37.79
N ASP A 282 -18.25 -9.58 38.42
CA ASP A 282 -17.04 -10.18 39.01
C ASP A 282 -17.36 -11.17 40.14
N ASP A 283 -18.48 -10.94 40.83
CA ASP A 283 -18.92 -11.80 41.91
C ASP A 283 -19.46 -13.14 41.41
N TYR A 284 -19.91 -13.19 40.16
CA TYR A 284 -20.69 -14.30 39.69
C TYR A 284 -20.04 -15.20 38.64
N ILE A 285 -19.08 -14.69 37.91
CA ILE A 285 -18.39 -15.50 36.92
C ILE A 285 -17.37 -16.31 37.67
N GLU A 286 -17.25 -17.59 37.38
CA GLU A 286 -16.22 -18.41 38.03
C GLU A 286 -15.31 -19.04 36.97
N ILE A 287 -14.01 -18.97 37.21
CA ILE A 287 -13.05 -19.51 36.31
C ILE A 287 -12.24 -20.55 37.07
N THR A 288 -12.21 -21.74 36.48
CA THR A 288 -11.57 -22.88 37.13
C THR A 288 -10.08 -22.84 36.86
N GLY A 289 -9.32 -22.91 37.93
CA GLY A 289 -7.86 -22.95 37.86
C GLY A 289 -7.24 -24.24 38.34
N ALA A 290 -6.05 -24.12 38.91
CA ALA A 290 -5.28 -25.28 39.34
C ALA A 290 -6.02 -26.08 40.40
N GLY A 291 -6.07 -27.40 40.20
CA GLY A 291 -6.70 -28.33 41.13
C GLY A 291 -8.21 -28.14 41.23
N GLY A 292 -8.84 -27.64 40.17
CA GLY A 292 -10.27 -27.39 40.19
C GLY A 292 -10.77 -26.17 40.98
N LYS A 293 -9.84 -25.48 41.66
CA LYS A 293 -10.21 -24.28 42.45
C LYS A 293 -10.81 -23.18 41.55
N LYS A 294 -11.77 -22.44 42.10
CA LYS A 294 -12.54 -21.48 41.33
C LYS A 294 -12.03 -20.09 41.60
N TYR A 295 -11.94 -19.28 40.56
CA TYR A 295 -11.45 -17.89 40.66
C TYR A 295 -12.45 -16.98 40.03
N ARG A 296 -12.30 -15.69 40.34
CA ARG A 296 -13.06 -14.63 39.70
C ARG A 296 -12.23 -13.92 38.66
N ILE A 297 -12.88 -13.10 37.85
CA ILE A 297 -12.20 -12.30 36.83
C ILE A 297 -11.03 -11.55 37.50
N SER A 298 -11.28 -10.95 38.65
CA SER A 298 -10.29 -10.13 39.30
C SER A 298 -9.21 -10.92 40.01
N THR A 299 -9.44 -12.21 40.25
CA THR A 299 -8.46 -13.02 41.00
C THR A 299 -7.77 -14.03 40.12
N ALA A 300 -8.21 -14.17 38.87
CA ALA A 300 -7.60 -15.11 37.94
C ALA A 300 -6.14 -14.85 37.73
N ILE A 301 -5.73 -13.60 37.95
CA ILE A 301 -4.33 -13.20 37.87
C ILE A 301 -3.42 -13.87 38.89
N ASP A 302 -4.00 -14.47 39.91
CA ASP A 302 -3.22 -15.18 40.91
C ASP A 302 -2.89 -16.61 40.51
N ASP A 303 -3.60 -17.16 39.54
CA ASP A 303 -3.35 -18.53 39.11
C ASP A 303 -3.28 -18.57 37.59
N MET A 304 -2.10 -18.89 37.05
CA MET A 304 -1.89 -18.83 35.61
C MET A 304 -2.76 -19.83 34.85
N GLU A 305 -3.07 -20.95 35.46
CA GLU A 305 -3.96 -21.94 34.87
C GLU A 305 -5.34 -21.33 34.61
N ALA A 306 -5.85 -20.54 35.57
CA ALA A 306 -7.09 -19.83 35.38
C ALA A 306 -6.93 -18.66 34.40
N TYR A 307 -5.79 -17.94 34.50
CA TYR A 307 -5.57 -16.80 33.67
C TYR A 307 -5.51 -17.19 32.17
N THR A 308 -4.96 -18.38 31.90
CA THR A 308 -4.94 -18.95 30.56
C THR A 308 -6.33 -18.92 29.91
N LYS A 309 -7.37 -19.05 30.73
CA LYS A 309 -8.74 -19.12 30.22
C LYS A 309 -9.48 -17.81 30.32
N LEU A 310 -8.77 -16.76 30.68
CA LEU A 310 -9.38 -15.43 30.79
C LEU A 310 -9.08 -14.56 29.58
N THR A 311 -10.05 -14.45 28.68
CA THR A 311 -9.88 -13.74 27.38
C THR A 311 -11.11 -12.89 27.11
N ASP A 312 -11.18 -12.35 25.91
CA ASP A 312 -12.29 -11.46 25.51
C ASP A 312 -13.62 -12.19 25.59
N ASN A 313 -13.55 -13.51 25.52
CA ASN A 313 -14.70 -14.38 25.71
C ASN A 313 -15.61 -14.04 26.89
N ILE A 314 -15.01 -13.52 27.97
CA ILE A 314 -15.78 -13.11 29.10
C ILE A 314 -16.89 -12.13 28.72
N PHE A 315 -16.61 -11.25 27.76
CA PHE A 315 -17.60 -10.29 27.31
C PHE A 315 -18.84 -11.02 26.82
N LEU A 316 -18.65 -12.00 25.97
CA LEU A 316 -19.77 -12.72 25.38
C LEU A 316 -20.46 -13.66 26.36
N GLU A 317 -19.70 -14.28 27.25
CA GLU A 317 -20.25 -15.07 28.33
C GLU A 317 -21.25 -14.22 29.16
N ILE A 318 -20.86 -12.99 29.52
CA ILE A 318 -21.78 -12.08 30.15
C ILE A 318 -22.95 -11.68 29.26
N LEU A 319 -22.70 -11.31 28.02
CA LEU A 319 -23.74 -10.83 27.13
C LEU A 319 -24.82 -11.88 26.88
N TYR A 320 -24.40 -13.13 26.73
CA TYR A 320 -25.28 -14.24 26.43
C TYR A 320 -25.83 -14.92 27.68
N SER A 321 -25.45 -14.47 28.87
CA SER A 321 -25.85 -15.15 30.13
C SER A 321 -27.38 -15.01 30.32
N THR A 322 -27.95 -15.97 31.03
CA THR A 322 -29.36 -15.94 31.42
C THR A 322 -29.53 -15.80 32.92
N ASP A 323 -28.46 -16.06 33.68
CA ASP A 323 -28.47 -15.90 35.12
C ASP A 323 -28.94 -14.51 35.53
N PRO A 324 -30.00 -14.45 36.35
CA PRO A 324 -30.53 -13.16 36.85
C PRO A 324 -29.50 -12.38 37.68
N LYS A 325 -28.53 -13.05 38.30
CA LYS A 325 -27.49 -12.36 39.02
C LYS A 325 -26.66 -11.44 38.12
N LEU A 326 -26.54 -11.84 36.86
CA LEU A 326 -25.72 -11.10 35.87
C LEU A 326 -26.54 -10.09 35.07
N LYS A 327 -27.78 -9.85 35.48
CA LYS A 327 -28.64 -8.95 34.79
C LYS A 327 -28.06 -7.54 34.64
N ASP A 328 -27.49 -6.95 35.69
CA ASP A 328 -26.99 -5.57 35.60
C ASP A 328 -25.78 -5.49 34.67
N ALA A 329 -24.88 -6.48 34.76
CA ALA A 329 -23.72 -6.49 33.90
C ALA A 329 -24.13 -6.67 32.45
N ARG A 330 -25.04 -7.61 32.23
CA ARG A 330 -25.55 -7.93 30.91
C ARG A 330 -26.25 -6.68 30.30
N GLU A 331 -26.97 -5.89 31.10
CA GLU A 331 -27.64 -4.71 30.57
C GLU A 331 -26.69 -3.63 30.06
N ILE A 332 -25.56 -3.49 30.73
CA ILE A 332 -24.55 -2.55 30.31
C ILE A 332 -24.02 -2.92 28.92
N LEU A 333 -23.68 -4.19 28.73
CA LEU A 333 -23.23 -4.64 27.45
C LEU A 333 -24.27 -4.52 26.37
N LYS A 334 -25.52 -4.72 26.74
CA LYS A 334 -26.59 -4.56 25.75
C LYS A 334 -26.72 -3.11 25.29
N GLN A 335 -26.49 -2.19 26.20
CA GLN A 335 -26.51 -0.79 25.84
C GLN A 335 -25.39 -0.45 24.88
N ILE A 336 -24.27 -1.13 24.99
CA ILE A 336 -23.21 -1.00 24.01
C ILE A 336 -23.71 -1.42 22.63
N GLU A 337 -24.35 -2.58 22.52
CA GLU A 337 -24.85 -3.09 21.25
C GLU A 337 -25.88 -2.14 20.60
N TYR A 338 -26.73 -1.52 21.41
CA TYR A 338 -27.71 -0.59 20.89
C TYR A 338 -27.14 0.79 20.72
N ARG A 339 -25.87 0.93 21.08
CA ARG A 339 -25.14 2.18 20.96
C ARG A 339 -25.77 3.26 21.83
N ASN A 340 -26.30 2.87 22.97
N ASN A 340 -26.31 2.87 22.97
CA ASN A 340 -26.77 3.81 23.96
CA ASN A 340 -26.77 3.83 23.96
C ASN A 340 -25.63 3.98 24.94
C ASN A 340 -25.64 3.99 24.95
N LEU A 341 -24.62 4.73 24.52
CA LEU A 341 -23.38 4.90 25.30
C LEU A 341 -23.43 6.10 26.18
N PHE A 342 -22.64 6.12 27.26
CA PHE A 342 -22.48 7.36 28.01
C PHE A 342 -22.03 8.45 27.03
N LYS A 343 -22.46 9.70 27.27
CA LYS A 343 -22.27 10.74 26.32
C LYS A 343 -21.04 11.57 26.70
N TYR A 344 -20.23 11.87 25.69
CA TYR A 344 -19.07 12.70 25.85
C TYR A 344 -19.55 14.13 26.00
N VAL A 345 -19.05 14.82 27.00
CA VAL A 345 -19.44 16.19 27.23
C VAL A 345 -18.37 17.12 26.71
N GLY A 346 -17.10 16.83 27.02
CA GLY A 346 -16.03 17.68 26.58
C GLY A 346 -14.69 17.30 27.15
N GLU A 347 -13.69 18.10 26.76
CA GLU A 347 -12.30 17.86 27.05
C GLU A 347 -11.64 19.18 27.42
N THR A 348 -10.72 19.13 28.38
CA THR A 348 -9.98 20.30 28.82
C THR A 348 -8.64 19.85 29.37
N GLN A 349 -7.77 20.81 29.68
CA GLN A 349 -6.48 20.50 30.23
C GLN A 349 -6.15 21.38 31.40
N PRO A 350 -5.30 20.91 32.31
CA PRO A 350 -4.83 21.77 33.39
C PRO A 350 -3.94 22.87 32.82
N THR A 351 -3.77 23.93 33.60
CA THR A 351 -2.97 25.07 33.20
C THR A 351 -1.78 25.22 34.14
N GLY A 352 -0.70 25.84 33.62
CA GLY A 352 0.51 26.07 34.43
C GLY A 352 1.17 24.79 34.96
N GLN A 353 1.45 24.76 36.25
CA GLN A 353 2.13 23.66 36.91
C GLN A 353 1.16 22.61 37.43
N ILE A 354 -0.12 22.81 37.20
CA ILE A 354 -1.17 22.00 37.86
C ILE A 354 -1.10 20.57 37.33
N LYS A 355 -1.09 19.60 38.22
CA LYS A 355 -1.02 18.22 37.81
C LYS A 355 -1.98 17.42 38.70
N ILE A 356 -2.85 16.68 38.06
CA ILE A 356 -3.84 15.91 38.81
C ILE A 356 -3.25 14.59 39.24
N LYS A 357 -3.31 14.30 40.54
CA LYS A 357 -2.76 13.09 41.09
C LYS A 357 -3.77 11.99 41.06
N ARG A 358 -3.29 10.77 40.98
CA ARG A 358 -4.16 9.59 40.91
C ARG A 358 -5.14 9.50 42.07
N GLU A 359 -4.69 9.89 43.26
CA GLU A 359 -5.53 9.84 44.46
C GLU A 359 -6.70 10.81 44.40
N ASP A 360 -6.67 11.80 43.50
CA ASP A 360 -7.73 12.75 43.32
C ASP A 360 -8.73 12.42 42.21
N TYR A 361 -8.52 11.34 41.46
CA TYR A 361 -9.40 10.96 40.35
C TYR A 361 -10.82 10.77 40.83
N GLU A 362 -11.01 10.11 41.99
CA GLU A 362 -12.33 9.78 42.52
C GLU A 362 -13.15 11.04 42.93
N SER A 363 -12.45 12.10 43.33
CA SER A 363 -13.09 13.29 43.76
C SER A 363 -13.64 14.20 42.61
N LEU A 364 -13.25 13.89 41.38
CA LEU A 364 -13.51 14.80 40.27
C LEU A 364 -14.97 14.87 39.83
N PRO A 365 -15.65 13.72 39.71
CA PRO A 365 -17.08 13.77 39.40
C PRO A 365 -17.87 14.62 40.41
N LYS A 366 -17.51 14.52 41.68
CA LYS A 366 -18.09 15.32 42.72
C LYS A 366 -17.85 16.79 42.50
N GLU A 367 -16.64 17.17 42.10
CA GLU A 367 -16.36 18.58 41.81
C GLU A 367 -17.23 19.08 40.66
N VAL A 368 -17.40 18.29 39.62
CA VAL A 368 -18.14 18.75 38.46
C VAL A 368 -19.57 19.01 38.88
N ALA A 369 -20.13 18.05 39.61
CA ALA A 369 -21.54 18.14 40.11
C ALA A 369 -21.75 19.31 41.07
N SER A 370 -20.69 19.76 41.73
CA SER A 370 -20.72 20.89 42.69
C SER A 370 -20.59 22.26 42.08
N ALA A 371 -20.27 22.31 40.80
CA ALA A 371 -20.14 23.58 40.12
C ALA A 371 -21.53 24.25 40.04
N LYS A 372 -21.58 25.59 40.03
CA LYS A 372 -22.86 26.27 40.08
C LYS A 372 -22.98 27.23 38.92
N PRO A 373 -23.17 26.69 37.72
CA PRO A 373 -23.32 27.53 36.57
C PRO A 373 -24.57 28.42 36.68
N LYS A 374 -24.44 29.71 36.41
CA LYS A 374 -25.61 30.63 36.51
C LYS A 374 -26.43 30.50 35.21
N VAL A 375 -27.12 29.40 35.03
CA VAL A 375 -27.86 29.14 33.81
C VAL A 375 -29.11 28.38 34.21
N LEU A 376 -30.18 28.56 33.46
CA LEU A 376 -31.42 27.89 33.76
C LEU A 376 -31.36 26.43 33.36
N LEU A 377 -31.63 25.54 34.31
CA LEU A 377 -31.53 24.11 34.08
C LEU A 377 -32.79 23.36 34.50
N ASP A 378 -33.28 22.50 33.62
CA ASP A 378 -34.46 21.65 33.89
C ASP A 378 -34.08 20.57 34.92
N VAL A 379 -32.92 20.00 34.75
CA VAL A 379 -32.44 18.94 35.64
C VAL A 379 -31.21 19.39 36.40
N LYS A 380 -31.07 18.83 37.59
CA LYS A 380 -29.86 18.92 38.39
C LYS A 380 -29.17 17.56 38.33
N LEU A 381 -27.87 17.54 38.14
CA LEU A 381 -27.12 16.31 38.01
C LEU A 381 -26.29 16.08 39.25
N LYS A 382 -26.05 14.80 39.53
CA LYS A 382 -25.31 14.37 40.71
C LYS A 382 -23.99 13.78 40.32
N ALA A 383 -23.08 13.65 41.29
CA ALA A 383 -21.73 13.11 41.02
C ALA A 383 -21.74 11.79 40.24
N GLU A 384 -22.62 10.87 40.61
CA GLU A 384 -22.68 9.56 39.99
C GLU A 384 -23.12 9.64 38.53
N ASP A 385 -23.64 10.78 38.08
CA ASP A 385 -23.98 10.95 36.66
C ASP A 385 -22.77 11.30 35.78
N PHE A 386 -21.67 11.65 36.40
CA PHE A 386 -20.47 12.09 35.68
C PHE A 386 -19.34 11.07 35.73
N ILE A 387 -18.69 10.92 34.56
CA ILE A 387 -17.43 10.21 34.49
C ILE A 387 -16.32 11.18 34.09
N VAL A 388 -15.22 11.14 34.83
CA VAL A 388 -14.08 11.98 34.50
C VAL A 388 -12.90 11.09 34.20
N ASP A 389 -12.37 11.15 32.99
CA ASP A 389 -11.27 10.27 32.53
C ASP A 389 -10.06 11.20 32.45
N VAL A 390 -9.01 10.89 33.19
CA VAL A 390 -7.80 11.66 33.12
C VAL A 390 -6.76 10.87 32.33
N ILE A 391 -6.21 11.43 31.28
CA ILE A 391 -5.24 10.76 30.44
C ILE A 391 -3.89 11.48 30.49
N ASN A 392 -2.86 10.75 30.90
CA ASN A 392 -1.49 11.23 30.86
C ASN A 392 -0.84 10.92 29.51
N MET A 393 -0.56 11.95 28.73
CA MET A 393 0.08 11.78 27.48
C MET A 393 1.50 12.20 27.63
N ASP A 394 2.44 11.40 27.17
CA ASP A 394 3.87 11.76 27.20
C ASP A 394 4.67 11.06 26.11
N TYR A 395 5.97 11.28 26.12
CA TYR A 395 6.88 10.62 25.20
C TYR A 395 7.49 9.34 25.81
N GLY A 396 6.78 8.74 26.76
CA GLY A 396 7.12 7.48 27.33
C GLY A 396 7.97 7.58 28.58
N MET A 397 8.36 8.79 28.98
CA MET A 397 9.20 8.95 30.18
C MET A 397 8.78 10.11 31.08
N GLN A 398 7.48 10.21 31.33
CA GLN A 398 6.93 11.33 32.05
C GLN A 398 7.39 12.64 31.39
N GLU A 399 7.97 13.54 32.19
N GLU A 399 7.96 13.54 32.17
CA GLU A 399 8.36 14.85 31.70
CA GLU A 399 8.35 14.84 31.70
C GLU A 399 9.64 14.82 30.88
C GLU A 399 9.63 14.82 30.87
N LYS A 400 10.35 13.70 30.89
CA LYS A 400 11.67 13.60 30.23
C LYS A 400 11.66 13.32 28.74
N ASN A 401 12.63 13.92 28.05
CA ASN A 401 12.83 13.77 26.63
C ASN A 401 13.64 12.51 26.36
N PRO A 402 13.02 11.50 25.78
CA PRO A 402 13.75 10.23 25.56
C PRO A 402 14.96 10.33 24.65
N ILE A 403 15.02 11.36 23.80
CA ILE A 403 16.16 11.48 22.90
C ILE A 403 17.43 11.94 23.65
N ASP A 404 17.24 12.55 24.83
CA ASP A 404 18.37 12.74 25.74
C ASP A 404 18.97 11.45 26.26
N HIS A 405 18.26 10.36 26.12
CA HIS A 405 18.74 9.04 26.56
C HIS A 405 19.12 8.10 25.42
N VAL A 406 19.37 8.69 24.26
CA VAL A 406 19.76 7.93 23.07
C VAL A 406 21.21 8.30 22.75
N SER A 407 21.98 7.34 22.27
CA SER A 407 23.34 7.55 21.83
C SER A 407 23.41 7.44 20.34
N PHE A 408 24.28 8.29 19.77
CA PHE A 408 24.48 8.36 18.34
C PHE A 408 25.91 8.14 17.93
N TYR A 409 26.10 7.92 16.63
CA TYR A 409 27.43 7.86 16.06
C TYR A 409 27.46 8.65 14.79
N CYS A 410 28.64 9.10 14.36
N CYS A 410 28.64 9.06 14.35
CA CYS A 410 28.76 9.88 13.13
CA CYS A 410 28.79 9.87 13.15
C CYS A 410 29.60 9.11 12.12
C CYS A 410 29.59 9.10 12.13
N LYS A 411 29.38 9.38 10.85
CA LYS A 411 30.00 8.58 9.79
C LYS A 411 31.52 8.63 9.84
N THR A 412 32.10 9.75 10.26
CA THR A 412 33.58 9.87 10.27
C THR A 412 34.25 9.03 11.39
N ALA A 413 33.48 8.62 12.41
CA ALA A 413 33.97 7.77 13.52
C ALA A 413 32.88 6.86 14.05
N PRO A 414 32.56 5.79 13.31
CA PRO A 414 31.36 4.99 13.59
C PRO A 414 31.40 4.24 14.92
N ASN A 415 32.57 4.17 15.55
CA ASN A 415 32.68 3.51 16.83
C ASN A 415 32.60 4.45 18.00
N ARG A 416 32.60 5.75 17.75
CA ARG A 416 32.55 6.72 18.82
C ARG A 416 31.13 7.29 19.03
N ALA A 417 30.61 6.95 20.22
CA ALA A 417 29.27 7.35 20.64
C ALA A 417 29.25 8.80 21.06
N ILE A 418 28.18 9.49 20.70
CA ILE A 418 27.97 10.89 21.04
C ILE A 418 26.54 11.14 21.50
N ARG A 419 26.33 12.34 22.05
CA ARG A 419 25.03 12.79 22.53
C ARG A 419 24.59 13.97 21.69
N ILE A 420 23.27 14.12 21.50
CA ILE A 420 22.70 15.21 20.73
C ILE A 420 21.58 15.83 21.58
N THR A 421 21.60 17.14 21.74
CA THR A 421 20.59 17.85 22.47
C THR A 421 19.49 18.30 21.54
N LYS A 422 18.36 18.68 22.13
CA LYS A 422 17.19 19.16 21.37
C LYS A 422 17.50 20.39 20.49
N ASN A 423 18.23 21.33 21.07
CA ASN A 423 18.62 22.56 20.34
C ASN A 423 19.61 22.32 19.22
N GLN A 424 20.31 21.20 19.24
CA GLN A 424 21.12 20.83 18.06
C GLN A 424 20.29 20.22 16.93
N VAL A 425 18.99 20.01 17.17
CA VAL A 425 18.13 19.43 16.13
C VAL A 425 17.21 20.45 15.47
N SER A 426 16.39 21.12 16.26
CA SER A 426 15.38 22.00 15.70
C SER A 426 14.69 22.80 16.78
N GLN A 427 14.31 24.03 16.46
CA GLN A 427 13.43 24.82 17.35
C GLN A 427 11.95 24.54 17.16
N LEU A 428 11.61 23.69 16.20
CA LEU A 428 10.21 23.32 15.96
C LEU A 428 9.78 22.12 16.77
N LEU A 429 10.58 21.69 17.73
CA LEU A 429 10.27 20.53 18.53
C LEU A 429 9.45 20.98 19.76
N PRO A 430 8.73 20.07 20.43
CA PRO A 430 8.00 20.39 21.65
C PRO A 430 8.87 21.00 22.75
N GLU A 431 8.34 21.93 23.53
CA GLU A 431 9.09 22.40 24.72
C GLU A 431 8.84 21.55 25.95
N LYS A 432 7.70 20.84 25.99
CA LYS A 432 7.36 19.91 27.03
C LYS A 432 7.12 18.53 26.42
N PHE A 433 7.26 17.48 27.25
CA PHE A 433 7.12 16.12 26.77
C PHE A 433 6.05 15.33 27.48
N ALA A 434 5.24 16.01 28.31
CA ALA A 434 4.12 15.40 29.04
C ALA A 434 2.99 16.40 29.24
N GLU A 435 1.76 15.91 29.23
CA GLU A 435 0.56 16.70 29.49
C GLU A 435 -0.58 15.78 29.92
N GLN A 436 -1.65 16.37 30.44
CA GLN A 436 -2.83 15.63 30.85
C GLN A 436 -4.05 16.15 30.11
N LEU A 437 -4.92 15.22 29.74
CA LEU A 437 -6.21 15.53 29.14
C LEU A 437 -7.27 15.06 30.12
N ILE A 438 -8.31 15.88 30.27
CA ILE A 438 -9.44 15.50 31.09
C ILE A 438 -10.66 15.44 30.21
N ARG A 439 -11.27 14.26 30.12
CA ARG A 439 -12.52 14.08 29.43
C ARG A 439 -13.61 13.89 30.44
N VAL A 440 -14.76 14.52 30.16
CA VAL A 440 -15.93 14.34 31.00
C VAL A 440 -17.04 13.77 30.13
N TYR A 441 -17.72 12.79 30.71
CA TYR A 441 -18.88 12.19 30.11
C TYR A 441 -20.04 12.20 31.10
N CYS A 442 -21.25 12.06 30.56
CA CYS A 442 -22.45 12.03 31.35
C CYS A 442 -23.16 10.72 31.13
N LYS A 443 -23.58 10.09 32.22
CA LYS A 443 -24.32 8.81 32.13
C LYS A 443 -25.78 8.97 31.83
N LYS A 444 -26.31 10.19 31.98
CA LYS A 444 -27.68 10.51 31.55
C LYS A 444 -27.60 11.11 30.12
N VAL A 445 -28.29 10.46 29.21
CA VAL A 445 -28.05 10.69 27.80
C VAL A 445 -29.14 11.46 27.11
N ASP A 446 -30.21 11.80 27.81
CA ASP A 446 -31.27 12.62 27.23
C ASP A 446 -30.77 14.04 26.96
N ARG A 447 -31.51 14.73 26.10
CA ARG A 447 -31.12 16.06 25.63
C ARG A 447 -30.97 17.05 26.77
N LYS A 448 -31.86 17.00 27.75
CA LYS A 448 -31.82 17.99 28.82
C LYS A 448 -30.68 17.74 29.78
N SER A 449 -30.40 16.48 30.06
CA SER A 449 -29.28 16.12 30.95
C SER A 449 -27.95 16.51 30.33
N LEU A 450 -27.84 16.29 29.01
CA LEU A 450 -26.61 16.59 28.32
C LEU A 450 -26.35 18.11 28.22
N TYR A 451 -27.41 18.87 27.97
CA TYR A 451 -27.32 20.33 28.01
C TYR A 451 -26.80 20.78 29.35
N ALA A 452 -27.33 20.17 30.38
CA ALA A 452 -26.97 20.56 31.74
C ALA A 452 -25.54 20.19 32.03
N ALA A 453 -25.18 18.96 31.64
CA ALA A 453 -23.82 18.43 31.84
C ALA A 453 -22.80 19.36 31.22
N ARG A 454 -23.12 19.90 30.06
CA ARG A 454 -22.27 20.87 29.41
C ARG A 454 -22.05 22.13 30.23
N GLN A 455 -23.11 22.61 30.88
CA GLN A 455 -23.00 23.86 31.65
C GLN A 455 -22.13 23.60 32.88
N TYR A 456 -22.38 22.48 33.59
CA TYR A 456 -21.59 22.13 34.74
C TYR A 456 -20.13 22.01 34.40
N PHE A 457 -19.86 21.32 33.28
CA PHE A 457 -18.49 21.03 32.84
C PHE A 457 -17.74 22.30 32.55
N VAL A 458 -18.32 23.16 31.72
CA VAL A 458 -17.66 24.40 31.41
C VAL A 458 -17.46 25.29 32.62
N GLN A 459 -18.42 25.28 33.52
CA GLN A 459 -18.32 26.05 34.75
C GLN A 459 -17.20 25.54 35.63
N TRP A 460 -17.12 24.24 35.73
CA TRP A 460 -16.00 23.59 36.44
C TRP A 460 -14.64 23.92 35.83
N CYS A 461 -14.55 23.94 34.50
CA CYS A 461 -13.28 24.31 33.85
C CYS A 461 -12.89 25.71 34.26
N ALA A 462 -13.86 26.63 34.21
CA ALA A 462 -13.64 28.04 34.59
C ALA A 462 -13.23 28.12 36.06
N ASP A 463 -13.97 27.48 36.95
CA ASP A 463 -13.62 27.48 38.37
C ASP A 463 -12.20 26.93 38.63
N ARG A 464 -11.75 25.92 37.89
CA ARG A 464 -10.47 25.31 38.15
C ARG A 464 -9.34 25.94 37.35
N ASN A 465 -9.70 26.91 36.51
CA ASN A 465 -8.74 27.56 35.63
C ASN A 465 -8.08 26.58 34.64
N PHE A 466 -8.86 25.64 34.16
CA PHE A 466 -8.45 24.73 33.10
C PHE A 466 -8.63 25.47 31.78
N THR A 467 -8.16 24.84 30.70
CA THR A 467 -8.23 25.49 29.40
C THR A 467 -9.68 25.51 28.94
N LYS A 468 -10.00 26.51 28.13
CA LYS A 468 -11.30 26.60 27.55
C LYS A 468 -11.57 25.48 26.55
N PRO A 469 -12.65 24.71 26.77
CA PRO A 469 -12.96 23.69 25.77
C PRO A 469 -13.14 24.32 24.42
N GLN A 470 -12.76 23.59 23.38
CA GLN A 470 -12.73 24.12 22.05
C GLN A 470 -14.09 24.63 21.60
N ASP A 471 -15.16 23.90 21.96
CA ASP A 471 -16.52 24.29 21.57
C ASP A 471 -17.26 25.03 22.73
N GLY A 472 -16.53 25.50 23.74
CA GLY A 472 -17.08 26.14 24.93
C GLY A 472 -18.05 27.25 24.65
N ASP A 473 -17.73 28.11 23.70
CA ASP A 473 -18.61 29.24 23.36
C ASP A 473 -19.92 28.79 22.72
N VAL A 474 -19.91 27.63 22.10
CA VAL A 474 -21.09 27.10 21.47
C VAL A 474 -21.94 26.30 22.45
N ILE A 475 -21.33 25.41 23.21
CA ILE A 475 -22.08 24.58 24.14
C ILE A 475 -22.54 25.34 25.41
N ALA A 476 -21.80 26.37 25.82
CA ALA A 476 -22.09 27.11 27.05
C ALA A 476 -21.81 28.63 26.85
N PRO A 477 -22.55 29.22 25.95
CA PRO A 477 -22.39 30.66 25.68
C PRO A 477 -22.64 31.57 26.88
N LEU A 478 -23.50 31.14 27.81
CA LEU A 478 -23.75 31.95 29.01
C LEU A 478 -22.68 31.84 30.08
N ILE A 479 -21.84 30.81 29.99
CA ILE A 479 -20.82 30.55 30.98
C ILE A 479 -19.46 31.15 30.63
N THR A 480 -19.06 31.03 29.37
CA THR A 480 -17.69 31.38 28.96
C THR A 480 -17.31 32.86 29.14
N PRO A 481 -18.28 33.79 29.02
CA PRO A 481 -17.91 35.22 29.14
C PRO A 481 -17.42 35.65 30.50
N GLN A 482 -17.75 34.95 31.58
CA GLN A 482 -17.28 35.29 32.94
C GLN A 482 -15.76 35.25 33.09
N LYS A 483 -15.11 34.51 32.21
CA LYS A 483 -13.69 34.23 32.34
C LYS A 483 -12.91 35.05 31.34
N LYS A 484 -12.30 36.13 31.82
CA LYS A 484 -11.61 37.12 30.95
C LYS A 484 -10.52 36.48 30.09
N GLU A 485 -9.81 35.58 30.74
CA GLU A 485 -8.74 34.78 30.14
C GLU A 485 -9.16 34.14 28.85
N TRP A 486 -10.41 33.66 28.80
CA TRP A 486 -10.96 33.01 27.58
C TRP A 486 -11.47 34.05 26.52
N ASN A 487 -11.72 35.25 26.99
CA ASN A 487 -12.52 36.28 26.33
C ASN A 487 -13.98 36.57 26.84
N ASP B 1 -16.77 15.27 -28.53
CA ASP B 1 -15.90 15.06 -27.34
C ASP B 1 -16.75 14.57 -26.16
N THR B 2 -16.32 13.49 -25.50
CA THR B 2 -16.88 13.15 -24.19
C THR B 2 -15.73 13.01 -23.16
N MET B 3 -16.11 12.75 -21.91
CA MET B 3 -15.19 12.74 -20.77
C MET B 3 -14.13 11.60 -20.90
N LYS B 4 -12.90 11.90 -20.51
CA LYS B 4 -11.84 10.91 -20.49
C LYS B 4 -11.60 10.42 -19.07
N VAL B 5 -11.17 9.17 -18.95
CA VAL B 5 -10.73 8.59 -17.70
C VAL B 5 -9.22 8.43 -17.77
N ILE B 6 -8.54 8.84 -16.72
CA ILE B 6 -7.11 8.61 -16.55
C ILE B 6 -6.87 7.83 -15.29
N ASN B 7 -5.97 6.85 -15.35
CA ASN B 7 -5.61 6.08 -14.16
C ASN B 7 -4.35 6.60 -13.55
N ASP B 8 -4.48 7.11 -12.36
CA ASP B 8 -3.40 7.66 -11.59
C ASP B 8 -3.12 6.73 -10.43
N PRO B 9 -1.84 6.39 -10.21
CA PRO B 9 -1.51 5.54 -9.06
C PRO B 9 -1.89 6.15 -7.71
N ILE B 10 -1.98 7.46 -7.58
CA ILE B 10 -2.33 8.04 -6.33
C ILE B 10 -3.85 8.13 -6.12
N HIS B 11 -4.59 8.59 -7.12
CA HIS B 11 -6.01 8.87 -6.91
C HIS B 11 -6.91 7.84 -7.59
N GLY B 12 -6.38 6.91 -8.37
CA GLY B 12 -7.23 5.99 -9.07
C GLY B 12 -7.71 6.57 -10.39
N HIS B 13 -8.89 6.15 -10.82
CA HIS B 13 -9.51 6.65 -12.06
C HIS B 13 -10.15 7.98 -11.86
N ILE B 14 -9.60 9.00 -12.52
CA ILE B 14 -9.97 10.36 -12.50
C ILE B 14 -10.71 10.63 -13.80
N GLU B 15 -11.87 11.28 -13.73
CA GLU B 15 -12.64 11.67 -14.92
C GLU B 15 -12.29 13.08 -15.29
N LEU B 16 -12.06 13.29 -16.58
CA LEU B 16 -11.72 14.63 -17.06
C LEU B 16 -12.78 15.12 -18.00
N HIS B 17 -13.38 16.26 -17.67
CA HIS B 17 -14.35 16.94 -18.53
C HIS B 17 -13.65 17.32 -19.86
N PRO B 18 -14.39 17.31 -20.98
CA PRO B 18 -13.79 17.55 -22.28
C PRO B 18 -13.03 18.86 -22.42
N LEU B 19 -13.45 19.87 -21.74
CA LEU B 19 -12.76 21.13 -21.75
C LEU B 19 -11.38 21.04 -21.11
N LEU B 20 -11.30 20.27 -20.04
CA LEU B 20 -10.02 20.00 -19.35
C LEU B 20 -9.11 19.21 -20.27
N VAL B 21 -9.67 18.24 -20.97
CA VAL B 21 -8.88 17.47 -21.95
C VAL B 21 -8.24 18.40 -23.01
N ARG B 22 -9.03 19.35 -23.47
CA ARG B 22 -8.55 20.29 -24.46
C ARG B 22 -7.41 21.16 -23.93
N ILE B 23 -7.53 21.61 -22.71
CA ILE B 23 -6.45 22.39 -22.10
C ILE B 23 -5.18 21.55 -21.91
N ILE B 24 -5.36 20.28 -21.55
CA ILE B 24 -4.25 19.38 -21.24
C ILE B 24 -3.47 19.03 -22.50
N ASP B 25 -4.19 18.86 -23.59
CA ASP B 25 -3.60 18.43 -24.86
C ASP B 25 -3.08 19.60 -25.69
N THR B 26 -2.19 20.36 -25.07
CA THR B 26 -1.50 21.46 -25.68
C THR B 26 -0.02 21.39 -25.31
N PRO B 27 0.84 21.97 -26.14
CA PRO B 27 2.28 21.99 -25.88
C PRO B 27 2.61 22.67 -24.57
N GLN B 28 1.81 23.65 -24.17
CA GLN B 28 2.09 24.40 -22.96
C GLN B 28 1.93 23.54 -21.69
N PHE B 29 0.95 22.63 -21.75
CA PHE B 29 0.69 21.75 -20.63
C PHE B 29 1.53 20.52 -20.69
N GLN B 30 1.68 19.94 -21.90
CA GLN B 30 2.40 18.70 -22.05
C GLN B 30 3.89 18.84 -21.75
N ARG B 31 4.35 20.06 -21.87
CA ARG B 31 5.65 20.49 -21.37
C ARG B 31 6.00 19.95 -19.99
N LEU B 32 5.00 19.88 -19.10
CA LEU B 32 5.21 19.49 -17.73
C LEU B 32 5.62 18.04 -17.58
N ARG B 33 5.53 17.26 -18.67
CA ARG B 33 6.05 15.90 -18.67
C ARG B 33 7.55 15.87 -18.63
N TYR B 34 8.20 16.99 -18.92
CA TYR B 34 9.65 16.99 -19.04
C TYR B 34 10.28 17.88 -17.96
N ILE B 35 9.55 18.06 -16.87
CA ILE B 35 10.05 18.75 -15.69
C ILE B 35 9.82 17.92 -14.43
N LYS B 36 10.91 17.47 -13.83
CA LYS B 36 10.83 16.67 -12.62
C LYS B 36 10.26 17.47 -11.48
N GLN B 37 9.31 16.86 -10.79
CA GLN B 37 8.69 17.44 -9.62
C GLN B 37 9.73 17.84 -8.55
N LEU B 38 10.70 16.95 -8.28
CA LEU B 38 11.61 17.17 -7.18
C LEU B 38 13.01 17.59 -7.58
N GLY B 39 13.17 17.98 -8.85
CA GLY B 39 14.46 18.40 -9.37
C GLY B 39 15.61 17.41 -9.16
N GLY B 40 16.65 17.88 -8.47
CA GLY B 40 17.82 17.10 -8.13
C GLY B 40 17.56 15.99 -7.13
N GLY B 41 16.40 16.02 -6.49
CA GLY B 41 15.97 14.94 -5.60
C GLY B 41 16.05 13.54 -6.18
N TYR B 42 15.78 13.39 -7.48
CA TYR B 42 15.88 12.13 -8.20
C TYR B 42 17.27 11.56 -8.18
N TYR B 43 18.27 12.42 -8.00
CA TYR B 43 19.68 11.97 -7.92
C TYR B 43 20.02 11.41 -6.55
N VAL B 44 19.08 11.51 -5.57
CA VAL B 44 19.24 10.93 -4.24
C VAL B 44 18.18 9.84 -3.95
N PHE B 45 16.97 10.06 -4.44
CA PHE B 45 15.84 9.17 -4.26
C PHE B 45 15.47 8.70 -5.66
N PRO B 46 15.92 7.54 -6.02
CA PRO B 46 15.70 7.06 -7.40
C PRO B 46 14.26 6.71 -7.77
N GLY B 47 13.36 6.69 -6.80
CA GLY B 47 11.96 6.49 -7.11
C GLY B 47 11.35 7.78 -7.61
N ALA B 48 11.97 8.96 -7.35
CA ALA B 48 11.38 10.26 -7.64
C ALA B 48 11.66 10.68 -9.06
N SER B 49 11.18 9.86 -9.96
CA SER B 49 11.21 10.11 -11.40
C SER B 49 10.00 10.97 -11.87
N HIS B 50 9.03 11.16 -10.98
CA HIS B 50 7.78 11.83 -11.36
C HIS B 50 7.93 13.31 -11.74
N ASN B 51 7.06 13.73 -12.66
CA ASN B 51 7.08 15.04 -13.28
C ASN B 51 5.88 15.88 -12.90
N ARG B 52 5.99 17.15 -13.18
CA ARG B 52 4.94 18.11 -12.81
C ARG B 52 3.61 17.82 -13.49
N PHE B 53 3.64 17.19 -14.66
CA PHE B 53 2.43 16.82 -15.37
C PHE B 53 1.41 16.05 -14.55
N GLU B 54 1.84 14.93 -14.01
CA GLU B 54 0.96 14.08 -13.26
C GLU B 54 0.54 14.72 -11.94
N HIS B 55 1.40 15.53 -11.32
CA HIS B 55 1.01 16.25 -10.16
C HIS B 55 -0.13 17.22 -10.48
N SER B 56 -0.05 17.89 -11.63
CA SER B 56 -1.06 18.87 -12.03
C SER B 56 -2.41 18.22 -12.23
N LEU B 57 -2.42 17.04 -12.85
CA LEU B 57 -3.66 16.28 -12.96
C LEU B 57 -4.26 16.03 -11.61
N GLY B 58 -3.43 15.65 -10.64
CA GLY B 58 -3.91 15.32 -9.30
C GLY B 58 -4.47 16.52 -8.59
N VAL B 59 -3.79 17.68 -8.72
CA VAL B 59 -4.26 18.90 -8.13
C VAL B 59 -5.61 19.29 -8.70
N GLY B 60 -5.73 19.18 -10.04
CA GLY B 60 -6.99 19.46 -10.73
C GLY B 60 -8.09 18.53 -10.26
N TYR B 61 -7.79 17.25 -10.13
CA TYR B 61 -8.76 16.30 -9.61
C TYR B 61 -9.19 16.61 -8.19
N LEU B 62 -8.24 16.86 -7.30
CA LEU B 62 -8.65 17.12 -5.93
C LEU B 62 -9.44 18.42 -5.77
N ALA B 63 -9.07 19.43 -6.52
CA ALA B 63 -9.77 20.70 -6.49
C ALA B 63 -11.24 20.47 -6.84
N GLY B 64 -11.49 19.69 -7.87
CA GLY B 64 -12.83 19.24 -8.20
C GLY B 64 -13.55 18.46 -7.12
N CYS B 65 -12.85 17.53 -6.45
CA CYS B 65 -13.43 16.78 -5.36
C CYS B 65 -13.91 17.69 -4.26
N LEU B 66 -13.11 18.64 -3.86
CA LEU B 66 -13.46 19.47 -2.73
C LEU B 66 -14.67 20.38 -3.06
N VAL B 67 -14.64 21.02 -4.20
CA VAL B 67 -15.72 21.91 -4.60
C VAL B 67 -17.04 21.10 -4.79
N HIS B 68 -16.95 19.91 -5.39
N HIS B 68 -16.95 19.90 -5.38
CA HIS B 68 -18.10 19.02 -5.50
CA HIS B 68 -18.11 19.00 -5.50
C HIS B 68 -18.65 18.64 -4.12
C HIS B 68 -18.65 18.63 -4.12
N ALA B 69 -17.77 18.20 -3.22
CA ALA B 69 -18.18 17.82 -1.88
C ALA B 69 -18.94 18.96 -1.18
N LEU B 70 -18.43 20.17 -1.27
CA LEU B 70 -19.07 21.30 -0.58
C LEU B 70 -20.45 21.59 -1.17
N GLY B 71 -20.57 21.50 -2.50
CA GLY B 71 -21.83 21.71 -3.19
C GLY B 71 -22.87 20.70 -2.85
N GLU B 72 -22.46 19.43 -2.69
CA GLU B 72 -23.37 18.38 -2.30
C GLU B 72 -23.86 18.51 -0.85
N LYS B 73 -23.00 18.86 0.08
CA LYS B 73 -23.42 19.08 1.45
C LYS B 73 -24.26 20.35 1.65
N GLN B 74 -23.95 21.40 0.89
CA GLN B 74 -24.54 22.74 1.05
C GLN B 74 -25.02 23.33 -0.28
N PRO B 75 -26.18 22.83 -0.75
CA PRO B 75 -26.77 23.34 -1.99
C PRO B 75 -27.07 24.83 -1.93
N GLU B 76 -27.28 25.34 -0.73
CA GLU B 76 -27.54 26.76 -0.56
C GLU B 76 -26.39 27.66 -0.99
N LEU B 77 -25.23 27.08 -1.23
CA LEU B 77 -24.08 27.88 -1.71
C LEU B 77 -24.21 28.25 -3.18
N GLN B 78 -25.05 27.52 -3.93
CA GLN B 78 -25.26 27.78 -5.35
C GLN B 78 -23.96 27.63 -6.18
N ILE B 79 -23.18 26.63 -5.83
CA ILE B 79 -21.99 26.35 -6.62
C ILE B 79 -22.45 25.80 -7.97
N SER B 80 -22.03 26.43 -9.06
CA SER B 80 -22.40 25.98 -10.40
C SER B 80 -21.35 25.10 -11.06
N GLU B 81 -21.78 24.35 -12.08
CA GLU B 81 -20.85 23.58 -12.94
C GLU B 81 -19.75 24.50 -13.44
N ARG B 82 -20.09 25.74 -13.79
CA ARG B 82 -19.12 26.72 -14.18
C ARG B 82 -18.02 26.98 -13.14
N ASP B 83 -18.46 27.14 -11.88
CA ASP B 83 -17.53 27.30 -10.76
C ASP B 83 -16.59 26.10 -10.66
N VAL B 84 -17.16 24.87 -10.71
CA VAL B 84 -16.39 23.66 -10.64
C VAL B 84 -15.34 23.60 -11.71
N LEU B 85 -15.71 23.88 -12.95
CA LEU B 85 -14.74 23.83 -14.05
C LEU B 85 -13.63 24.85 -13.86
N CYS B 86 -13.99 26.03 -13.38
CA CYS B 86 -12.99 27.06 -13.18
C CYS B 86 -12.01 26.67 -12.07
N VAL B 87 -12.49 26.01 -11.02
CA VAL B 87 -11.63 25.62 -9.94
C VAL B 87 -10.71 24.44 -10.42
N GLN B 88 -11.28 23.52 -11.19
CA GLN B 88 -10.47 22.46 -11.75
C GLN B 88 -9.37 22.99 -12.64
N ILE B 89 -9.67 23.97 -13.47
CA ILE B 89 -8.70 24.51 -14.38
C ILE B 89 -7.58 25.21 -13.63
N ALA B 90 -7.92 25.95 -12.61
CA ALA B 90 -6.90 26.61 -11.79
C ALA B 90 -6.02 25.54 -11.15
N GLY B 91 -6.62 24.45 -10.68
CA GLY B 91 -5.84 23.37 -10.10
C GLY B 91 -4.89 22.78 -11.13
N LEU B 92 -5.40 22.47 -12.31
CA LEU B 92 -4.59 21.92 -13.41
C LEU B 92 -3.45 22.83 -13.78
N CYS B 93 -3.69 24.14 -13.74
CA CYS B 93 -2.76 25.08 -14.31
C CYS B 93 -1.89 25.85 -13.34
N ARG B 94 -1.97 25.57 -12.04
CA ARG B 94 -1.13 26.33 -11.11
C ARG B 94 0.36 25.90 -11.17
N ASN B 95 0.68 24.80 -11.82
CA ASN B 95 2.09 24.46 -12.03
C ASN B 95 2.67 24.76 -13.38
N LEU B 96 1.94 25.46 -14.25
CA LEU B 96 2.39 25.73 -15.62
C LEU B 96 3.65 26.55 -15.70
N GLY B 97 3.94 27.37 -14.67
CA GLY B 97 5.07 28.24 -14.72
C GLY B 97 6.39 27.68 -14.20
N HIS B 98 6.40 26.41 -13.82
CA HIS B 98 7.66 25.82 -13.34
C HIS B 98 8.69 25.68 -14.44
N GLY B 99 9.94 25.84 -14.05
CA GLY B 99 11.05 25.76 -14.99
C GLY B 99 11.81 24.46 -14.77
N PRO B 100 12.93 24.29 -15.49
CA PRO B 100 13.75 23.07 -15.37
C PRO B 100 14.09 22.77 -13.92
N PHE B 101 13.84 21.52 -13.51
CA PHE B 101 14.13 21.07 -12.15
C PHE B 101 13.32 21.79 -11.08
N SER B 102 12.13 22.25 -11.48
CA SER B 102 11.19 22.91 -10.60
C SER B 102 11.81 23.98 -9.72
N HIS B 103 11.87 23.76 -8.41
CA HIS B 103 12.23 24.85 -7.51
C HIS B 103 13.66 25.28 -7.60
N MET B 104 14.51 24.47 -8.22
CA MET B 104 15.88 24.88 -8.49
C MET B 104 15.88 26.16 -9.36
N PHE B 105 14.99 26.19 -10.37
CA PHE B 105 14.97 27.24 -11.34
C PHE B 105 14.55 28.58 -10.75
N ASP B 106 13.46 28.63 -9.99
CA ASP B 106 13.06 29.91 -9.41
C ASP B 106 13.61 30.16 -8.02
N GLY B 107 14.04 29.08 -7.36
CA GLY B 107 14.67 29.20 -6.04
C GLY B 107 16.15 29.49 -6.03
N ARG B 108 16.88 29.01 -7.03
CA ARG B 108 18.35 29.24 -7.07
C ARG B 108 18.79 29.96 -8.33
N PHE B 109 18.36 29.50 -9.51
CA PHE B 109 18.95 29.97 -10.76
C PHE B 109 18.55 31.41 -11.09
N ILE B 110 17.27 31.68 -11.19
CA ILE B 110 16.83 33.01 -11.57
C ILE B 110 17.28 34.07 -10.58
N PRO B 111 17.21 33.79 -9.27
CA PRO B 111 17.73 34.77 -8.33
C PRO B 111 19.20 35.13 -8.55
N LEU B 112 20.01 34.20 -9.03
CA LEU B 112 21.43 34.47 -9.29
C LEU B 112 21.66 35.05 -10.66
N ALA B 113 20.94 34.57 -11.67
CA ALA B 113 21.10 35.07 -13.03
C ALA B 113 20.48 36.43 -13.23
N ARG B 114 19.32 36.69 -12.63
CA ARG B 114 18.59 37.93 -12.85
C ARG B 114 18.18 38.47 -11.49
N PRO B 115 19.18 38.95 -10.73
CA PRO B 115 18.85 39.43 -9.36
C PRO B 115 17.85 40.57 -9.29
N GLU B 116 17.80 41.40 -10.34
CA GLU B 116 16.93 42.57 -10.36
C GLU B 116 15.47 42.20 -10.56
N VAL B 117 15.17 41.01 -11.10
CA VAL B 117 13.80 40.65 -11.37
C VAL B 117 13.19 40.01 -10.15
N LYS B 118 11.87 40.08 -10.07
CA LYS B 118 11.11 39.41 -9.03
C LYS B 118 10.24 38.39 -9.74
N TRP B 119 10.63 37.11 -9.72
CA TRP B 119 9.98 36.10 -10.52
C TRP B 119 9.64 34.93 -9.63
N THR B 120 8.48 34.37 -9.92
CA THR B 120 7.99 33.21 -9.20
C THR B 120 7.30 32.34 -10.20
N HIS B 121 7.25 31.06 -9.90
CA HIS B 121 6.55 30.12 -10.77
C HIS B 121 5.07 30.49 -10.90
N GLU B 122 4.48 31.07 -9.84
CA GLU B 122 3.10 31.55 -9.84
C GLU B 122 2.83 32.54 -10.96
N GLN B 123 3.68 33.58 -11.02
CA GLN B 123 3.63 34.56 -12.10
C GLN B 123 3.80 33.87 -13.43
N GLY B 124 4.78 32.97 -13.49
CA GLY B 124 5.00 32.24 -14.74
C GLY B 124 3.75 31.43 -15.14
N SER B 125 3.02 30.92 -14.14
CA SER B 125 1.87 30.10 -14.42
C SER B 125 0.75 30.89 -15.09
N VAL B 126 0.56 32.12 -14.63
CA VAL B 126 -0.43 33.03 -15.21
C VAL B 126 -0.06 33.41 -16.64
N MET B 127 1.20 33.68 -16.87
CA MET B 127 1.65 34.03 -18.21
C MET B 127 1.49 32.83 -19.18
N MET B 128 1.89 31.64 -18.73
CA MET B 128 1.80 30.46 -19.53
C MET B 128 0.34 30.13 -19.79
N PHE B 129 -0.51 30.40 -18.84
CA PHE B 129 -1.92 30.12 -18.96
C PHE B 129 -2.56 30.95 -20.05
N GLU B 130 -2.26 32.24 -20.02
CA GLU B 130 -2.73 33.19 -21.03
C GLU B 130 -2.23 32.76 -22.42
N HIS B 131 -0.96 32.38 -22.48
CA HIS B 131 -0.35 31.91 -23.71
C HIS B 131 -1.06 30.63 -24.19
N LEU B 132 -1.39 29.73 -23.26
CA LEU B 132 -2.03 28.49 -23.63
C LEU B 132 -3.40 28.73 -24.25
N ILE B 133 -4.16 29.58 -23.58
CA ILE B 133 -5.52 29.93 -24.01
C ILE B 133 -5.50 30.57 -25.39
N ASN B 134 -4.66 31.58 -25.57
CA ASN B 134 -4.60 32.32 -26.80
C ASN B 134 -4.03 31.51 -27.95
N SER B 135 -3.00 30.73 -27.70
CA SER B 135 -2.37 29.97 -28.76
C SER B 135 -3.23 28.83 -29.24
N ASN B 136 -4.21 28.40 -28.47
CA ASN B 136 -4.89 27.15 -28.79
C ASN B 136 -6.39 27.28 -29.00
N GLY B 137 -6.90 28.52 -29.07
CA GLY B 137 -8.31 28.73 -29.33
C GLY B 137 -9.22 28.19 -28.25
N ILE B 138 -8.79 28.33 -27.01
CA ILE B 138 -9.56 27.75 -25.90
C ILE B 138 -10.79 28.58 -25.52
N LYS B 139 -10.71 29.91 -25.71
CA LYS B 139 -11.84 30.79 -25.33
C LYS B 139 -13.19 30.35 -25.89
N PRO B 140 -13.26 30.02 -27.18
CA PRO B 140 -14.50 29.55 -27.77
C PRO B 140 -15.00 28.27 -27.15
N VAL B 141 -14.10 27.39 -26.83
CA VAL B 141 -14.44 26.12 -26.22
C VAL B 141 -15.01 26.36 -24.82
N MET B 142 -14.43 27.31 -24.10
CA MET B 142 -14.92 27.66 -22.78
C MET B 142 -16.36 28.18 -22.89
N GLU B 143 -16.62 29.03 -23.91
CA GLU B 143 -17.97 29.52 -24.10
C GLU B 143 -18.94 28.41 -24.45
N GLN B 144 -18.47 27.46 -25.23
CA GLN B 144 -19.28 26.32 -25.58
C GLN B 144 -19.78 25.53 -24.37
N TYR B 145 -19.02 25.55 -23.28
CA TYR B 145 -19.37 24.77 -22.08
C TYR B 145 -19.86 25.69 -20.97
N GLY B 146 -20.24 26.90 -21.31
CA GLY B 146 -20.94 27.76 -20.37
C GLY B 146 -20.10 28.68 -19.53
N LEU B 147 -18.80 28.69 -19.80
CA LEU B 147 -17.94 29.65 -19.11
C LEU B 147 -18.01 31.00 -19.80
N ILE B 148 -17.71 32.06 -19.05
CA ILE B 148 -17.66 33.42 -19.55
C ILE B 148 -16.22 33.88 -19.47
N PRO B 149 -15.46 33.73 -20.57
CA PRO B 149 -14.01 33.96 -20.59
C PRO B 149 -13.53 35.19 -19.83
N GLU B 150 -14.15 36.34 -20.04
CA GLU B 150 -13.71 37.58 -19.37
C GLU B 150 -13.59 37.37 -17.85
N GLU B 151 -14.71 37.05 -17.22
CA GLU B 151 -14.77 36.87 -15.77
C GLU B 151 -14.03 35.67 -15.28
N ASP B 152 -14.15 34.55 -16.01
CA ASP B 152 -13.66 33.26 -15.58
C ASP B 152 -12.16 33.13 -15.72
N ILE B 153 -11.59 33.70 -16.79
CA ILE B 153 -10.15 33.73 -16.93
C ILE B 153 -9.56 34.54 -15.82
N CYS B 154 -10.19 35.66 -15.48
CA CYS B 154 -9.74 36.47 -14.36
C CYS B 154 -9.79 35.66 -13.05
N PHE B 155 -10.90 34.95 -12.83
CA PHE B 155 -11.06 34.11 -11.67
C PHE B 155 -9.96 33.06 -11.55
N ILE B 156 -9.68 32.36 -12.63
CA ILE B 156 -8.67 31.34 -12.70
C ILE B 156 -7.29 31.88 -12.35
N LYS B 157 -6.94 33.03 -12.92
CA LYS B 157 -5.68 33.64 -12.63
C LYS B 157 -5.59 34.10 -11.18
N GLU B 158 -6.65 34.69 -10.66
CA GLU B 158 -6.68 35.10 -9.26
C GLU B 158 -6.50 33.92 -8.30
N GLN B 159 -7.06 32.78 -8.67
CA GLN B 159 -6.93 31.58 -7.86
C GLN B 159 -5.49 31.12 -7.76
N ILE B 160 -4.73 31.42 -8.82
CA ILE B 160 -3.33 30.97 -8.90
C ILE B 160 -2.41 31.97 -8.19
N VAL B 161 -2.62 33.25 -8.42
CA VAL B 161 -1.60 34.24 -8.03
C VAL B 161 -2.12 35.26 -7.04
N GLY B 162 -3.41 35.24 -6.74
CA GLY B 162 -4.03 36.19 -5.82
C GLY B 162 -4.54 37.40 -6.58
N PRO B 163 -5.10 38.38 -5.83
CA PRO B 163 -5.63 39.59 -6.48
C PRO B 163 -4.63 40.21 -7.46
N LEU B 164 -5.09 40.52 -8.67
CA LEU B 164 -4.24 41.16 -9.66
C LEU B 164 -4.15 42.71 -9.39
N GLU B 165 -4.89 43.23 -8.42
CA GLU B 165 -4.75 44.60 -7.92
C GLU B 165 -3.50 44.90 -7.01
N LEU B 172 -11.72 45.35 2.29
CA LEU B 172 -12.51 45.39 1.06
C LEU B 172 -12.16 44.22 0.14
N TRP B 173 -13.14 43.74 -0.61
CA TRP B 173 -12.99 42.54 -1.47
C TRP B 173 -12.11 42.82 -2.70
N PRO B 174 -10.90 42.22 -2.71
CA PRO B 174 -9.92 42.57 -3.76
C PRO B 174 -10.00 41.73 -5.04
N TYR B 175 -10.94 40.80 -5.09
CA TYR B 175 -11.07 39.91 -6.22
C TYR B 175 -12.19 40.35 -7.15
N LYS B 176 -11.98 40.14 -8.44
CA LYS B 176 -12.96 40.50 -9.44
C LYS B 176 -13.64 39.28 -10.12
N GLY B 177 -13.02 38.10 -10.04
CA GLY B 177 -13.53 36.98 -10.76
C GLY B 177 -14.75 36.38 -10.10
N ARG B 178 -14.87 36.52 -8.78
CA ARG B 178 -16.08 36.11 -8.08
C ARG B 178 -16.30 37.06 -6.90
N PRO B 179 -17.56 37.17 -6.44
CA PRO B 179 -17.90 38.04 -5.30
C PRO B 179 -17.68 37.36 -3.96
N GLU B 180 -17.92 38.06 -2.85
CA GLU B 180 -17.59 37.55 -1.50
C GLU B 180 -18.42 36.33 -1.16
N ASN B 181 -19.62 36.21 -1.69
CA ASN B 181 -20.42 35.06 -1.39
C ASN B 181 -19.77 33.77 -1.91
N LYS B 182 -18.80 33.90 -2.85
CA LYS B 182 -18.04 32.75 -3.34
C LYS B 182 -16.56 32.76 -2.91
N SER B 183 -16.26 33.48 -1.85
CA SER B 183 -14.91 33.62 -1.32
C SER B 183 -14.20 32.33 -1.03
N PHE B 184 -14.96 31.36 -0.54
CA PHE B 184 -14.44 30.05 -0.22
C PHE B 184 -13.81 29.35 -1.40
N LEU B 185 -14.22 29.69 -2.62
CA LEU B 185 -13.63 29.08 -3.80
C LEU B 185 -12.19 29.42 -3.97
N TYR B 186 -11.79 30.58 -3.43
CA TYR B 186 -10.38 31.03 -3.50
C TYR B 186 -9.47 30.30 -2.49
N GLU B 187 -10.03 29.42 -1.67
CA GLU B 187 -9.26 28.73 -0.66
C GLU B 187 -8.90 27.30 -1.08
N ILE B 188 -9.31 26.89 -2.27
CA ILE B 188 -9.12 25.52 -2.73
C ILE B 188 -7.76 25.21 -3.35
N VAL B 189 -7.35 25.98 -4.35
CA VAL B 189 -6.20 25.62 -5.18
C VAL B 189 -4.91 26.18 -4.61
N SER B 190 -4.98 27.43 -4.21
CA SER B 190 -3.82 28.08 -3.65
C SER B 190 -4.24 28.96 -2.52
N ASN B 191 -4.16 28.46 -1.30
CA ASN B 191 -4.76 29.12 -0.16
C ASN B 191 -3.83 30.16 0.42
N LYS B 192 -4.08 31.44 0.13
CA LYS B 192 -3.18 32.50 0.57
C LYS B 192 -3.34 32.84 2.05
N ARG B 193 -4.43 32.43 2.68
CA ARG B 193 -4.67 32.75 4.05
C ARG B 193 -3.86 31.89 5.05
N ASN B 194 -3.80 30.60 4.79
CA ASN B 194 -3.17 29.68 5.71
C ASN B 194 -2.45 28.45 5.05
N GLY B 195 -2.46 28.36 3.73
CA GLY B 195 -1.68 27.34 3.00
C GLY B 195 -2.32 25.99 2.89
N ILE B 196 -3.53 25.85 3.42
CA ILE B 196 -4.18 24.56 3.41
C ILE B 196 -4.98 24.40 2.11
N ASP B 197 -4.40 23.69 1.14
CA ASP B 197 -4.98 23.60 -0.18
C ASP B 197 -4.70 22.27 -0.85
N VAL B 198 -5.33 22.04 -1.99
CA VAL B 198 -5.26 20.73 -2.62
C VAL B 198 -3.90 20.44 -3.23
N ASP B 199 -3.12 21.50 -3.45
CA ASP B 199 -1.79 21.34 -4.00
C ASP B 199 -0.88 20.50 -3.09
N LYS B 200 -0.89 20.89 -1.83
CA LYS B 200 -0.18 20.12 -0.79
C LYS B 200 -0.68 18.70 -0.72
N TRP B 201 -1.97 18.52 -0.78
CA TRP B 201 -2.49 17.22 -0.59
C TRP B 201 -1.99 16.27 -1.65
N ASP B 202 -1.92 16.75 -2.89
CA ASP B 202 -1.47 15.86 -3.90
C ASP B 202 0.01 15.58 -3.77
N TYR B 203 0.82 16.61 -3.50
CA TYR B 203 2.23 16.36 -3.46
C TYR B 203 2.64 15.50 -2.26
N PHE B 204 2.02 15.67 -1.10
CA PHE B 204 2.28 14.79 0.03
C PHE B 204 2.14 13.35 -0.38
N ALA B 205 1.00 13.03 -0.98
CA ALA B 205 0.68 11.68 -1.34
C ALA B 205 1.56 11.17 -2.46
N ARG B 206 1.75 11.99 -3.47
CA ARG B 206 2.50 11.57 -4.66
C ARG B 206 3.97 11.51 -4.41
N ASP B 207 4.51 12.51 -3.73
CA ASP B 207 5.94 12.49 -3.39
C ASP B 207 6.26 11.31 -2.52
N CYS B 208 5.42 11.05 -1.52
CA CYS B 208 5.65 9.90 -0.63
C CYS B 208 5.65 8.56 -1.36
N HIS B 209 4.68 8.38 -2.26
CA HIS B 209 4.61 7.21 -3.05
C HIS B 209 5.88 6.93 -3.84
N HIS B 210 6.50 7.98 -4.36
CA HIS B 210 7.67 7.86 -5.17
C HIS B 210 8.97 7.87 -4.38
N LEU B 211 8.98 8.61 -3.28
CA LEU B 211 10.17 8.68 -2.46
C LEU B 211 10.44 7.40 -1.69
N GLY B 212 9.37 6.66 -1.38
CA GLY B 212 9.48 5.55 -0.47
C GLY B 212 9.44 6.02 0.98
N ILE B 213 8.66 7.05 1.28
CA ILE B 213 8.42 7.47 2.63
C ILE B 213 6.93 7.59 2.76
N GLN B 214 6.40 7.22 3.91
CA GLN B 214 4.97 7.05 4.06
C GLN B 214 4.31 8.38 4.50
N ASN B 215 3.17 8.69 3.91
CA ASN B 215 2.44 9.94 4.16
C ASN B 215 1.49 9.82 5.36
N ASN B 216 1.56 10.75 6.30
CA ASN B 216 0.71 10.74 7.51
C ASN B 216 -0.64 11.56 7.45
N PHE B 217 -0.80 12.39 6.42
CA PHE B 217 -1.98 13.23 6.29
C PHE B 217 -3.12 12.64 5.45
N ASP B 218 -4.34 12.68 6.00
CA ASP B 218 -5.53 12.14 5.33
C ASP B 218 -6.45 13.26 4.77
N TYR B 219 -6.26 13.58 3.51
CA TYR B 219 -7.00 14.68 2.90
C TYR B 219 -8.44 14.29 2.67
N LYS B 220 -8.69 13.04 2.35
CA LYS B 220 -10.08 12.57 2.14
C LYS B 220 -10.92 12.80 3.39
N ARG B 221 -10.33 12.55 4.54
CA ARG B 221 -11.00 12.82 5.80
C ARG B 221 -11.31 14.29 5.90
N PHE B 222 -10.34 15.11 5.59
CA PHE B 222 -10.50 16.57 5.72
C PHE B 222 -11.66 17.03 4.84
N ILE B 223 -11.67 16.58 3.60
CA ILE B 223 -12.76 16.90 2.69
C ILE B 223 -14.10 16.51 3.27
N LYS B 224 -14.23 15.31 3.84
CA LYS B 224 -15.48 14.97 4.44
C LYS B 224 -15.97 15.89 5.56
N PHE B 225 -15.06 16.48 6.32
CA PHE B 225 -15.44 17.29 7.45
C PHE B 225 -15.42 18.77 7.12
N ALA B 226 -15.17 19.13 5.88
CA ALA B 226 -15.11 20.56 5.56
C ALA B 226 -16.50 21.13 5.34
N ARG B 227 -16.72 22.38 5.72
CA ARG B 227 -17.98 23.09 5.54
C ARG B 227 -17.70 24.55 5.26
N VAL B 228 -18.68 25.25 4.70
CA VAL B 228 -18.58 26.67 4.51
C VAL B 228 -19.43 27.36 5.54
N CYS B 229 -18.84 28.34 6.22
CA CYS B 229 -19.51 29.14 7.24
C CYS B 229 -19.18 30.60 7.03
N GLU B 230 -20.02 31.48 7.57
CA GLU B 230 -19.76 32.92 7.47
C GLU B 230 -18.70 33.30 8.50
N VAL B 231 -17.68 34.00 8.06
CA VAL B 231 -16.62 34.52 8.94
C VAL B 231 -16.38 35.95 8.47
N ASP B 232 -16.52 36.92 9.37
CA ASP B 232 -16.30 38.36 9.07
C ASP B 232 -16.90 38.78 7.72
N ASN B 233 -18.15 38.43 7.47
CA ASN B 233 -18.86 38.77 6.22
C ASN B 233 -18.31 38.18 4.92
N GLU B 234 -17.52 37.12 5.08
CA GLU B 234 -17.11 36.25 3.98
C GLU B 234 -17.61 34.84 4.26
N LEU B 235 -17.93 34.12 3.19
CA LEU B 235 -18.16 32.68 3.29
C LEU B 235 -16.85 31.92 3.10
N ARG B 236 -16.36 31.28 4.16
CA ARG B 236 -15.10 30.56 4.15
C ARG B 236 -15.24 29.10 4.48
N ILE B 237 -14.25 28.32 4.01
CA ILE B 237 -14.17 26.90 4.35
C ILE B 237 -13.75 26.76 5.81
N CYS B 238 -14.50 25.97 6.56
CA CYS B 238 -14.17 25.65 7.97
C CYS B 238 -14.00 24.17 8.16
N ALA B 239 -13.13 23.83 9.09
CA ALA B 239 -12.87 22.47 9.44
C ALA B 239 -13.56 22.15 10.76
N ARG B 240 -13.91 20.90 10.93
CA ARG B 240 -14.51 20.46 12.18
C ARG B 240 -13.50 20.63 13.32
N ASP B 241 -13.97 21.15 14.45
CA ASP B 241 -13.10 21.51 15.58
C ASP B 241 -12.08 20.40 15.97
N LYS B 242 -12.58 19.20 16.11
CA LYS B 242 -11.75 18.12 16.58
C LYS B 242 -10.64 17.72 15.59
N GLU B 243 -10.76 18.16 14.34
CA GLU B 243 -9.75 17.92 13.33
C GLU B 243 -8.53 18.85 13.44
N VAL B 244 -8.52 19.74 14.41
CA VAL B 244 -7.41 20.69 14.54
C VAL B 244 -6.01 20.02 14.69
N GLY B 245 -5.97 18.93 15.45
CA GLY B 245 -4.75 18.14 15.63
C GLY B 245 -4.21 17.61 14.32
N ASN B 246 -5.11 17.10 13.47
CA ASN B 246 -4.74 16.64 12.15
C ASN B 246 -4.13 17.73 11.31
N LEU B 247 -4.55 18.97 11.51
CA LEU B 247 -3.95 20.05 10.77
C LEU B 247 -2.60 20.39 11.25
N TYR B 248 -2.42 20.47 12.54
CA TYR B 248 -1.05 20.62 13.08
C TYR B 248 -0.15 19.54 12.50
N ASP B 249 -0.63 18.32 12.49
CA ASP B 249 0.10 17.20 11.95
C ASP B 249 0.41 17.36 10.47
N MET B 250 -0.47 17.97 9.71
CA MET B 250 -0.25 18.17 8.28
C MET B 250 0.99 19.04 8.06
N PHE B 251 1.14 20.11 8.86
CA PHE B 251 2.29 20.96 8.71
C PHE B 251 3.55 20.30 9.23
N HIS B 252 3.41 19.50 10.27
CA HIS B 252 4.52 18.73 10.79
C HIS B 252 5.03 17.79 9.70
N THR B 253 4.10 17.18 8.96
CA THR B 253 4.42 16.28 7.86
C THR B 253 5.17 17.01 6.74
N ARG B 254 4.68 18.19 6.40
CA ARG B 254 5.35 19.00 5.43
C ARG B 254 6.80 19.33 5.81
N ASN B 255 6.98 19.68 7.06
CA ASN B 255 8.31 19.99 7.55
C ASN B 255 9.22 18.73 7.57
N SER B 256 8.70 17.55 7.88
CA SER B 256 9.43 16.31 7.83
C SER B 256 9.86 15.97 6.45
N LEU B 257 8.98 16.20 5.48
CA LEU B 257 9.32 15.96 4.09
C LEU B 257 10.43 16.89 3.62
N HIS B 258 10.38 18.16 4.03
CA HIS B 258 11.48 19.04 3.71
C HIS B 258 12.80 18.56 4.33
N ARG B 259 12.76 18.17 5.60
CA ARG B 259 13.93 17.71 6.30
C ARG B 259 14.51 16.47 5.70
N ARG B 260 13.67 15.51 5.41
CA ARG B 260 14.14 14.22 4.92
C ARG B 260 14.48 14.22 3.46
N ALA B 261 13.69 14.93 2.64
CA ALA B 261 13.81 14.80 1.20
C ALA B 261 14.09 16.12 0.49
N TYR B 262 13.18 17.08 0.57
CA TYR B 262 13.28 18.25 -0.29
C TYR B 262 14.52 19.08 0.00
N GLN B 263 15.00 19.08 1.23
CA GLN B 263 16.21 19.79 1.59
C GLN B 263 17.36 18.83 1.91
N HIS B 264 17.25 17.61 1.45
CA HIS B 264 18.36 16.66 1.61
C HIS B 264 19.68 17.34 1.20
N LYS B 265 20.68 17.21 2.06
CA LYS B 265 21.97 17.94 1.93
C LYS B 265 22.63 17.68 0.58
N VAL B 266 22.55 16.45 0.10
CA VAL B 266 23.13 16.09 -1.18
C VAL B 266 22.23 16.44 -2.34
N GLY B 267 20.91 16.28 -2.21
CA GLY B 267 20.02 16.74 -3.28
C GLY B 267 20.22 18.22 -3.50
N ASN B 268 20.39 18.99 -2.45
CA ASN B 268 20.58 20.43 -2.57
C ASN B 268 21.88 20.79 -3.22
N ILE B 269 22.92 20.01 -2.98
CA ILE B 269 24.25 20.36 -3.55
C ILE B 269 24.20 20.00 -5.02
N ILE B 270 23.48 18.98 -5.38
CA ILE B 270 23.27 18.65 -6.81
C ILE B 270 22.51 19.75 -7.53
N ASP B 271 21.43 20.23 -6.93
CA ASP B 271 20.69 21.38 -7.46
C ASP B 271 21.62 22.60 -7.64
N THR B 272 22.49 22.78 -6.67
CA THR B 272 23.44 23.88 -6.70
C THR B 272 24.44 23.69 -7.85
N MET B 273 24.92 22.47 -8.04
CA MET B 273 25.85 22.20 -9.13
C MET B 273 25.20 22.40 -10.47
N ILE B 274 23.97 21.95 -10.60
CA ILE B 274 23.22 22.10 -11.85
C ILE B 274 23.00 23.58 -12.12
N THR B 275 22.65 24.32 -11.10
CA THR B 275 22.46 25.77 -11.20
C THR B 275 23.74 26.44 -11.69
N ASP B 276 24.88 26.03 -11.13
N ASP B 276 24.87 26.03 -11.12
CA ASP B 276 26.18 26.57 -11.57
CA ASP B 276 26.17 26.55 -11.55
C ASP B 276 26.45 26.26 -13.02
C ASP B 276 26.45 26.25 -13.01
N ALA B 277 26.17 25.03 -13.46
CA ALA B 277 26.31 24.71 -14.88
C ALA B 277 25.42 25.57 -15.76
N PHE B 278 24.20 25.85 -15.32
CA PHE B 278 23.26 26.66 -16.11
C PHE B 278 23.77 28.07 -16.24
N LEU B 279 24.30 28.61 -15.13
CA LEU B 279 24.89 29.93 -15.16
C LEU B 279 26.05 30.01 -16.13
N LYS B 280 26.91 29.00 -16.18
CA LYS B 280 28.02 28.94 -17.09
C LYS B 280 27.61 28.67 -18.54
N ALA B 281 26.43 28.19 -18.73
CA ALA B 281 25.93 27.91 -20.07
C ALA B 281 25.04 29.01 -20.58
N ASP B 282 24.67 29.94 -19.72
CA ASP B 282 23.55 30.86 -20.01
C ASP B 282 23.87 31.80 -21.17
N ASP B 283 25.15 32.14 -21.39
CA ASP B 283 25.57 32.96 -22.48
C ASP B 283 25.48 32.27 -23.84
N TYR B 284 25.51 30.94 -23.85
CA TYR B 284 25.73 30.22 -25.07
C TYR B 284 24.55 29.38 -25.59
N ILE B 285 23.64 29.00 -24.71
CA ILE B 285 22.46 28.24 -25.14
C ILE B 285 21.48 29.22 -25.65
N GLU B 286 20.90 28.92 -26.81
CA GLU B 286 19.87 29.80 -27.40
C GLU B 286 18.53 29.04 -27.56
N ILE B 287 17.46 29.68 -27.14
CA ILE B 287 16.16 29.14 -27.27
C ILE B 287 15.31 30.05 -28.13
N THR B 288 14.72 29.45 -29.16
CA THR B 288 13.96 30.19 -30.15
C THR B 288 12.55 30.44 -29.66
N GLY B 289 12.16 31.70 -29.65
CA GLY B 289 10.81 32.09 -29.25
C GLY B 289 10.00 32.69 -30.37
N ALA B 290 9.13 33.64 -30.00
CA ALA B 290 8.20 34.24 -30.92
C ALA B 290 8.92 34.96 -32.06
N GLY B 291 8.47 34.68 -33.28
CA GLY B 291 9.01 35.29 -34.49
C GLY B 291 10.46 34.89 -34.77
N GLY B 292 10.87 33.71 -34.31
CA GLY B 292 12.24 33.27 -34.50
C GLY B 292 13.31 33.90 -33.59
N LYS B 293 12.93 34.88 -32.78
CA LYS B 293 13.87 35.58 -31.89
C LYS B 293 14.51 34.57 -30.90
N LYS B 294 15.76 34.83 -30.54
CA LYS B 294 16.52 33.90 -29.72
C LYS B 294 16.58 34.42 -28.30
N TYR B 295 16.44 33.50 -27.34
CA TYR B 295 16.48 33.82 -25.92
C TYR B 295 17.51 32.95 -25.24
N ARG B 296 17.89 33.37 -24.04
CA ARG B 296 18.73 32.59 -23.15
C ARG B 296 17.90 31.89 -22.09
N ILE B 297 18.52 30.95 -21.39
CA ILE B 297 17.88 30.22 -20.31
C ILE B 297 17.27 31.26 -19.34
N SER B 298 18.01 32.31 -19.00
CA SER B 298 17.57 33.28 -18.02
C SER B 298 16.58 34.29 -18.54
N THR B 299 16.45 34.41 -19.86
CA THR B 299 15.50 35.35 -20.43
C THR B 299 14.28 34.70 -21.09
N ALA B 300 14.28 33.38 -21.16
CA ALA B 300 13.16 32.65 -21.75
C ALA B 300 11.86 32.91 -21.03
N ILE B 301 11.96 33.32 -19.77
CA ILE B 301 10.80 33.72 -18.97
C ILE B 301 10.07 34.95 -19.50
N ASP B 302 10.71 35.69 -20.36
CA ASP B 302 10.08 36.86 -20.96
C ASP B 302 9.25 36.54 -22.19
N ASP B 303 9.39 35.36 -22.76
CA ASP B 303 8.61 34.98 -23.92
C ASP B 303 8.07 33.56 -23.72
N MET B 304 6.75 33.42 -23.62
CA MET B 304 6.14 32.13 -23.28
C MET B 304 6.32 31.10 -24.39
N GLU B 305 6.45 31.53 -25.63
CA GLU B 305 6.77 30.63 -26.73
C GLU B 305 8.12 29.96 -26.51
N ALA B 306 9.11 30.72 -26.06
CA ALA B 306 10.39 30.17 -25.70
C ALA B 306 10.36 29.35 -24.42
N TYR B 307 9.61 29.86 -23.43
CA TYR B 307 9.53 29.20 -22.16
C TYR B 307 8.89 27.78 -22.30
N THR B 308 7.94 27.66 -23.22
CA THR B 308 7.33 26.39 -23.58
C THR B 308 8.39 25.32 -23.86
N LYS B 309 9.52 25.73 -24.43
CA LYS B 309 10.58 24.80 -24.81
C LYS B 309 11.72 24.70 -23.80
N LEU B 310 11.55 25.33 -22.65
CA LEU B 310 12.58 25.31 -21.61
C LEU B 310 12.19 24.28 -20.55
N THR B 311 12.83 23.11 -20.60
CA THR B 311 12.54 21.97 -19.73
C THR B 311 13.84 21.34 -19.26
N ASP B 312 13.72 20.20 -18.61
CA ASP B 312 14.92 19.51 -18.05
C ASP B 312 15.89 19.11 -19.15
N ASN B 313 15.36 19.03 -20.36
CA ASN B 313 16.19 18.84 -21.56
C ASN B 313 17.46 19.69 -21.64
N ILE B 314 17.41 20.92 -21.12
CA ILE B 314 18.57 21.75 -21.10
C ILE B 314 19.78 21.07 -20.45
N PHE B 315 19.51 20.30 -19.42
CA PHE B 315 20.58 19.55 -18.76
C PHE B 315 21.32 18.66 -19.75
N LEU B 316 20.58 17.89 -20.52
CA LEU B 316 21.18 16.96 -21.47
C LEU B 316 21.79 17.64 -22.67
N GLU B 317 21.18 18.72 -23.14
CA GLU B 317 21.74 19.55 -24.21
C GLU B 317 23.15 20.04 -23.79
N ILE B 318 23.30 20.52 -22.57
CA ILE B 318 24.61 20.87 -22.07
C ILE B 318 25.54 19.66 -21.94
N LEU B 319 25.04 18.58 -21.37
CA LEU B 319 25.89 17.41 -21.11
C LEU B 319 26.46 16.82 -22.41
N TYR B 320 25.63 16.77 -23.43
CA TYR B 320 25.95 16.18 -24.70
C TYR B 320 26.60 17.17 -25.67
N SER B 321 26.77 18.43 -25.27
CA SER B 321 27.29 19.47 -26.19
C SER B 321 28.77 19.17 -26.53
N THR B 322 29.16 19.63 -27.70
CA THR B 322 30.56 19.57 -28.14
C THR B 322 31.20 20.95 -28.25
N ASP B 323 30.41 22.02 -28.32
CA ASP B 323 30.90 23.37 -28.32
C ASP B 323 31.90 23.65 -27.19
N PRO B 324 33.11 24.16 -27.55
CA PRO B 324 34.12 24.44 -26.54
C PRO B 324 33.70 25.56 -25.59
N LYS B 325 32.78 26.44 -26.01
CA LYS B 325 32.27 27.48 -25.13
C LYS B 325 31.56 26.91 -23.92
N LEU B 326 30.96 25.72 -24.09
CA LEU B 326 30.16 25.07 -23.03
C LEU B 326 30.97 24.11 -22.20
N LYS B 327 32.29 24.08 -22.41
CA LYS B 327 33.16 23.15 -21.74
C LYS B 327 33.05 23.22 -20.22
N ASP B 328 33.05 24.41 -19.62
CA ASP B 328 33.01 24.53 -18.16
C ASP B 328 31.67 24.04 -17.63
N ALA B 329 30.56 24.41 -18.30
CA ALA B 329 29.27 23.96 -17.87
C ALA B 329 29.14 22.43 -17.97
N ARG B 330 29.61 21.89 -19.09
CA ARG B 330 29.57 20.48 -19.38
C ARG B 330 30.41 19.72 -18.34
N GLU B 331 31.54 20.27 -17.91
CA GLU B 331 32.39 19.57 -16.92
C GLU B 331 31.73 19.44 -15.59
N ILE B 332 30.97 20.44 -15.18
CA ILE B 332 30.24 20.39 -13.93
C ILE B 332 29.25 19.24 -13.94
N LEU B 333 28.48 19.12 -15.02
CA LEU B 333 27.52 18.04 -15.14
C LEU B 333 28.18 16.69 -15.20
N LYS B 334 29.35 16.63 -15.81
CA LYS B 334 30.06 15.36 -15.85
C LYS B 334 30.54 14.91 -14.48
N GLN B 335 30.88 15.87 -13.65
CA GLN B 335 31.26 15.55 -12.29
C GLN B 335 30.07 15.04 -11.49
N ILE B 336 28.88 15.49 -11.82
CA ILE B 336 27.67 14.90 -11.24
C ILE B 336 27.58 13.42 -11.61
N GLU B 337 27.74 13.08 -12.87
CA GLU B 337 27.62 11.70 -13.35
C GLU B 337 28.65 10.77 -12.68
N TYR B 338 29.87 11.28 -12.45
CA TYR B 338 30.91 10.50 -11.81
C TYR B 338 30.78 10.57 -10.29
N ARG B 339 29.83 11.34 -9.82
CA ARG B 339 29.55 11.50 -8.40
C ARG B 339 30.74 12.12 -7.70
N ASN B 340 31.44 13.01 -8.39
N ASN B 340 31.44 13.01 -8.38
CA ASN B 340 32.45 13.83 -7.77
CA ASN B 340 32.46 13.81 -7.75
C ASN B 340 31.77 15.13 -7.40
C ASN B 340 31.78 15.13 -7.40
N LEU B 341 30.99 15.11 -6.34
CA LEU B 341 30.23 16.26 -5.90
C LEU B 341 31.01 17.14 -4.91
N PHE B 342 30.60 18.40 -4.77
CA PHE B 342 31.07 19.20 -3.67
C PHE B 342 30.75 18.48 -2.40
N LYS B 343 31.61 18.59 -1.42
CA LYS B 343 31.53 17.78 -0.22
C LYS B 343 30.78 18.55 0.87
N TYR B 344 29.85 17.86 1.52
CA TYR B 344 29.16 18.40 2.66
C TYR B 344 30.12 18.45 3.84
N VAL B 345 30.21 19.59 4.52
CA VAL B 345 31.10 19.75 5.65
C VAL B 345 30.31 19.63 6.96
N GLY B 346 29.16 20.31 7.01
CA GLY B 346 28.34 20.26 8.19
C GLY B 346 27.16 21.20 8.16
N GLU B 347 26.41 21.15 9.25
CA GLU B 347 25.18 21.91 9.42
C GLU B 347 25.17 22.53 10.80
N THR B 348 24.60 23.72 10.93
CA THR B 348 24.44 24.40 12.19
C THR B 348 23.24 25.34 12.11
N GLN B 349 22.87 25.95 13.23
CA GLN B 349 21.76 26.88 13.26
C GLN B 349 22.11 28.12 14.06
N PRO B 350 21.47 29.24 13.71
CA PRO B 350 21.63 30.42 14.55
C PRO B 350 21.02 30.22 15.92
N THR B 351 21.47 31.04 16.87
CA THR B 351 21.01 30.97 18.25
C THR B 351 20.27 32.23 18.62
N GLY B 352 19.36 32.13 19.60
CA GLY B 352 18.59 33.29 20.08
C GLY B 352 17.74 33.96 19.00
N GLN B 353 17.88 35.29 18.90
CA GLN B 353 17.11 36.11 17.97
C GLN B 353 17.79 36.27 16.64
N ILE B 354 18.93 35.63 16.46
CA ILE B 354 19.78 35.88 15.29
C ILE B 354 19.09 35.36 14.03
N LYS B 355 18.99 36.17 12.99
CA LYS B 355 18.33 35.75 11.79
C LYS B 355 19.16 36.24 10.60
N ILE B 356 19.50 35.33 9.72
CA ILE B 356 20.33 35.68 8.58
C ILE B 356 19.45 36.24 7.45
N LYS B 357 19.79 37.43 6.98
CA LYS B 357 19.03 38.08 5.92
C LYS B 357 19.57 37.66 4.57
N ARG B 358 18.68 37.69 3.59
CA ARG B 358 19.05 37.32 2.21
C ARG B 358 20.26 38.10 1.64
N GLU B 359 20.32 39.38 2.00
CA GLU B 359 21.40 40.26 1.52
C GLU B 359 22.76 39.86 2.08
N ASP B 360 22.80 39.05 3.16
CA ASP B 360 24.03 38.59 3.75
C ASP B 360 24.50 37.20 3.29
N TYR B 361 23.72 36.52 2.45
CA TYR B 361 24.09 35.18 1.98
C TYR B 361 25.41 35.15 1.29
N GLU B 362 25.70 36.15 0.45
CA GLU B 362 26.92 36.20 -0.34
C GLU B 362 28.20 36.40 0.53
N SER B 363 28.04 37.04 1.68
CA SER B 363 29.14 37.30 2.56
C SER B 363 29.61 36.08 3.40
N LEU B 364 28.80 35.02 3.41
CA LEU B 364 29.02 33.92 4.35
C LEU B 364 30.22 33.03 4.04
N PRO B 365 30.42 32.67 2.76
CA PRO B 365 31.63 31.91 2.41
C PRO B 365 32.91 32.65 2.85
N LYS B 366 32.91 33.96 2.66
CA LYS B 366 34.01 34.80 3.08
C LYS B 366 34.22 34.74 4.59
N GLU B 367 33.13 34.76 5.37
CA GLU B 367 33.29 34.63 6.81
C GLU B 367 33.93 33.27 7.19
N VAL B 368 33.50 32.21 6.51
CA VAL B 368 33.98 30.89 6.90
C VAL B 368 35.49 30.86 6.65
N ALA B 369 35.88 31.34 5.48
CA ALA B 369 37.29 31.38 5.09
C ALA B 369 38.17 32.26 5.97
N SER B 370 37.56 33.26 6.63
CA SER B 370 38.23 34.20 7.53
C SER B 370 38.40 33.71 8.97
N ALA B 371 37.75 32.60 9.29
CA ALA B 371 37.87 32.04 10.62
C ALA B 371 39.32 31.56 10.84
N LYS B 372 39.79 31.58 12.08
CA LYS B 372 41.19 31.27 12.37
C LYS B 372 41.30 30.16 13.40
N PRO B 373 40.98 28.94 12.97
CA PRO B 373 41.06 27.82 13.90
C PRO B 373 42.50 27.59 14.33
N LYS B 374 42.75 27.42 15.62
CA LYS B 374 44.13 27.22 16.13
C LYS B 374 44.50 25.73 15.93
N VAL B 375 44.72 25.31 14.70
CA VAL B 375 44.98 23.92 14.39
C VAL B 375 45.97 23.92 13.25
N LEU B 376 46.78 22.89 13.19
CA LEU B 376 47.76 22.78 12.15
C LEU B 376 47.12 22.33 10.84
N LEU B 377 47.30 23.11 9.78
CA LEU B 377 46.64 22.84 8.50
C LEU B 377 47.63 22.80 7.33
N ASP B 378 47.53 21.74 6.52
CA ASP B 378 48.38 21.58 5.32
C ASP B 378 48.00 22.60 4.25
N VAL B 379 46.67 22.81 4.07
CA VAL B 379 46.17 23.76 3.12
C VAL B 379 45.41 24.89 3.80
N LYS B 380 45.43 26.03 3.13
CA LYS B 380 44.59 27.18 3.48
C LYS B 380 43.52 27.33 2.40
N LEU B 381 42.28 27.52 2.83
CA LEU B 381 41.14 27.58 1.92
C LEU B 381 40.67 29.01 1.78
N LYS B 382 40.11 29.30 0.62
CA LYS B 382 39.61 30.63 0.28
C LYS B 382 38.10 30.63 0.18
N ALA B 383 37.51 31.81 0.21
CA ALA B 383 36.04 31.98 0.14
C ALA B 383 35.38 31.18 -0.99
N GLU B 384 35.97 31.22 -2.18
CA GLU B 384 35.42 30.54 -3.33
C GLU B 384 35.42 29.04 -3.19
N ASP B 385 36.14 28.48 -2.21
CA ASP B 385 36.11 27.04 -1.94
C ASP B 385 34.88 26.59 -1.14
N PHE B 386 34.18 27.55 -0.57
CA PHE B 386 33.04 27.25 0.32
C PHE B 386 31.70 27.62 -0.31
N ILE B 387 30.74 26.72 -0.11
CA ILE B 387 29.36 27.02 -0.36
C ILE B 387 28.61 27.06 0.96
N VAL B 388 27.80 28.09 1.16
CA VAL B 388 26.96 28.17 2.35
C VAL B 388 25.51 28.24 1.90
N ASP B 389 24.70 27.27 2.29
CA ASP B 389 23.29 27.15 1.85
C ASP B 389 22.46 27.48 3.10
N VAL B 390 21.64 28.52 3.01
CA VAL B 390 20.82 28.91 4.14
C VAL B 390 19.39 28.50 3.82
N ILE B 391 18.78 27.69 4.69
CA ILE B 391 17.43 27.19 4.45
C ILE B 391 16.49 27.70 5.53
N ASN B 392 15.43 28.40 5.09
CA ASN B 392 14.37 28.82 5.99
C ASN B 392 13.29 27.77 6.09
N MET B 393 13.15 27.15 7.24
CA MET B 393 12.14 26.16 7.46
C MET B 393 11.06 26.81 8.26
N ASP B 394 9.80 26.68 7.85
CA ASP B 394 8.67 27.22 8.61
C ASP B 394 7.38 26.46 8.33
N TYR B 395 6.29 26.92 8.93
CA TYR B 395 4.98 26.35 8.68
C TYR B 395 4.20 27.10 7.58
N GLY B 396 4.93 27.74 6.67
CA GLY B 396 4.38 28.37 5.51
C GLY B 396 4.04 29.83 5.71
N MET B 397 4.21 30.37 6.92
CA MET B 397 3.89 31.78 7.17
C MET B 397 4.93 32.50 8.02
N GLN B 398 6.21 32.29 7.68
CA GLN B 398 7.30 32.82 8.48
C GLN B 398 7.12 32.39 9.94
N GLU B 399 7.16 33.35 10.86
N GLU B 399 7.17 33.35 10.86
CA GLU B 399 7.09 33.07 12.28
CA GLU B 399 7.09 33.03 12.28
C GLU B 399 5.67 32.71 12.75
C GLU B 399 5.68 32.70 12.76
N LYS B 400 4.67 32.94 11.91
CA LYS B 400 3.24 32.76 12.28
C LYS B 400 2.71 31.33 12.22
N ASN B 401 1.83 31.02 13.15
CA ASN B 401 1.16 29.74 13.25
C ASN B 401 -0.07 29.73 12.35
N PRO B 402 -0.03 28.95 11.27
CA PRO B 402 -1.15 28.98 10.32
C PRO B 402 -2.49 28.53 10.89
N ILE B 403 -2.47 27.75 11.97
CA ILE B 403 -3.73 27.33 12.55
C ILE B 403 -4.48 28.48 13.25
N ASP B 404 -3.77 29.53 13.63
CA ASP B 404 -4.41 30.76 14.05
C ASP B 404 -5.21 31.44 12.91
N HIS B 405 -4.98 31.03 11.68
CA HIS B 405 -5.72 31.57 10.53
C HIS B 405 -6.70 30.60 9.91
N VAL B 406 -7.09 29.60 10.69
CA VAL B 406 -8.04 28.60 10.26
C VAL B 406 -9.30 28.75 11.08
N SER B 407 -10.44 28.56 10.44
CA SER B 407 -11.72 28.63 11.11
C SER B 407 -12.32 27.24 11.25
N PHE B 408 -12.98 27.02 12.39
CA PHE B 408 -13.55 25.72 12.72
C PHE B 408 -15.04 25.82 13.01
N TYR B 409 -15.71 24.67 13.04
CA TYR B 409 -17.09 24.58 13.46
C TYR B 409 -17.25 23.39 14.37
N CYS B 410 -18.27 23.41 15.21
N CYS B 410 -18.28 23.40 15.19
CA CYS B 410 -18.51 22.30 16.15
CA CYS B 410 -18.53 22.33 16.14
C CYS B 410 -19.82 21.61 15.79
C CYS B 410 -19.83 21.60 15.79
N LYS B 411 -19.93 20.33 16.15
CA LYS B 411 -21.08 19.52 15.72
C LYS B 411 -22.40 20.08 16.22
N THR B 412 -22.41 20.69 17.42
CA THR B 412 -23.68 21.20 17.98
C THR B 412 -24.19 22.47 17.26
N ALA B 413 -23.32 23.18 16.52
CA ALA B 413 -23.70 24.39 15.74
C ALA B 413 -22.88 24.51 14.46
N PRO B 414 -23.18 23.67 13.47
CA PRO B 414 -22.30 23.53 12.31
C PRO B 414 -22.18 24.80 11.46
N ASN B 415 -23.07 25.77 11.67
CA ASN B 415 -23.02 27.00 10.93
C ASN B 415 -22.29 28.10 11.63
N ARG B 416 -21.87 27.87 12.85
CA ARG B 416 -21.16 28.89 13.59
C ARG B 416 -19.64 28.63 13.61
N ALA B 417 -18.92 29.53 12.93
CA ALA B 417 -17.46 29.50 12.86
C ALA B 417 -16.81 29.92 14.17
N ILE B 418 -15.73 29.24 14.54
CA ILE B 418 -14.98 29.52 15.77
C ILE B 418 -13.48 29.46 15.53
N ARG B 419 -12.73 29.91 16.52
CA ARG B 419 -11.27 29.94 16.50
C ARG B 419 -10.75 29.03 17.59
N ILE B 420 -9.60 28.41 17.35
CA ILE B 420 -8.97 27.55 18.33
C ILE B 420 -7.52 28.00 18.46
N THR B 421 -7.07 28.21 19.70
CA THR B 421 -5.69 28.57 19.97
C THR B 421 -4.86 27.31 20.18
N LYS B 422 -3.53 27.49 20.13
CA LYS B 422 -2.58 26.40 20.33
C LYS B 422 -2.74 25.71 21.69
N ASN B 423 -2.90 26.53 22.72
CA ASN B 423 -3.08 26.05 24.09
C ASN B 423 -4.38 25.29 24.32
N GLN B 424 -5.37 25.49 23.46
CA GLN B 424 -6.57 24.66 23.52
C GLN B 424 -6.38 23.30 22.85
N VAL B 425 -5.22 23.08 22.23
CA VAL B 425 -4.96 21.81 21.58
C VAL B 425 -4.00 20.90 22.34
N SER B 426 -2.81 21.39 22.63
CA SER B 426 -1.78 20.54 23.24
C SER B 426 -0.59 21.37 23.64
N GLN B 427 0.05 20.98 24.73
CA GLN B 427 1.36 21.54 25.13
C GLN B 427 2.53 20.87 24.43
N LEU B 428 2.28 19.82 23.64
CA LEU B 428 3.35 19.12 22.91
C LEU B 428 3.59 19.70 21.52
N LEU B 429 3.01 20.86 21.23
CA LEU B 429 3.16 21.49 19.95
C LEU B 429 4.39 22.38 19.96
N PRO B 430 4.91 22.77 18.79
CA PRO B 430 6.08 23.67 18.70
C PRO B 430 5.83 25.00 19.41
N GLU B 431 6.85 25.58 20.05
CA GLU B 431 6.73 26.96 20.56
C GLU B 431 7.07 28.01 19.51
N LYS B 432 7.87 27.62 18.51
CA LYS B 432 8.19 28.47 17.37
C LYS B 432 7.81 27.77 16.07
N PHE B 433 7.56 28.56 15.03
CA PHE B 433 7.08 28.03 13.76
C PHE B 433 8.02 28.32 12.59
N ALA B 434 9.22 28.84 12.88
CA ALA B 434 10.23 29.12 11.89
C ALA B 434 11.64 28.97 12.46
N GLU B 435 12.57 28.53 11.59
CA GLU B 435 13.98 28.40 11.94
C GLU B 435 14.84 28.43 10.69
N GLN B 436 16.14 28.56 10.86
CA GLN B 436 17.06 28.50 9.75
C GLN B 436 18.09 27.40 9.93
N LEU B 437 18.43 26.73 8.84
CA LEU B 437 19.52 25.77 8.82
C LEU B 437 20.57 26.35 7.94
N ILE B 438 21.83 26.17 8.34
CA ILE B 438 22.97 26.55 7.53
C ILE B 438 23.75 25.31 7.22
N ARG B 439 23.88 24.99 5.94
CA ARG B 439 24.76 23.94 5.48
C ARG B 439 25.98 24.53 4.80
N VAL B 440 27.14 23.93 5.09
CA VAL B 440 28.38 24.34 4.48
C VAL B 440 28.95 23.16 3.73
N TYR B 441 29.41 23.46 2.52
CA TYR B 441 30.06 22.51 1.67
C TYR B 441 31.39 23.06 1.19
N CYS B 442 32.27 22.15 0.77
CA CYS B 442 33.59 22.53 0.27
C CYS B 442 33.73 22.04 -1.16
N LYS B 443 34.20 22.93 -2.04
CA LYS B 443 34.41 22.57 -3.45
C LYS B 443 35.70 21.83 -3.69
N LYS B 444 36.64 21.86 -2.74
CA LYS B 444 37.84 21.03 -2.78
C LYS B 444 37.59 19.75 -1.99
N VAL B 445 37.73 18.64 -2.68
CA VAL B 445 37.19 17.38 -2.18
C VAL B 445 38.24 16.43 -1.67
N ASP B 446 39.51 16.76 -1.82
CA ASP B 446 40.58 15.91 -1.30
C ASP B 446 40.58 15.86 0.22
N ARG B 447 41.24 14.83 0.76
CA ARG B 447 41.19 14.56 2.20
C ARG B 447 41.72 15.73 3.03
N LYS B 448 42.78 16.39 2.60
CA LYS B 448 43.37 17.45 3.40
C LYS B 448 42.53 18.70 3.36
N SER B 449 41.94 19.01 2.20
CA SER B 449 41.06 20.18 2.09
C SER B 449 39.81 20.00 2.98
N LEU B 450 39.29 18.79 2.99
CA LEU B 450 38.09 18.54 3.72
C LEU B 450 38.33 18.59 5.20
N TYR B 451 39.47 18.07 5.63
CA TYR B 451 39.87 18.17 7.05
C TYR B 451 39.93 19.63 7.44
N ALA B 452 40.53 20.44 6.59
CA ALA B 452 40.72 21.86 6.87
C ALA B 452 39.38 22.57 6.89
N ALA B 453 38.54 22.24 5.89
CA ALA B 453 37.17 22.82 5.81
C ALA B 453 36.36 22.59 7.09
N ARG B 454 36.50 21.42 7.66
CA ARG B 454 35.87 21.09 8.91
C ARG B 454 36.34 21.99 10.06
N GLN B 455 37.63 22.29 10.11
CA GLN B 455 38.17 23.12 11.19
C GLN B 455 37.68 24.55 11.04
N TYR B 456 37.73 25.09 9.82
CA TYR B 456 37.20 26.41 9.57
C TYR B 456 35.73 26.53 9.97
N PHE B 457 34.95 25.53 9.56
CA PHE B 457 33.51 25.52 9.74
C PHE B 457 33.18 25.54 11.20
N VAL B 458 33.75 24.59 11.97
CA VAL B 458 33.44 24.56 13.37
C VAL B 458 33.92 25.78 14.11
N GLN B 459 35.03 26.34 13.69
CA GLN B 459 35.57 27.57 14.27
C GLN B 459 34.62 28.73 14.02
N TRP B 460 34.13 28.80 12.79
CA TRP B 460 33.12 29.80 12.41
C TRP B 460 31.84 29.68 13.22
N CYS B 461 31.39 28.43 13.46
CA CYS B 461 30.19 28.22 14.28
C CYS B 461 30.41 28.78 15.69
N ALA B 462 31.57 28.45 16.26
CA ALA B 462 31.96 28.94 17.58
C ALA B 462 32.04 30.45 17.60
N ASP B 463 32.74 31.05 16.65
CA ASP B 463 32.82 32.52 16.56
C ASP B 463 31.44 33.18 16.45
N ARG B 464 30.50 32.58 15.73
CA ARG B 464 29.21 33.21 15.52
C ARG B 464 28.19 32.82 16.56
N ASN B 465 28.59 31.95 17.48
CA ASN B 465 27.71 31.44 18.51
C ASN B 465 26.49 30.68 17.94
N PHE B 466 26.73 29.96 16.86
CA PHE B 466 25.76 29.06 16.27
C PHE B 466 25.75 27.77 17.08
N THR B 467 24.82 26.88 16.80
CA THR B 467 24.74 25.65 17.55
C THR B 467 25.90 24.75 17.16
N LYS B 468 26.29 23.90 18.09
CA LYS B 468 27.32 22.94 17.86
C LYS B 468 26.89 21.91 16.84
N PRO B 469 27.64 21.77 15.73
CA PRO B 469 27.38 20.67 14.86
C PRO B 469 27.35 19.35 15.60
N GLN B 470 26.48 18.46 15.15
CA GLN B 470 26.26 17.21 15.83
C GLN B 470 27.52 16.37 15.97
N ASP B 471 28.37 16.36 14.92
CA ASP B 471 29.62 15.58 14.92
C ASP B 471 30.85 16.46 15.26
N GLY B 472 30.62 17.66 15.78
CA GLY B 472 31.67 18.65 16.05
C GLY B 472 32.85 18.11 16.82
N ASP B 473 32.57 17.38 17.88
CA ASP B 473 33.64 16.82 18.72
C ASP B 473 34.51 15.79 17.98
N VAL B 474 33.92 15.10 16.98
CA VAL B 474 34.62 14.14 16.20
C VAL B 474 35.40 14.78 15.05
N ILE B 475 34.79 15.70 14.31
CA ILE B 475 35.45 16.29 13.16
C ILE B 475 36.49 17.38 13.55
N ALA B 476 36.30 18.01 14.71
CA ALA B 476 37.15 19.11 15.15
C ALA B 476 37.39 19.06 16.67
N PRO B 477 37.99 18.00 17.17
CA PRO B 477 38.22 17.83 18.60
C PRO B 477 39.10 18.94 19.21
N LEU B 478 39.97 19.53 18.40
CA LEU B 478 40.80 20.62 18.93
C LEU B 478 40.10 21.98 19.01
N ILE B 479 38.97 22.12 18.31
CA ILE B 479 38.25 23.36 18.24
C ILE B 479 37.12 23.46 19.25
N THR B 480 36.38 22.38 19.44
CA THR B 480 35.15 22.42 20.26
C THR B 480 35.36 22.77 21.75
N PRO B 481 36.53 22.41 22.33
CA PRO B 481 36.70 22.66 23.78
C PRO B 481 36.77 24.12 24.15
N GLN B 482 37.14 25.02 23.24
CA GLN B 482 37.22 26.48 23.51
C GLN B 482 35.88 27.09 23.94
N LYS B 483 34.80 26.43 23.56
CA LYS B 483 33.45 26.97 23.71
C LYS B 483 32.75 26.28 24.86
N LYS B 484 32.71 26.95 26.01
CA LYS B 484 32.16 26.37 27.27
C LYS B 484 30.73 25.87 27.10
N GLU B 485 29.96 26.68 26.40
CA GLU B 485 28.57 26.43 26.07
C GLU B 485 28.33 25.05 25.48
N TRP B 486 29.29 24.60 24.67
CA TRP B 486 29.21 23.25 24.06
C TRP B 486 29.74 22.11 25.01
N ASN B 487 30.51 22.52 25.99
CA ASN B 487 31.39 21.67 26.79
C ASN B 487 32.94 21.72 26.55
N ASP C 1 36.23 3.85 0.57
CA ASP C 1 34.85 3.56 0.13
C ASP C 1 34.19 2.56 1.08
N THR C 2 32.98 2.87 1.55
CA THR C 2 32.14 1.86 2.20
C THR C 2 30.77 1.77 1.51
N MET C 3 29.94 0.84 1.98
CA MET C 3 28.66 0.51 1.34
C MET C 3 27.65 1.71 1.40
N LYS C 4 26.91 1.89 0.32
CA LYS C 4 25.88 2.90 0.29
C LYS C 4 24.50 2.29 0.46
N VAL C 5 23.60 3.07 1.03
CA VAL C 5 22.18 2.70 1.11
C VAL C 5 21.40 3.57 0.18
N ILE C 6 20.51 2.96 -0.58
CA ILE C 6 19.57 3.66 -1.41
C ILE C 6 18.16 3.30 -1.01
N ASN C 7 17.28 4.31 -0.95
CA ASN C 7 15.89 4.06 -0.64
C ASN C 7 15.08 3.97 -1.91
N ASP C 8 14.53 2.79 -2.14
CA ASP C 8 13.71 2.49 -3.30
C ASP C 8 12.26 2.31 -2.84
N PRO C 9 11.33 2.93 -3.50
CA PRO C 9 9.91 2.69 -3.13
C PRO C 9 9.44 1.27 -3.26
N ILE C 10 10.05 0.46 -4.09
CA ILE C 10 9.59 -0.94 -4.22
C ILE C 10 10.24 -1.86 -3.19
N HIS C 11 11.55 -1.75 -3.00
CA HIS C 11 12.27 -2.71 -2.21
C HIS C 11 12.72 -2.15 -0.88
N GLY C 12 12.57 -0.88 -0.62
CA GLY C 12 13.02 -0.32 0.64
C GLY C 12 14.45 0.10 0.57
N HIS C 13 15.16 0.03 1.69
CA HIS C 13 16.60 0.35 1.75
C HIS C 13 17.41 -0.80 1.24
N ILE C 14 18.10 -0.58 0.13
CA ILE C 14 18.96 -1.49 -0.55
C ILE C 14 20.39 -1.06 -0.21
N GLU C 15 21.25 -2.02 0.16
CA GLU C 15 22.66 -1.78 0.37
C GLU C 15 23.45 -2.07 -0.89
N LEU C 16 24.34 -1.14 -1.24
CA LEU C 16 25.18 -1.34 -2.41
C LEU C 16 26.63 -1.45 -2.02
N HIS C 17 27.25 -2.57 -2.39
CA HIS C 17 28.68 -2.78 -2.19
C HIS C 17 29.49 -1.70 -2.97
N PRO C 18 30.66 -1.29 -2.47
CA PRO C 18 31.40 -0.18 -3.08
C PRO C 18 31.74 -0.38 -4.53
N LEU C 19 31.99 -1.58 -4.93
CA LEU C 19 32.26 -1.88 -6.32
C LEU C 19 31.07 -1.61 -7.21
N LEU C 20 29.88 -1.95 -6.71
CA LEU C 20 28.61 -1.66 -7.42
C LEU C 20 28.43 -0.16 -7.54
N VAL C 21 28.72 0.56 -6.48
CA VAL C 21 28.64 2.02 -6.52
C VAL C 21 29.54 2.59 -7.66
N ARG C 22 30.74 2.02 -7.77
CA ARG C 22 31.67 2.47 -8.78
C ARG C 22 31.17 2.22 -10.19
N ILE C 23 30.57 1.07 -10.41
CA ILE C 23 29.95 0.79 -11.72
C ILE C 23 28.77 1.72 -12.03
N ILE C 24 27.99 2.02 -11.00
CA ILE C 24 26.77 2.81 -11.15
C ILE C 24 27.10 4.27 -11.47
N ASP C 25 28.16 4.76 -10.86
CA ASP C 25 28.54 6.16 -11.01
C ASP C 25 29.43 6.39 -12.22
N THR C 26 28.92 6.00 -13.38
CA THR C 26 29.57 6.19 -14.67
C THR C 26 28.51 6.68 -15.68
N PRO C 27 28.96 7.40 -16.70
CA PRO C 27 28.05 7.90 -17.74
C PRO C 27 27.28 6.80 -18.42
N GLN C 28 27.89 5.62 -18.52
CA GLN C 28 27.26 4.51 -19.21
C GLN C 28 26.03 3.99 -18.45
N PHE C 29 26.10 4.01 -17.14
CA PHE C 29 25.03 3.54 -16.31
C PHE C 29 24.01 4.65 -16.05
N GLN C 30 24.52 5.84 -15.77
CA GLN C 30 23.64 6.96 -15.42
C GLN C 30 22.76 7.40 -16.56
N ARG C 31 23.18 7.00 -17.75
CA ARG C 31 22.39 7.15 -18.97
C ARG C 31 20.96 6.63 -18.81
N LEU C 32 20.82 5.55 -18.04
CA LEU C 32 19.55 4.88 -17.88
C LEU C 32 18.52 5.71 -17.16
N ARG C 33 18.93 6.81 -16.56
CA ARG C 33 18.02 7.77 -15.98
C ARG C 33 17.21 8.50 -17.03
N TYR C 34 17.64 8.46 -18.27
CA TYR C 34 17.03 9.26 -19.31
C TYR C 34 16.36 8.36 -20.34
N ILE C 35 16.05 7.14 -19.95
CA ILE C 35 15.33 6.19 -20.79
C ILE C 35 14.13 5.61 -20.01
N LYS C 36 12.92 5.96 -20.44
CA LYS C 36 11.70 5.48 -19.80
C LYS C 36 11.57 3.98 -19.95
N GLN C 37 11.27 3.34 -18.83
CA GLN C 37 11.03 1.92 -18.78
C GLN C 37 9.94 1.48 -19.74
N LEU C 38 8.83 2.21 -19.80
CA LEU C 38 7.68 1.80 -20.58
C LEU C 38 7.47 2.53 -21.90
N GLY C 39 8.49 3.28 -22.33
CA GLY C 39 8.42 4.07 -23.54
C GLY C 39 7.19 4.99 -23.65
N GLY C 40 6.42 4.80 -24.72
CA GLY C 40 5.21 5.54 -24.98
C GLY C 40 4.07 5.28 -23.99
N GLY C 41 4.22 4.24 -23.17
CA GLY C 41 3.25 3.98 -22.08
C GLY C 41 2.96 5.15 -21.18
N TYR C 42 3.93 6.00 -20.90
CA TYR C 42 3.79 7.21 -20.10
C TYR C 42 2.79 8.17 -20.66
N TYR C 43 2.58 8.11 -21.98
CA TYR C 43 1.60 8.98 -22.66
C TYR C 43 0.18 8.46 -22.51
N VAL C 44 0.01 7.26 -21.91
CA VAL C 44 -1.29 6.73 -21.55
C VAL C 44 -1.51 6.53 -20.05
N PHE C 45 -0.44 6.12 -19.37
CA PHE C 45 -0.42 5.93 -17.94
C PHE C 45 0.52 6.98 -17.35
N PRO C 46 -0.03 8.08 -16.88
CA PRO C 46 0.81 9.16 -16.38
C PRO C 46 1.63 8.89 -15.12
N GLY C 47 1.41 7.78 -14.46
CA GLY C 47 2.25 7.40 -13.34
C GLY C 47 3.52 6.77 -13.81
N ALA C 48 3.59 6.32 -15.07
CA ALA C 48 4.75 5.57 -15.57
C ALA C 48 5.85 6.47 -16.10
N SER C 49 6.35 7.30 -15.19
CA SER C 49 7.46 8.21 -15.40
C SER C 49 8.80 7.51 -15.13
N HIS C 50 8.77 6.29 -14.60
CA HIS C 50 9.99 5.60 -14.21
C HIS C 50 10.89 5.21 -15.36
N ASN C 51 12.18 5.19 -15.02
CA ASN C 51 13.24 4.96 -15.98
C ASN C 51 13.99 3.66 -15.72
N ARG C 52 14.79 3.26 -16.71
CA ARG C 52 15.53 2.00 -16.63
C ARG C 52 16.53 1.98 -15.48
N PHE C 53 17.02 3.14 -15.08
CA PHE C 53 17.96 3.23 -13.99
C PHE C 53 17.53 2.57 -12.70
N GLU C 54 16.37 2.98 -12.21
CA GLU C 54 15.85 2.46 -10.97
C GLU C 54 15.43 1.01 -11.10
N HIS C 55 14.97 0.56 -12.26
CA HIS C 55 14.70 -0.82 -12.46
C HIS C 55 15.99 -1.65 -12.35
N SER C 56 17.10 -1.15 -12.87
CA SER C 56 18.35 -1.87 -12.87
C SER C 56 18.85 -2.05 -11.46
N LEU C 57 18.72 -1.01 -10.63
CA LEU C 57 19.05 -1.14 -9.20
C LEU C 57 18.27 -2.25 -8.58
N GLY C 58 16.97 -2.34 -8.88
CA GLY C 58 16.12 -3.34 -8.30
C GLY C 58 16.48 -4.74 -8.71
N VAL C 59 16.77 -4.91 -10.01
CA VAL C 59 17.20 -6.20 -10.51
C VAL C 59 18.50 -6.65 -9.86
N GLY C 60 19.47 -5.71 -9.73
CA GLY C 60 20.71 -5.99 -9.05
C GLY C 60 20.48 -6.36 -7.59
N TYR C 61 19.61 -5.64 -6.90
CA TYR C 61 19.26 -6.00 -5.55
C TYR C 61 18.64 -7.37 -5.44
N LEU C 62 17.65 -7.66 -6.26
CA LEU C 62 16.98 -8.96 -6.10
C LEU C 62 17.89 -10.12 -6.44
N ALA C 63 18.75 -9.92 -7.42
CA ALA C 63 19.72 -10.95 -7.82
C ALA C 63 20.60 -11.32 -6.63
N GLY C 64 21.08 -10.30 -5.92
CA GLY C 64 21.76 -10.50 -4.66
C GLY C 64 20.97 -11.20 -3.58
N CYS C 65 19.69 -10.84 -3.41
CA CYS C 65 18.85 -11.51 -2.44
C CYS C 65 18.75 -12.98 -2.72
N LEU C 66 18.54 -13.38 -3.96
CA LEU C 66 18.30 -14.77 -4.24
C LEU C 66 19.57 -15.57 -4.01
N VAL C 67 20.68 -15.09 -4.53
CA VAL C 67 21.96 -15.81 -4.40
C VAL C 67 22.37 -15.90 -2.90
N HIS C 68 22.16 -14.83 -2.14
N HIS C 68 22.15 -14.83 -2.14
CA HIS C 68 22.40 -14.85 -0.69
CA HIS C 68 22.41 -14.87 -0.70
C HIS C 68 21.51 -15.87 0.00
C HIS C 68 21.51 -15.88 0.01
N ALA C 69 20.21 -15.85 -0.29
CA ALA C 69 19.27 -16.81 0.28
C ALA C 69 19.71 -18.27 0.04
N LEU C 70 20.13 -18.57 -1.17
CA LEU C 70 20.51 -19.95 -1.51
C LEU C 70 21.79 -20.37 -0.75
N GLY C 71 22.75 -19.44 -0.64
CA GLY C 71 23.97 -19.69 0.09
C GLY C 71 23.73 -19.92 1.56
N GLU C 72 22.80 -19.17 2.16
CA GLU C 72 22.47 -19.34 3.55
C GLU C 72 21.77 -20.67 3.85
N LYS C 73 20.87 -21.09 3.00
CA LYS C 73 20.18 -22.37 3.19
C LYS C 73 21.11 -23.56 2.91
N GLN C 74 22.00 -23.44 1.93
CA GLN C 74 22.83 -24.53 1.42
C GLN C 74 24.29 -24.11 1.33
N PRO C 75 24.97 -24.08 2.48
CA PRO C 75 26.40 -23.76 2.51
C PRO C 75 27.23 -24.70 1.66
N GLU C 76 26.76 -25.92 1.48
CA GLU C 76 27.47 -26.90 0.68
C GLU C 76 27.64 -26.50 -0.77
N LEU C 77 26.93 -25.45 -1.20
CA LEU C 77 27.08 -24.97 -2.59
C LEU C 77 28.36 -24.19 -2.78
N GLN C 78 28.96 -23.70 -1.69
CA GLN C 78 30.21 -22.94 -1.75
C GLN C 78 30.06 -21.66 -2.59
N ILE C 79 28.94 -20.99 -2.44
CA ILE C 79 28.73 -19.73 -3.11
C ILE C 79 29.64 -18.73 -2.43
N SER C 80 30.49 -18.07 -3.19
CA SER C 80 31.44 -17.09 -2.63
C SER C 80 30.95 -15.65 -2.78
N GLU C 81 31.53 -14.76 -1.97
CA GLU C 81 31.31 -13.30 -2.12
C GLU C 81 31.55 -12.88 -3.54
N ARG C 82 32.55 -13.45 -4.18
CA ARG C 82 32.83 -13.19 -5.55
C ARG C 82 31.65 -13.52 -6.51
N ASP C 83 31.06 -14.71 -6.28
CA ASP C 83 29.88 -15.14 -7.02
C ASP C 83 28.74 -14.13 -6.82
N VAL C 84 28.48 -13.74 -5.58
CA VAL C 84 27.44 -12.79 -5.26
C VAL C 84 27.64 -11.48 -6.01
N LEU C 85 28.84 -10.92 -5.95
CA LEU C 85 29.11 -9.66 -6.63
C LEU C 85 28.89 -9.78 -8.14
N CYS C 86 29.31 -10.90 -8.71
CA CYS C 86 29.18 -11.08 -10.11
C CYS C 86 27.72 -11.17 -10.52
N VAL C 87 26.91 -11.83 -9.71
CA VAL C 87 25.50 -11.96 -10.03
C VAL C 87 24.80 -10.59 -9.86
N GLN C 88 25.16 -9.87 -8.83
CA GLN C 88 24.64 -8.51 -8.67
C GLN C 88 24.99 -7.62 -9.87
N ILE C 89 26.22 -7.68 -10.35
CA ILE C 89 26.66 -6.84 -11.45
C ILE C 89 25.91 -7.18 -12.72
N ALA C 90 25.72 -8.47 -12.98
CA ALA C 90 24.94 -8.88 -14.13
C ALA C 90 23.50 -8.35 -14.00
N GLY C 91 22.95 -8.41 -12.81
CA GLY C 91 21.62 -7.86 -12.60
C GLY C 91 21.58 -6.37 -12.88
N LEU C 92 22.53 -5.64 -12.34
CA LEU C 92 22.60 -4.20 -12.56
C LEU C 92 22.73 -3.84 -14.00
N CYS C 93 23.47 -4.66 -14.74
CA CYS C 93 23.90 -4.30 -16.09
C CYS C 93 23.12 -4.96 -17.22
N ARG C 94 22.11 -5.76 -16.94
CA ARG C 94 21.39 -6.37 -18.05
C ARG C 94 20.49 -5.41 -18.82
N ASN C 95 20.24 -4.23 -18.31
CA ASN C 95 19.52 -3.21 -19.06
C ASN C 95 20.36 -2.14 -19.75
N LEU C 96 21.67 -2.22 -19.67
CA LEU C 96 22.55 -1.19 -20.23
C LEU C 96 22.37 -0.95 -21.71
N GLY C 97 21.90 -1.94 -22.48
CA GLY C 97 21.81 -1.79 -23.90
C GLY C 97 20.49 -1.23 -24.44
N HIS C 98 19.59 -0.83 -23.55
CA HIS C 98 18.33 -0.24 -24.01
C HIS C 98 18.54 1.10 -24.66
N GLY C 99 17.69 1.37 -25.67
CA GLY C 99 17.75 2.62 -26.40
C GLY C 99 16.59 3.50 -26.01
N PRO C 100 16.49 4.70 -26.62
CA PRO C 100 15.36 5.59 -26.41
C PRO C 100 13.99 4.86 -26.42
N PHE C 101 13.22 5.10 -25.38
CA PHE C 101 11.88 4.53 -25.24
C PHE C 101 11.89 2.99 -25.16
N SER C 102 13.00 2.43 -24.67
CA SER C 102 13.20 1.03 -24.42
C SER C 102 12.77 0.18 -25.61
N HIS C 103 11.72 -0.61 -25.49
CA HIS C 103 11.42 -1.62 -26.49
C HIS C 103 10.97 -1.07 -27.82
N MET C 104 10.58 0.20 -27.84
CA MET C 104 10.27 0.85 -29.10
C MET C 104 11.51 0.82 -30.03
N PHE C 105 12.69 1.05 -29.44
CA PHE C 105 13.92 1.24 -30.20
C PHE C 105 14.39 -0.06 -30.84
N ASP C 106 14.42 -1.16 -30.07
CA ASP C 106 14.85 -2.42 -30.70
C ASP C 106 13.69 -3.25 -31.26
N GLY C 107 12.47 -2.97 -30.79
CA GLY C 107 11.29 -3.63 -31.30
C GLY C 107 10.66 -3.05 -32.55
N ARG C 108 10.78 -1.75 -32.76
CA ARG C 108 10.18 -1.10 -33.94
C ARG C 108 11.21 -0.36 -34.76
N PHE C 109 12.03 0.51 -34.15
CA PHE C 109 12.85 1.43 -34.92
C PHE C 109 13.99 0.76 -35.66
N ILE C 110 14.82 0.02 -34.96
CA ILE C 110 15.99 -0.59 -35.59
C ILE C 110 15.58 -1.60 -36.65
N PRO C 111 14.56 -2.43 -36.38
CA PRO C 111 14.14 -3.33 -37.46
C PRO C 111 13.75 -2.61 -38.74
N LEU C 112 13.17 -1.41 -38.65
CA LEU C 112 12.77 -0.66 -39.84
C LEU C 112 13.91 0.16 -40.44
N ALA C 113 14.77 0.77 -39.60
CA ALA C 113 15.88 1.55 -40.09
C ALA C 113 17.01 0.71 -40.64
N ARG C 114 17.29 -0.43 -40.01
CA ARG C 114 18.45 -1.26 -40.41
C ARG C 114 17.96 -2.69 -40.52
N PRO C 115 17.14 -2.96 -41.53
CA PRO C 115 16.58 -4.33 -41.64
C PRO C 115 17.60 -5.45 -41.75
N GLU C 116 18.76 -5.14 -42.29
CA GLU C 116 19.82 -6.16 -42.51
C GLU C 116 20.50 -6.59 -41.20
N VAL C 117 20.43 -5.75 -40.16
CA VAL C 117 21.07 -6.05 -38.93
C VAL C 117 20.22 -6.90 -38.02
N LYS C 118 20.86 -7.66 -37.15
CA LYS C 118 20.18 -8.41 -36.12
C LYS C 118 20.64 -7.84 -34.79
N TRP C 119 19.82 -7.00 -34.15
CA TRP C 119 20.23 -6.27 -32.93
C TRP C 119 19.25 -6.50 -31.84
N THR C 120 19.76 -6.59 -30.63
CA THR C 120 18.93 -6.77 -29.46
C THR C 120 19.53 -5.96 -28.34
N HIS C 121 18.68 -5.54 -27.39
CA HIS C 121 19.17 -4.78 -26.25
C HIS C 121 20.21 -5.63 -25.45
N GLU C 122 20.02 -6.95 -25.43
CA GLU C 122 20.94 -7.89 -24.78
C GLU C 122 22.38 -7.76 -25.27
N GLN C 123 22.52 -7.83 -26.60
CA GLN C 123 23.78 -7.58 -27.26
C GLN C 123 24.31 -6.21 -26.94
N GLY C 124 23.42 -5.24 -27.00
CA GLY C 124 23.83 -3.87 -26.65
C GLY C 124 24.34 -3.79 -25.21
N SER C 125 23.74 -4.59 -24.32
CA SER C 125 24.13 -4.53 -22.92
C SER C 125 25.55 -5.00 -22.70
N VAL C 126 25.90 -6.08 -23.40
CA VAL C 126 27.26 -6.63 -23.36
C VAL C 126 28.29 -5.64 -23.89
N MET C 127 27.95 -5.00 -24.99
CA MET C 127 28.85 -4.00 -25.57
C MET C 127 29.01 -2.79 -24.63
N MET C 128 27.91 -2.31 -24.08
CA MET C 128 27.94 -1.18 -23.21
C MET C 128 28.69 -1.54 -21.95
N PHE C 129 28.56 -2.76 -21.53
CA PHE C 129 29.23 -3.20 -20.30
C PHE C 129 30.74 -3.17 -20.45
N GLU C 130 31.20 -3.72 -21.56
CA GLU C 130 32.63 -3.74 -21.91
C GLU C 130 33.14 -2.31 -21.99
N HIS C 131 32.37 -1.43 -22.64
CA HIS C 131 32.71 -0.03 -22.76
C HIS C 131 32.80 0.59 -21.37
N LEU C 132 31.87 0.28 -20.50
CA LEU C 132 31.81 0.86 -19.17
C LEU C 132 33.06 0.49 -18.38
N ILE C 133 33.40 -0.79 -18.41
CA ILE C 133 34.55 -1.31 -17.70
C ILE C 133 35.84 -0.65 -18.19
N ASN C 134 36.03 -0.64 -19.50
CA ASN C 134 37.27 -0.12 -20.08
C ASN C 134 37.39 1.38 -19.94
N SER C 135 36.29 2.10 -20.14
CA SER C 135 36.33 3.55 -20.08
C SER C 135 36.55 4.05 -18.68
N ASN C 136 36.29 3.25 -17.65
CA ASN C 136 36.25 3.79 -16.31
C ASN C 136 37.22 3.16 -15.33
N GLY C 137 38.14 2.33 -15.83
CA GLY C 137 39.13 1.69 -14.96
C GLY C 137 38.52 0.79 -13.90
N ILE C 138 37.51 0.02 -14.28
CA ILE C 138 36.83 -0.82 -13.32
C ILE C 138 37.59 -2.12 -13.01
N LYS C 139 38.34 -2.63 -13.99
CA LYS C 139 39.08 -3.91 -13.80
C LYS C 139 39.95 -3.94 -12.54
N PRO C 140 40.76 -2.90 -12.28
CA PRO C 140 41.57 -2.83 -11.07
C PRO C 140 40.75 -2.85 -9.82
N VAL C 141 39.63 -2.17 -9.84
CA VAL C 141 38.74 -2.13 -8.69
C VAL C 141 38.13 -3.50 -8.43
N MET C 142 37.78 -4.24 -9.49
CA MET C 142 37.28 -5.58 -9.35
C MET C 142 38.35 -6.46 -8.69
N GLU C 143 39.62 -6.32 -9.12
CA GLU C 143 40.68 -7.09 -8.51
C GLU C 143 40.87 -6.74 -7.05
N GLN C 144 40.71 -5.47 -6.74
CA GLN C 144 40.81 -5.04 -5.36
C GLN C 144 39.79 -5.72 -4.43
N TYR C 145 38.66 -6.14 -4.98
CA TYR C 145 37.59 -6.75 -4.17
C TYR C 145 37.51 -8.26 -4.43
N GLY C 146 38.55 -8.82 -5.01
CA GLY C 146 38.65 -10.26 -5.09
C GLY C 146 38.10 -10.91 -6.32
N LEU C 147 37.63 -10.11 -7.26
CA LEU C 147 37.20 -10.67 -8.54
C LEU C 147 38.37 -10.92 -9.44
N ILE C 148 38.20 -11.85 -10.37
CA ILE C 148 39.21 -12.19 -11.37
C ILE C 148 38.67 -11.77 -12.73
N PRO C 149 39.02 -10.56 -13.19
CA PRO C 149 38.39 -9.97 -14.38
C PRO C 149 38.21 -10.89 -15.59
N GLU C 150 39.24 -11.65 -15.95
CA GLU C 150 39.15 -12.55 -17.10
C GLU C 150 37.91 -13.45 -17.01
N GLU C 151 37.86 -14.26 -15.97
CA GLU C 151 36.77 -15.21 -15.79
C GLU C 151 35.45 -14.57 -15.45
N ASP C 152 35.50 -13.53 -14.60
CA ASP C 152 34.29 -12.94 -14.04
C ASP C 152 33.58 -12.03 -15.04
N ILE C 153 34.34 -11.30 -15.87
CA ILE C 153 33.75 -10.52 -16.95
C ILE C 153 33.05 -11.43 -17.94
N CYS C 154 33.66 -12.57 -18.22
CA CYS C 154 33.03 -13.56 -19.07
C CYS C 154 31.73 -14.07 -18.42
N PHE C 155 31.78 -14.39 -17.13
CA PHE C 155 30.62 -14.87 -16.43
C PHE C 155 29.45 -13.87 -16.47
N ILE C 156 29.75 -12.61 -16.20
CA ILE C 156 28.79 -11.55 -16.21
C ILE C 156 28.11 -11.42 -17.57
N LYS C 157 28.89 -11.43 -18.63
CA LYS C 157 28.37 -11.35 -19.96
C LYS C 157 27.51 -12.55 -20.30
N GLU C 158 27.95 -13.74 -19.92
CA GLU C 158 27.18 -14.93 -20.17
C GLU C 158 25.83 -14.94 -19.45
N GLN C 159 25.79 -14.35 -18.25
CA GLN C 159 24.55 -14.21 -17.51
C GLN C 159 23.55 -13.33 -18.24
N ILE C 160 24.07 -12.36 -19.00
CA ILE C 160 23.22 -11.41 -19.71
C ILE C 160 22.72 -11.98 -21.03
N VAL C 161 23.62 -12.58 -21.79
CA VAL C 161 23.33 -12.87 -23.18
C VAL C 161 23.38 -14.36 -23.51
N GLY C 162 23.79 -15.18 -22.56
CA GLY C 162 23.90 -16.62 -22.76
C GLY C 162 25.28 -16.97 -23.23
N PRO C 163 25.51 -18.26 -23.58
CA PRO C 163 26.85 -18.72 -24.01
C PRO C 163 27.37 -17.87 -25.18
N LEU C 164 28.60 -17.38 -25.08
CA LEU C 164 29.19 -16.64 -26.19
C LEU C 164 29.67 -17.56 -27.34
N GLU C 165 29.57 -18.88 -27.19
CA GLU C 165 29.27 -19.74 -28.38
C GLU C 165 27.80 -19.49 -28.87
N LEU C 172 27.40 -30.76 -24.18
CA LEU C 172 28.39 -30.15 -23.35
C LEU C 172 27.89 -28.94 -22.56
N TRP C 173 28.59 -28.66 -21.46
CA TRP C 173 28.52 -27.36 -20.72
C TRP C 173 29.06 -26.18 -21.57
N PRO C 174 28.16 -25.28 -22.03
CA PRO C 174 28.56 -24.26 -22.99
C PRO C 174 29.10 -22.96 -22.38
N TYR C 175 29.16 -22.88 -21.05
CA TYR C 175 29.59 -21.69 -20.37
C TYR C 175 31.03 -21.81 -19.88
N LYS C 176 31.74 -20.69 -19.91
CA LYS C 176 33.13 -20.66 -19.51
C LYS C 176 33.35 -19.88 -18.17
N GLY C 177 32.42 -19.03 -17.78
CA GLY C 177 32.63 -18.18 -16.64
C GLY C 177 32.49 -18.94 -15.34
N ARG C 178 31.68 -20.00 -15.34
CA ARG C 178 31.58 -20.88 -14.17
C ARG C 178 31.34 -22.30 -14.66
N PRO C 179 31.70 -23.30 -13.84
CA PRO C 179 31.48 -24.72 -14.17
C PRO C 179 30.07 -25.19 -13.82
N GLU C 180 29.75 -26.45 -14.12
CA GLU C 180 28.38 -26.98 -13.96
C GLU C 180 27.95 -27.00 -12.51
N ASN C 181 28.88 -27.14 -11.58
CA ASN C 181 28.51 -27.17 -10.20
C ASN C 181 27.94 -25.79 -9.75
N LYS C 182 28.15 -24.73 -10.56
CA LYS C 182 27.56 -23.43 -10.31
C LYS C 182 26.50 -23.01 -11.37
N SER C 183 25.96 -24.00 -12.06
CA SER C 183 24.97 -23.78 -13.11
C SER C 183 23.76 -22.96 -12.69
N PHE C 184 23.32 -23.17 -11.47
CA PHE C 184 22.18 -22.47 -10.92
C PHE C 184 22.37 -20.96 -10.91
N LEU C 185 23.61 -20.49 -10.89
CA LEU C 185 23.86 -19.06 -10.92
C LEU C 185 23.41 -18.39 -12.18
N TYR C 186 23.40 -19.18 -13.25
CA TYR C 186 22.96 -18.67 -14.56
C TYR C 186 21.44 -18.55 -14.67
N GLU C 187 20.69 -18.97 -13.66
CA GLU C 187 19.25 -18.95 -13.70
C GLU C 187 18.65 -17.73 -12.96
N ILE C 188 19.51 -16.88 -12.40
CA ILE C 188 19.05 -15.77 -11.59
C ILE C 188 18.67 -14.49 -12.36
N VAL C 189 19.55 -13.99 -13.20
CA VAL C 189 19.40 -12.67 -13.78
C VAL C 189 18.62 -12.73 -15.08
N SER C 190 18.97 -13.70 -15.92
CA SER C 190 18.30 -13.84 -17.20
C SER C 190 18.17 -15.33 -17.50
N ASN C 191 17.00 -15.87 -17.19
CA ASN C 191 16.81 -17.30 -17.21
C ASN C 191 16.39 -17.78 -18.59
N LYS C 192 17.36 -18.32 -19.32
CA LYS C 192 17.10 -18.75 -20.70
C LYS C 192 16.30 -20.04 -20.79
N ARG C 193 16.24 -20.81 -19.70
CA ARG C 193 15.55 -22.08 -19.70
C ARG C 193 14.02 -21.93 -19.66
N ASN C 194 13.52 -21.04 -18.81
CA ASN C 194 12.08 -20.90 -18.59
C ASN C 194 11.61 -19.47 -18.29
N GLY C 195 12.50 -18.48 -18.22
CA GLY C 195 12.13 -17.07 -18.08
C GLY C 195 11.87 -16.62 -16.65
N ILE C 196 12.05 -17.50 -15.68
CA ILE C 196 11.76 -17.16 -14.32
C ILE C 196 13.03 -16.56 -13.70
N ASP C 197 13.08 -15.22 -13.64
CA ASP C 197 14.25 -14.53 -13.18
C ASP C 197 13.92 -13.23 -12.46
N VAL C 198 14.93 -12.62 -11.85
CA VAL C 198 14.70 -11.48 -10.98
C VAL C 198 14.31 -10.22 -11.76
N ASP C 199 14.56 -10.24 -13.06
CA ASP C 199 14.22 -9.11 -13.90
C ASP C 199 12.69 -8.90 -13.95
N LYS C 200 11.98 -9.99 -14.18
CA LYS C 200 10.51 -9.99 -14.12
C LYS C 200 10.00 -9.54 -12.77
N TRP C 201 10.63 -10.04 -11.73
CA TRP C 201 10.13 -9.75 -10.43
C TRP C 201 10.17 -8.29 -10.14
N ASP C 202 11.23 -7.64 -10.54
CA ASP C 202 11.30 -6.23 -10.28
C ASP C 202 10.34 -5.46 -11.15
N TYR C 203 10.23 -5.79 -12.45
CA TYR C 203 9.34 -5.02 -13.25
C TYR C 203 7.89 -5.18 -12.91
N PHE C 204 7.47 -6.38 -12.56
CA PHE C 204 6.08 -6.62 -12.09
C PHE C 204 5.73 -5.64 -10.97
N ALA C 205 6.58 -5.62 -9.96
CA ALA C 205 6.35 -4.83 -8.78
C ALA C 205 6.47 -3.33 -9.10
N ARG C 206 7.51 -2.96 -9.85
CA ARG C 206 7.75 -1.54 -10.09
C ARG C 206 6.75 -0.97 -11.10
N ASP C 207 6.49 -1.70 -12.17
CA ASP C 207 5.54 -1.23 -13.18
C ASP C 207 4.19 -1.06 -12.51
N CYS C 208 3.76 -2.03 -11.71
CA CYS C 208 2.46 -1.97 -11.07
C CYS C 208 2.33 -0.76 -10.12
N HIS C 209 3.35 -0.52 -9.32
CA HIS C 209 3.43 0.63 -8.47
C HIS C 209 3.23 1.98 -9.20
N HIS C 210 3.79 2.06 -10.39
CA HIS C 210 3.71 3.25 -11.18
C HIS C 210 2.47 3.32 -12.08
N LEU C 211 2.02 2.19 -12.58
CA LEU C 211 0.88 2.18 -13.45
C LEU C 211 -0.42 2.44 -12.76
N GLY C 212 -0.47 2.04 -11.49
CA GLY C 212 -1.72 2.05 -10.77
C GLY C 212 -2.51 0.77 -11.02
N ILE C 213 -1.84 -0.36 -11.15
CA ILE C 213 -2.46 -1.64 -11.26
C ILE C 213 -1.75 -2.52 -10.27
N GLN C 214 -2.45 -3.41 -9.62
CA GLN C 214 -1.91 -4.14 -8.50
C GLN C 214 -1.24 -5.46 -8.97
N ASN C 215 -0.09 -5.74 -8.37
CA ASN C 215 0.72 -6.92 -8.71
C ASN C 215 0.33 -8.16 -7.89
N ASN C 216 0.06 -9.26 -8.57
CA ASN C 216 -0.40 -10.53 -7.93
C ASN C 216 0.72 -11.56 -7.54
N PHE C 217 1.92 -11.37 -8.04
CA PHE C 217 3.02 -12.32 -7.79
C PHE C 217 3.91 -11.97 -6.60
N ASP C 218 4.17 -12.96 -5.74
CA ASP C 218 4.97 -12.78 -4.53
C ASP C 218 6.39 -13.42 -4.66
N TYR C 219 7.34 -12.62 -5.10
CA TYR C 219 8.68 -13.12 -5.35
C TYR C 219 9.40 -13.44 -4.04
N LYS C 220 9.14 -12.68 -2.99
CA LYS C 220 9.75 -12.96 -1.68
C LYS C 220 9.39 -14.38 -1.22
N ARG C 221 8.15 -14.78 -1.47
CA ARG C 221 7.73 -16.11 -1.10
C ARG C 221 8.56 -17.08 -1.92
N PHE C 222 8.68 -16.83 -3.20
CA PHE C 222 9.37 -17.73 -4.09
C PHE C 222 10.83 -17.93 -3.63
N ILE C 223 11.49 -16.84 -3.32
CA ILE C 223 12.84 -16.89 -2.80
C ILE C 223 12.91 -17.75 -1.55
N LYS C 224 11.99 -17.59 -0.61
CA LYS C 224 12.01 -18.47 0.55
C LYS C 224 11.91 -19.97 0.27
N PHE C 225 11.21 -20.34 -0.78
CA PHE C 225 10.99 -21.74 -1.06
C PHE C 225 11.93 -22.27 -2.13
N ALA C 226 12.87 -21.46 -2.59
CA ALA C 226 13.77 -21.94 -3.64
C ALA C 226 14.91 -22.76 -3.03
N ARG C 227 15.36 -23.79 -3.75
CA ARG C 227 16.48 -24.65 -3.36
C ARG C 227 17.24 -25.07 -4.59
N VAL C 228 18.48 -25.50 -4.40
CA VAL C 228 19.26 -26.06 -5.49
C VAL C 228 19.29 -27.55 -5.35
N CYS C 229 18.96 -28.24 -6.44
CA CYS C 229 18.98 -29.69 -6.51
C CYS C 229 19.67 -30.13 -7.76
N GLU C 230 20.15 -31.38 -7.77
CA GLU C 230 20.78 -31.94 -8.96
C GLU C 230 19.69 -32.34 -9.96
N VAL C 231 19.85 -31.89 -11.19
CA VAL C 231 18.96 -32.27 -12.29
C VAL C 231 19.88 -32.58 -13.47
N ASP C 232 19.78 -33.79 -14.02
CA ASP C 232 20.59 -34.22 -15.18
C ASP C 232 22.05 -33.77 -15.08
N ASN C 233 22.70 -34.05 -13.95
CA ASN C 233 24.11 -33.69 -13.71
C ASN C 233 24.47 -32.20 -13.71
N GLU C 234 23.44 -31.37 -13.51
CA GLU C 234 23.60 -29.95 -13.23
C GLU C 234 22.94 -29.64 -11.90
N LEU C 235 23.51 -28.66 -11.21
CA LEU C 235 22.86 -28.10 -10.05
C LEU C 235 21.95 -26.93 -10.44
N ARG C 236 20.63 -27.11 -10.31
CA ARG C 236 19.65 -26.12 -10.72
C ARG C 236 18.76 -25.65 -9.58
N ILE C 237 18.22 -24.45 -9.74
CA ILE C 237 17.26 -23.91 -8.80
C ILE C 237 15.94 -24.67 -8.97
N CYS C 238 15.39 -25.16 -7.85
CA CYS C 238 14.09 -25.81 -7.83
C CYS C 238 13.15 -25.09 -6.91
N ALA C 239 11.89 -25.13 -7.27
CA ALA C 239 10.82 -24.53 -6.49
C ALA C 239 10.07 -25.64 -5.75
N ARG C 240 9.51 -25.28 -4.61
CA ARG C 240 8.71 -26.23 -3.86
C ARG C 240 7.48 -26.62 -4.65
N ASP C 241 7.17 -27.92 -4.65
CA ASP C 241 6.10 -28.46 -5.50
C ASP C 241 4.80 -27.66 -5.46
N LYS C 242 4.33 -27.40 -4.25
CA LYS C 242 3.03 -26.77 -4.07
C LYS C 242 2.97 -25.32 -4.60
N GLU C 243 4.14 -24.72 -4.84
CA GLU C 243 4.23 -23.38 -5.41
C GLU C 243 4.02 -23.35 -6.92
N VAL C 244 3.76 -24.50 -7.55
CA VAL C 244 3.57 -24.53 -9.00
C VAL C 244 2.44 -23.60 -9.51
N GLY C 245 1.35 -23.57 -8.75
CA GLY C 245 0.20 -22.69 -9.04
C GLY C 245 0.58 -21.24 -9.09
N ASN C 246 1.37 -20.81 -8.13
CA ASN C 246 1.92 -19.46 -8.09
C ASN C 246 2.78 -19.14 -9.32
N LEU C 247 3.46 -20.14 -9.89
CA LEU C 247 4.21 -19.89 -11.10
C LEU C 247 3.36 -19.73 -12.29
N TYR C 248 2.38 -20.59 -12.46
CA TYR C 248 1.38 -20.37 -13.50
C TYR C 248 0.81 -18.97 -13.40
N ASP C 249 0.47 -18.57 -12.19
CA ASP C 249 -0.08 -17.25 -11.95
C ASP C 249 0.89 -16.14 -12.32
N MET C 250 2.18 -16.35 -12.12
CA MET C 250 3.17 -15.34 -12.46
C MET C 250 3.12 -15.03 -13.97
N PHE C 251 3.00 -16.07 -14.79
CA PHE C 251 2.93 -15.85 -16.22
C PHE C 251 1.61 -15.26 -16.64
N HIS C 252 0.55 -15.64 -15.95
CA HIS C 252 -0.74 -15.08 -16.21
C HIS C 252 -0.71 -13.57 -15.95
N THR C 253 -0.01 -13.18 -14.89
CA THR C 253 0.16 -11.80 -14.49
C THR C 253 0.93 -11.01 -15.56
N ARG C 254 2.00 -11.61 -16.04
CA ARG C 254 2.74 -11.03 -17.12
C ARG C 254 1.90 -10.77 -18.37
N ASN C 255 1.09 -11.74 -18.71
CA ASN C 255 0.19 -11.60 -19.83
C ASN C 255 -0.88 -10.51 -19.65
N SER C 256 -1.40 -10.38 -18.43
CA SER C 256 -2.33 -9.33 -18.08
C SER C 256 -1.74 -7.99 -18.18
N LEU C 257 -0.51 -7.86 -17.74
CA LEU C 257 0.21 -6.58 -17.84
C LEU C 257 0.44 -6.20 -19.30
N HIS C 258 0.79 -7.17 -20.14
CA HIS C 258 0.89 -6.86 -21.56
C HIS C 258 -0.44 -6.40 -22.13
N ARG C 259 -1.51 -7.11 -21.81
CA ARG C 259 -2.85 -6.80 -22.31
C ARG C 259 -3.32 -5.43 -21.85
N ARG C 260 -3.17 -5.14 -20.57
CA ARG C 260 -3.69 -3.92 -20.05
C ARG C 260 -2.79 -2.70 -20.33
N ALA C 261 -1.49 -2.89 -20.26
CA ALA C 261 -0.54 -1.74 -20.25
C ALA C 261 0.49 -1.77 -21.36
N TYR C 262 1.30 -2.79 -21.43
CA TYR C 262 2.45 -2.75 -22.35
C TYR C 262 2.01 -2.76 -23.82
N GLN C 263 0.89 -3.40 -24.11
CA GLN C 263 0.38 -3.40 -25.47
C GLN C 263 -0.91 -2.57 -25.61
N HIS C 264 -1.12 -1.64 -24.68
CA HIS C 264 -2.25 -0.73 -24.80
C HIS C 264 -2.30 -0.13 -26.22
N LYS C 265 -3.45 -0.17 -26.84
CA LYS C 265 -3.63 0.17 -28.26
C LYS C 265 -3.15 1.58 -28.58
N VAL C 266 -3.35 2.49 -27.65
CA VAL C 266 -2.90 3.87 -27.84
C VAL C 266 -1.43 4.05 -27.50
N GLY C 267 -0.95 3.39 -26.44
CA GLY C 267 0.48 3.45 -26.16
C GLY C 267 1.25 2.94 -27.36
N ASN C 268 0.78 1.89 -28.00
CA ASN C 268 1.46 1.34 -29.16
C ASN C 268 1.45 2.27 -30.35
N ILE C 269 0.37 3.00 -30.54
CA ILE C 269 0.27 3.88 -31.72
C ILE C 269 1.19 5.08 -31.48
N ILE C 270 1.31 5.50 -30.23
CA ILE C 270 2.28 6.55 -29.88
C ILE C 270 3.71 6.13 -30.14
N ASP C 271 4.05 4.92 -29.71
CA ASP C 271 5.38 4.33 -30.02
C ASP C 271 5.60 4.31 -31.52
N THR C 272 4.57 3.96 -32.26
CA THR C 272 4.64 3.90 -33.71
C THR C 272 4.87 5.29 -34.31
N MET C 273 4.18 6.29 -33.81
CA MET C 273 4.35 7.65 -34.29
C MET C 273 5.75 8.16 -33.97
N ILE C 274 6.23 7.86 -32.78
CA ILE C 274 7.57 8.28 -32.37
C ILE C 274 8.60 7.62 -33.28
N THR C 275 8.40 6.34 -33.53
CA THR C 275 9.28 5.58 -34.43
C THR C 275 9.33 6.24 -35.82
N ASP C 276 8.16 6.62 -36.32
N ASP C 276 8.16 6.61 -36.32
CA ASP C 276 8.07 7.29 -37.63
CA ASP C 276 8.04 7.26 -37.61
C ASP C 276 8.82 8.62 -37.62
C ASP C 276 8.79 8.61 -37.62
N ALA C 277 8.67 9.40 -36.56
CA ALA C 277 9.44 10.62 -36.47
C ALA C 277 10.94 10.36 -36.45
N PHE C 278 11.38 9.31 -35.77
CA PHE C 278 12.81 8.99 -35.68
C PHE C 278 13.33 8.64 -37.05
N LEU C 279 12.55 7.85 -37.79
CA LEU C 279 12.92 7.48 -39.15
C LEU C 279 13.09 8.71 -40.04
N LYS C 280 12.19 9.68 -39.93
CA LYS C 280 12.27 10.89 -40.69
C LYS C 280 13.38 11.84 -40.26
N ALA C 281 13.88 11.63 -39.08
CA ALA C 281 14.93 12.47 -38.52
C ALA C 281 16.28 11.83 -38.67
N ASP C 282 16.29 10.56 -39.03
CA ASP C 282 17.50 9.74 -38.93
C ASP C 282 18.64 10.24 -39.84
N ASP C 283 18.31 10.86 -40.96
CA ASP C 283 19.29 11.42 -41.89
C ASP C 283 19.96 12.67 -41.37
N TYR C 284 19.30 13.38 -40.43
CA TYR C 284 19.71 14.71 -40.09
C TYR C 284 20.28 14.90 -38.68
N ILE C 285 19.94 14.03 -37.76
CA ILE C 285 20.48 14.13 -36.40
C ILE C 285 21.86 13.54 -36.45
N GLU C 286 22.85 14.20 -35.87
CA GLU C 286 24.18 13.61 -35.78
C GLU C 286 24.61 13.45 -34.31
N ILE C 287 25.16 12.29 -34.00
CA ILE C 287 25.64 12.02 -32.69
C ILE C 287 27.13 11.73 -32.77
N THR C 288 27.89 12.47 -31.96
CA THR C 288 29.33 12.38 -31.98
C THR C 288 29.78 11.20 -31.13
N GLY C 289 30.57 10.35 -31.72
CA GLY C 289 31.14 9.19 -31.04
C GLY C 289 32.67 9.25 -30.90
N ALA C 290 33.28 8.08 -30.93
CA ALA C 290 34.70 7.94 -30.69
C ALA C 290 35.51 8.71 -31.74
N GLY C 291 36.49 9.47 -31.26
CA GLY C 291 37.39 10.24 -32.12
C GLY C 291 36.68 11.35 -32.88
N GLY C 292 35.58 11.86 -32.34
CA GLY C 292 34.81 12.91 -33.03
C GLY C 292 33.93 12.47 -34.21
N LYS C 293 34.01 11.20 -34.60
CA LYS C 293 33.22 10.68 -35.72
C LYS C 293 31.71 10.80 -35.45
N LYS C 294 30.95 11.05 -36.52
CA LYS C 294 29.53 11.36 -36.40
C LYS C 294 28.71 10.16 -36.74
N TYR C 295 27.64 9.93 -35.98
CA TYR C 295 26.76 8.80 -36.20
C TYR C 295 25.34 9.28 -36.29
N ARG C 296 24.48 8.42 -36.83
CA ARG C 296 23.05 8.63 -36.83
C ARG C 296 22.36 7.86 -35.75
N ILE C 297 21.10 8.17 -35.50
CA ILE C 297 20.30 7.45 -34.51
C ILE C 297 20.43 5.95 -34.77
N SER C 298 20.31 5.53 -36.04
CA SER C 298 20.29 4.15 -36.38
C SER C 298 21.69 3.51 -36.40
N THR C 299 22.76 4.31 -36.40
CA THR C 299 24.09 3.76 -36.44
C THR C 299 24.84 3.93 -35.14
N ALA C 300 24.25 4.66 -34.20
CA ALA C 300 24.88 4.88 -32.91
C ALA C 300 25.15 3.59 -32.15
N ILE C 301 24.38 2.57 -32.49
CA ILE C 301 24.59 1.22 -31.95
C ILE C 301 25.92 0.58 -32.30
N ASP C 302 26.60 1.13 -33.29
CA ASP C 302 27.91 0.61 -33.68
C ASP C 302 29.05 1.20 -32.85
N ASP C 303 28.81 2.29 -32.15
CA ASP C 303 29.85 2.89 -31.33
C ASP C 303 29.27 3.21 -29.96
N MET C 304 29.79 2.56 -28.92
CA MET C 304 29.24 2.71 -27.59
C MET C 304 29.42 4.13 -27.04
N GLU C 305 30.46 4.82 -27.45
CA GLU C 305 30.65 6.21 -27.07
C GLU C 305 29.52 7.09 -27.56
N ALA C 306 29.05 6.85 -28.79
CA ALA C 306 27.88 7.53 -29.30
C ALA C 306 26.59 7.04 -28.65
N TYR C 307 26.52 5.70 -28.43
CA TYR C 307 25.31 5.14 -27.90
C TYR C 307 25.02 5.64 -26.45
N THR C 308 26.10 5.89 -25.70
CA THR C 308 26.05 6.49 -24.39
C THR C 308 25.19 7.76 -24.40
N LYS C 309 25.21 8.49 -25.52
CA LYS C 309 24.52 9.79 -25.63
C LYS C 309 23.19 9.69 -26.35
N LEU C 310 22.76 8.48 -26.64
CA LEU C 310 21.48 8.26 -27.28
C LEU C 310 20.41 7.86 -26.28
N THR C 311 19.57 8.81 -25.89
CA THR C 311 18.53 8.60 -24.86
C THR C 311 17.22 9.24 -25.34
N ASP C 312 16.24 9.30 -24.44
CA ASP C 312 14.92 9.86 -24.77
C ASP C 312 15.04 11.31 -25.22
N ASN C 313 16.11 11.95 -24.81
CA ASN C 313 16.45 13.29 -25.26
C ASN C 313 16.29 13.56 -26.75
N ILE C 314 16.54 12.54 -27.57
CA ILE C 314 16.35 12.68 -28.99
C ILE C 314 14.94 13.16 -29.34
N PHE C 315 13.96 12.71 -28.60
CA PHE C 315 12.58 13.13 -28.81
C PHE C 315 12.48 14.65 -28.72
N LEU C 316 13.03 15.22 -27.67
CA LEU C 316 12.94 16.66 -27.46
C LEU C 316 13.84 17.47 -28.41
N GLU C 317 15.00 16.94 -28.72
CA GLU C 317 15.88 17.54 -29.71
C GLU C 317 15.11 17.69 -31.04
N ILE C 318 14.40 16.66 -31.47
CA ILE C 318 13.55 16.79 -32.64
C ILE C 318 12.40 17.77 -32.44
N LEU C 319 11.69 17.69 -31.32
CA LEU C 319 10.52 18.51 -31.08
C LEU C 319 10.88 20.01 -31.07
N TYR C 320 12.00 20.33 -30.47
CA TYR C 320 12.43 21.69 -30.32
C TYR C 320 13.29 22.19 -31.47
N SER C 321 13.54 21.35 -32.47
CA SER C 321 14.45 21.73 -33.59
C SER C 321 13.82 22.85 -34.43
N THR C 322 14.68 23.64 -35.06
CA THR C 322 14.25 24.69 -35.98
C THR C 322 14.67 24.38 -37.41
N ASP C 323 15.62 23.47 -37.57
CA ASP C 323 16.06 23.03 -38.89
C ASP C 323 14.89 22.59 -39.76
N PRO C 324 14.75 23.22 -40.94
CA PRO C 324 13.67 22.86 -41.89
C PRO C 324 13.79 21.42 -42.39
N LYS C 325 14.98 20.82 -42.38
CA LYS C 325 15.12 19.43 -42.74
C LYS C 325 14.32 18.50 -41.83
N LEU C 326 14.17 18.91 -40.58
CA LEU C 326 13.50 18.10 -39.53
C LEU C 326 12.03 18.44 -39.41
N LYS C 327 11.50 19.23 -40.32
CA LYS C 327 10.12 19.65 -40.28
C LYS C 327 9.14 18.49 -40.25
N ASP C 328 9.31 17.47 -41.07
CA ASP C 328 8.34 16.36 -41.11
C ASP C 328 8.38 15.56 -39.81
N ALA C 329 9.57 15.29 -39.30
CA ALA C 329 9.71 14.57 -38.07
C ALA C 329 9.12 15.37 -36.90
N ARG C 330 9.44 16.65 -36.88
CA ARG C 330 8.96 17.55 -35.84
C ARG C 330 7.41 17.63 -35.88
N GLU C 331 6.80 17.61 -37.06
CA GLU C 331 5.35 17.69 -37.16
C GLU C 331 4.65 16.49 -36.59
N ILE C 332 5.24 15.32 -36.74
CA ILE C 332 4.68 14.10 -36.16
C ILE C 332 4.63 14.20 -34.64
N LEU C 333 5.73 14.64 -34.03
CA LEU C 333 5.78 14.80 -32.59
C LEU C 333 4.83 15.89 -32.10
N LYS C 334 4.65 16.95 -32.89
CA LYS C 334 3.69 17.97 -32.51
C LYS C 334 2.26 17.44 -32.52
N GLN C 335 1.97 16.54 -33.43
CA GLN C 335 0.64 15.95 -33.44
C GLN C 335 0.42 15.09 -32.22
N ILE C 336 1.48 14.48 -31.70
CA ILE C 336 1.38 13.77 -30.42
C ILE C 336 0.98 14.75 -29.32
N GLU C 337 1.64 15.89 -29.21
CA GLU C 337 1.38 16.88 -28.18
C GLU C 337 -0.06 17.41 -28.24
N TYR C 338 -0.61 17.60 -29.44
CA TYR C 338 -1.96 18.06 -29.60
C TYR C 338 -2.96 16.90 -29.53
N ARG C 339 -2.43 15.69 -29.39
CA ARG C 339 -3.22 14.48 -29.29
C ARG C 339 -4.05 14.25 -30.55
N ASN C 340 -3.47 14.62 -31.67
N ASN C 340 -3.48 14.63 -31.68
CA ASN C 340 -4.02 14.27 -32.94
CA ASN C 340 -4.05 14.25 -32.96
C ASN C 340 -3.31 13.01 -33.39
C ASN C 340 -3.31 13.00 -33.39
N LEU C 341 -3.69 11.89 -32.78
CA LEU C 341 -3.06 10.59 -33.03
C LEU C 341 -3.76 9.83 -34.15
N PHE C 342 -3.05 8.88 -34.75
CA PHE C 342 -3.69 7.97 -35.65
C PHE C 342 -4.79 7.28 -34.85
N LYS C 343 -5.88 6.96 -35.52
CA LYS C 343 -7.10 6.49 -34.86
C LYS C 343 -7.12 4.97 -34.89
N TYR C 344 -7.46 4.40 -33.75
CA TYR C 344 -7.60 2.97 -33.61
C TYR C 344 -8.91 2.61 -34.27
N VAL C 345 -8.89 1.62 -35.13
CA VAL C 345 -10.09 1.16 -35.83
C VAL C 345 -10.64 -0.06 -35.14
N GLY C 346 -9.77 -1.02 -34.84
CA GLY C 346 -10.22 -2.24 -34.24
C GLY C 346 -9.16 -3.30 -34.10
N GLU C 347 -9.57 -4.44 -33.53
CA GLU C 347 -8.70 -5.55 -33.19
C GLU C 347 -9.36 -6.85 -33.60
N THR C 348 -8.58 -7.82 -34.03
CA THR C 348 -9.06 -9.14 -34.39
C THR C 348 -7.93 -10.15 -34.20
N GLN C 349 -8.24 -11.44 -34.35
CA GLN C 349 -7.23 -12.48 -34.24
C GLN C 349 -7.36 -13.48 -35.36
N PRO C 350 -6.25 -14.12 -35.72
CA PRO C 350 -6.33 -15.23 -36.67
C PRO C 350 -7.10 -16.41 -36.07
N THR C 351 -7.61 -17.26 -36.94
CA THR C 351 -8.39 -18.43 -36.53
C THR C 351 -7.65 -19.70 -36.92
N GLY C 352 -7.92 -20.80 -36.20
CA GLY C 352 -7.30 -22.09 -36.46
C GLY C 352 -5.78 -22.10 -36.35
N GLN C 353 -5.11 -22.66 -37.37
CA GLN C 353 -3.67 -22.78 -37.41
C GLN C 353 -2.99 -21.57 -38.02
N ILE C 354 -3.76 -20.56 -38.39
CA ILE C 354 -3.25 -19.44 -39.20
C ILE C 354 -2.27 -18.63 -38.36
N LYS C 355 -1.08 -18.35 -38.89
CA LYS C 355 -0.10 -17.61 -38.17
C LYS C 355 0.57 -16.60 -39.12
N ILE C 356 0.57 -15.35 -38.74
CA ILE C 356 1.12 -14.32 -39.60
C ILE C 356 2.61 -14.23 -39.38
N LYS C 357 3.36 -14.35 -40.47
CA LYS C 357 4.81 -14.29 -40.42
C LYS C 357 5.29 -12.86 -40.52
N ARG C 358 6.44 -12.61 -39.95
CA ARG C 358 7.05 -11.26 -39.96
C ARG C 358 7.21 -10.65 -41.36
N GLU C 359 7.55 -11.52 -42.30
CA GLU C 359 7.76 -11.09 -43.70
C GLU C 359 6.48 -10.61 -44.36
N ASP C 360 5.31 -10.95 -43.81
CA ASP C 360 4.03 -10.52 -44.33
C ASP C 360 3.44 -9.26 -43.68
N TYR C 361 4.08 -8.72 -42.65
CA TYR C 361 3.58 -7.55 -41.99
C TYR C 361 3.38 -6.35 -42.93
N GLU C 362 4.32 -6.13 -43.85
CA GLU C 362 4.27 -4.99 -44.75
C GLU C 362 3.10 -5.08 -45.74
N SER C 363 2.67 -6.30 -46.10
CA SER C 363 1.61 -6.51 -47.04
C SER C 363 0.19 -6.26 -46.48
N LEU C 364 0.08 -6.12 -45.15
CA LEU C 364 -1.23 -6.11 -44.51
C LEU C 364 -2.05 -4.83 -44.74
N PRO C 365 -1.42 -3.65 -44.65
CA PRO C 365 -2.16 -2.43 -44.97
C PRO C 365 -2.76 -2.46 -46.37
N LYS C 366 -2.00 -2.97 -47.32
CA LYS C 366 -2.46 -3.16 -48.68
C LYS C 366 -3.67 -4.09 -48.74
N GLU C 367 -3.65 -5.19 -47.99
CA GLU C 367 -4.82 -6.08 -47.98
C GLU C 367 -6.06 -5.35 -47.45
N VAL C 368 -5.89 -4.57 -46.41
CA VAL C 368 -7.04 -3.90 -45.80
C VAL C 368 -7.66 -2.95 -46.83
N ALA C 369 -6.80 -2.16 -47.46
CA ALA C 369 -7.23 -1.19 -48.50
C ALA C 369 -7.86 -1.85 -49.72
N SER C 370 -7.54 -3.11 -49.97
CA SER C 370 -8.07 -3.90 -51.11
C SER C 370 -9.39 -4.58 -50.87
N ALA C 371 -9.83 -4.57 -49.62
CA ALA C 371 -11.11 -5.16 -49.29
C ALA C 371 -12.24 -4.34 -49.95
N LYS C 372 -13.35 -4.99 -50.29
CA LYS C 372 -14.42 -4.33 -51.02
C LYS C 372 -15.74 -4.47 -50.30
N PRO C 373 -15.87 -3.72 -49.20
CA PRO C 373 -17.11 -3.78 -48.43
C PRO C 373 -18.28 -3.24 -49.26
N LYS C 374 -19.39 -3.94 -49.30
CA LYS C 374 -20.58 -3.50 -50.11
C LYS C 374 -21.35 -2.43 -49.36
N VAL C 375 -20.78 -1.25 -49.22
CA VAL C 375 -21.36 -0.19 -48.39
C VAL C 375 -21.05 1.10 -49.09
N LEU C 376 -21.93 2.07 -48.95
CA LEU C 376 -21.74 3.34 -49.58
C LEU C 376 -20.71 4.16 -48.83
N LEU C 377 -19.67 4.61 -49.52
CA LEU C 377 -18.57 5.32 -48.89
C LEU C 377 -18.27 6.66 -49.56
N ASP C 378 -18.16 7.72 -48.76
CA ASP C 378 -17.82 9.06 -49.25
C ASP C 378 -16.37 9.13 -49.71
N VAL C 379 -15.46 8.48 -48.95
CA VAL C 379 -14.07 8.43 -49.29
C VAL C 379 -13.61 7.00 -49.55
N LYS C 380 -12.61 6.90 -50.39
CA LYS C 380 -11.88 5.68 -50.61
C LYS C 380 -10.50 5.83 -49.96
N LEU C 381 -10.06 4.80 -49.25
CA LEU C 381 -8.80 4.84 -48.53
C LEU C 381 -7.77 3.99 -49.22
N LYS C 382 -6.52 4.38 -49.04
CA LYS C 382 -5.38 3.71 -49.66
C LYS C 382 -4.54 3.02 -48.61
N ALA C 383 -3.68 2.11 -49.04
CA ALA C 383 -2.80 1.35 -48.13
C ALA C 383 -2.06 2.22 -47.12
N GLU C 384 -1.48 3.30 -47.58
CA GLU C 384 -0.72 4.21 -46.73
C GLU C 384 -1.56 4.87 -45.65
N ASP C 385 -2.89 4.82 -45.75
CA ASP C 385 -3.75 5.36 -44.72
C ASP C 385 -3.92 4.39 -43.51
N PHE C 386 -3.52 3.14 -43.69
CA PHE C 386 -3.69 2.10 -42.67
C PHE C 386 -2.38 1.70 -42.02
N ILE C 387 -2.45 1.52 -40.70
CA ILE C 387 -1.43 0.83 -39.95
C ILE C 387 -1.96 -0.48 -39.39
N VAL C 388 -1.17 -1.55 -39.55
CA VAL C 388 -1.53 -2.83 -39.02
C VAL C 388 -0.44 -3.28 -38.04
N ASP C 389 -0.78 -3.47 -36.78
CA ASP C 389 0.19 -3.81 -35.73
C ASP C 389 -0.11 -5.25 -35.32
N VAL C 390 0.87 -6.13 -35.48
CA VAL C 390 0.67 -7.51 -35.16
C VAL C 390 1.41 -7.78 -33.87
N ILE C 391 0.74 -8.31 -32.84
CA ILE C 391 1.34 -8.56 -31.55
C ILE C 391 1.31 -10.05 -31.22
N ASN C 392 2.50 -10.61 -30.99
CA ASN C 392 2.63 -11.98 -30.51
C ASN C 392 2.60 -12.04 -29.00
N MET C 393 1.54 -12.61 -28.45
CA MET C 393 1.42 -12.78 -27.02
C MET C 393 1.73 -14.21 -26.68
N ASP C 394 2.61 -14.45 -25.71
CA ASP C 394 2.87 -15.82 -25.24
C ASP C 394 3.36 -15.85 -23.78
N TYR C 395 3.68 -17.04 -23.30
CA TYR C 395 4.22 -17.22 -21.95
C TYR C 395 5.75 -17.19 -21.93
N GLY C 396 6.34 -16.56 -22.94
CA GLY C 396 7.77 -16.33 -23.01
C GLY C 396 8.52 -17.38 -23.80
N MET C 397 7.84 -18.44 -24.27
CA MET C 397 8.53 -19.49 -25.01
C MET C 397 7.76 -19.95 -26.26
N GLN C 398 7.25 -18.99 -27.04
CA GLN C 398 6.39 -19.29 -28.17
C GLN C 398 5.24 -20.18 -27.70
N GLU C 399 5.03 -21.31 -28.36
N GLU C 399 5.02 -21.32 -28.37
CA GLU C 399 3.93 -22.22 -28.08
CA GLU C 399 3.90 -22.19 -28.09
C GLU C 399 4.15 -23.06 -26.83
C GLU C 399 4.14 -23.07 -26.84
N LYS C 400 5.37 -23.07 -26.30
CA LYS C 400 5.73 -23.94 -25.17
C LYS C 400 5.35 -23.41 -23.77
N ASN C 401 4.98 -24.35 -22.91
CA ASN C 401 4.62 -24.09 -21.55
C ASN C 401 5.90 -24.04 -20.69
N PRO C 402 6.23 -22.86 -20.18
CA PRO C 402 7.48 -22.74 -19.40
C PRO C 402 7.52 -23.60 -18.12
N ILE C 403 6.34 -23.96 -17.60
CA ILE C 403 6.33 -24.77 -16.36
C ILE C 403 6.78 -26.23 -16.60
N ASP C 404 6.69 -26.68 -17.85
CA ASP C 404 7.33 -27.91 -18.25
C ASP C 404 8.85 -27.87 -18.17
N HIS C 405 9.41 -26.67 -18.08
CA HIS C 405 10.88 -26.51 -17.97
C HIS C 405 11.33 -26.06 -16.59
N VAL C 406 10.49 -26.27 -15.59
CA VAL C 406 10.79 -25.94 -14.21
C VAL C 406 10.94 -27.22 -13.42
N SER C 407 11.89 -27.23 -12.47
CA SER C 407 12.09 -28.35 -11.58
C SER C 407 11.60 -28.02 -10.19
N PHE C 408 11.01 -29.01 -9.53
CA PHE C 408 10.42 -28.86 -8.21
C PHE C 408 11.01 -29.84 -7.21
N TYR C 409 10.76 -29.58 -5.92
CA TYR C 409 11.13 -30.51 -4.86
C TYR C 409 9.98 -30.62 -3.90
N CYS C 410 9.92 -31.72 -3.15
N CYS C 410 9.94 -31.70 -3.13
CA CYS C 410 8.84 -31.93 -2.19
CA CYS C 410 8.87 -31.97 -2.21
C CYS C 410 9.41 -31.97 -0.78
C CYS C 410 9.42 -31.97 -0.78
N LYS C 411 8.58 -31.61 0.20
CA LYS C 411 9.08 -31.45 1.57
C LYS C 411 9.67 -32.76 2.12
N THR C 412 9.10 -33.91 1.73
CA THR C 412 9.62 -35.18 2.27
C THR C 412 11.00 -35.56 1.74
N ALA C 413 11.45 -35.00 0.61
CA ALA C 413 12.79 -35.26 0.03
C ALA C 413 13.33 -34.01 -0.68
N PRO C 414 13.80 -33.03 0.11
CA PRO C 414 14.11 -31.70 -0.44
C PRO C 414 15.27 -31.69 -1.43
N ASN C 415 16.05 -32.77 -1.48
CA ASN C 415 17.15 -32.87 -2.40
C ASN C 415 16.81 -33.55 -3.69
N ARG C 416 15.61 -34.10 -3.78
CA ARG C 416 15.22 -34.81 -4.99
C ARG C 416 14.30 -33.97 -5.88
N ALA C 417 14.85 -33.65 -7.06
CA ALA C 417 14.15 -32.84 -8.05
C ALA C 417 13.07 -33.67 -8.75
N ILE C 418 11.93 -33.07 -9.03
CA ILE C 418 10.83 -33.69 -9.77
C ILE C 418 10.24 -32.74 -10.80
N ARG C 419 9.37 -33.31 -11.64
CA ARG C 419 8.67 -32.60 -12.70
C ARG C 419 7.19 -32.64 -12.40
N ILE C 420 6.47 -31.59 -12.80
CA ILE C 420 5.04 -31.51 -12.62
C ILE C 420 4.42 -31.11 -13.94
N THR C 421 3.41 -31.86 -14.39
CA THR C 421 2.72 -31.55 -15.63
C THR C 421 1.54 -30.66 -15.37
N LYS C 422 1.00 -30.10 -16.43
CA LYS C 422 -0.16 -29.20 -16.36
C LYS C 422 -1.38 -29.88 -15.74
N ASN C 423 -1.64 -31.10 -16.18
CA ASN C 423 -2.78 -31.89 -15.68
C ASN C 423 -2.65 -32.29 -14.21
N GLN C 424 -1.44 -32.30 -13.69
CA GLN C 424 -1.29 -32.50 -12.24
C GLN C 424 -1.59 -31.22 -11.44
N VAL C 425 -1.83 -30.10 -12.12
CA VAL C 425 -2.11 -28.84 -11.41
C VAL C 425 -3.59 -28.46 -11.45
N SER C 426 -4.15 -28.31 -12.64
CA SER C 426 -5.51 -27.83 -12.77
C SER C 426 -5.98 -27.95 -14.20
N GLN C 427 -7.27 -28.20 -14.37
CA GLN C 427 -7.92 -28.12 -15.69
C GLN C 427 -8.38 -26.72 -16.04
N LEU C 428 -8.20 -25.76 -15.14
CA LEU C 428 -8.57 -24.36 -15.43
C LEU C 428 -7.42 -23.55 -16.04
N LEU C 429 -6.36 -24.23 -16.44
CA LEU C 429 -5.21 -23.56 -17.02
C LEU C 429 -5.42 -23.44 -18.53
N PRO C 430 -4.66 -22.56 -19.22
CA PRO C 430 -4.76 -22.39 -20.67
C PRO C 430 -4.48 -23.69 -21.41
N GLU C 431 -5.13 -23.94 -22.55
CA GLU C 431 -4.74 -25.07 -23.41
C GLU C 431 -3.65 -24.71 -24.40
N LYS C 432 -3.53 -23.42 -24.72
CA LYS C 432 -2.47 -22.90 -25.58
C LYS C 432 -1.70 -21.82 -24.83
N PHE C 433 -0.45 -21.59 -25.24
CA PHE C 433 0.41 -20.65 -24.55
C PHE C 433 0.89 -19.50 -25.43
N ALA C 434 0.32 -19.38 -26.65
CA ALA C 434 0.66 -18.34 -27.59
C ALA C 434 -0.52 -17.97 -28.49
N GLU C 435 -0.60 -16.70 -28.86
CA GLU C 435 -1.60 -16.19 -29.78
C GLU C 435 -1.14 -14.90 -30.45
N GLN C 436 -1.87 -14.43 -31.46
CA GLN C 436 -1.56 -13.16 -32.10
C GLN C 436 -2.74 -12.23 -32.09
N LEU C 437 -2.47 -10.96 -31.90
CA LEU C 437 -3.49 -9.90 -31.97
C LEU C 437 -3.13 -9.01 -33.11
N ILE C 438 -4.14 -8.59 -33.86
CA ILE C 438 -3.96 -7.65 -34.95
C ILE C 438 -4.76 -6.41 -34.68
N ARG C 439 -4.07 -5.28 -34.58
CA ARG C 439 -4.70 -3.98 -34.43
C ARG C 439 -4.56 -3.21 -35.71
N VAL C 440 -5.64 -2.55 -36.08
CA VAL C 440 -5.63 -1.68 -37.24
C VAL C 440 -5.97 -0.27 -36.80
N TYR C 441 -5.21 0.65 -37.37
CA TYR C 441 -5.40 2.05 -37.18
C TYR C 441 -5.49 2.77 -38.53
N CYS C 442 -6.10 3.96 -38.51
CA CYS C 442 -6.20 4.78 -39.69
C CYS C 442 -5.51 6.11 -39.46
N LYS C 443 -4.70 6.53 -40.43
CA LYS C 443 -3.98 7.80 -40.34
C LYS C 443 -4.83 8.99 -40.71
N LYS C 444 -5.98 8.78 -41.38
CA LYS C 444 -6.97 9.83 -41.63
C LYS C 444 -8.02 9.79 -40.52
N VAL C 445 -8.13 10.91 -39.84
CA VAL C 445 -8.81 10.92 -38.56
C VAL C 445 -10.17 11.58 -38.59
N ASP C 446 -10.55 12.15 -39.71
CA ASP C 446 -11.89 12.75 -39.86
C ASP C 446 -13.00 11.69 -39.82
N ARG C 447 -14.21 12.14 -39.54
CA ARG C 447 -15.35 11.25 -39.29
C ARG C 447 -15.65 10.33 -40.47
N LYS C 448 -15.57 10.84 -41.69
CA LYS C 448 -15.91 10.04 -42.85
C LYS C 448 -14.84 9.01 -43.15
N SER C 449 -13.57 9.38 -42.98
CA SER C 449 -12.48 8.43 -43.20
C SER C 449 -12.56 7.27 -42.17
N LEU C 450 -12.90 7.61 -40.92
CA LEU C 450 -12.90 6.62 -39.90
C LEU C 450 -14.06 5.66 -40.07
N TYR C 451 -15.20 6.18 -40.47
CA TYR C 451 -16.36 5.34 -40.83
C TYR C 451 -15.96 4.35 -41.92
N ALA C 452 -15.27 4.85 -42.93
CA ALA C 452 -14.86 4.03 -44.04
C ALA C 452 -13.86 2.98 -43.60
N ALA C 453 -12.89 3.42 -42.79
CA ALA C 453 -11.84 2.53 -42.28
C ALA C 453 -12.45 1.34 -41.53
N ARG C 454 -13.50 1.60 -40.78
CA ARG C 454 -14.22 0.56 -40.09
C ARG C 454 -14.87 -0.48 -41.02
N GLN C 455 -15.38 -0.01 -42.16
CA GLN C 455 -16.02 -0.92 -43.09
C GLN C 455 -14.95 -1.78 -43.77
N TYR C 456 -13.86 -1.17 -44.21
CA TYR C 456 -12.77 -1.92 -44.81
C TYR C 456 -12.23 -2.98 -43.87
N PHE C 457 -12.01 -2.58 -42.61
CA PHE C 457 -11.42 -3.43 -41.59
C PHE C 457 -12.28 -4.63 -41.33
N VAL C 458 -13.56 -4.41 -41.05
CA VAL C 458 -14.42 -5.52 -40.81
C VAL C 458 -14.57 -6.45 -42.01
N GLN C 459 -14.59 -5.87 -43.18
CA GLN C 459 -14.67 -6.64 -44.42
C GLN C 459 -13.45 -7.52 -44.58
N TRP C 460 -12.29 -6.93 -44.31
CA TRP C 460 -11.03 -7.67 -44.33
C TRP C 460 -10.99 -8.82 -43.34
N CYS C 461 -11.53 -8.59 -42.13
CA CYS C 461 -11.61 -9.66 -41.13
C CYS C 461 -12.44 -10.83 -41.67
N ALA C 462 -13.59 -10.50 -42.25
CA ALA C 462 -14.49 -11.48 -42.85
C ALA C 462 -13.80 -12.22 -43.98
N ASP C 463 -13.21 -11.48 -44.91
CA ASP C 463 -12.48 -12.12 -46.01
C ASP C 463 -11.35 -13.06 -45.52
N ARG C 464 -10.66 -12.71 -44.44
CA ARG C 464 -9.54 -13.52 -44.00
C ARG C 464 -9.95 -14.58 -43.00
N ASN C 465 -11.22 -14.59 -42.64
CA ASN C 465 -11.72 -15.51 -41.63
C ASN C 465 -11.06 -15.34 -40.25
N PHE C 466 -10.82 -14.08 -39.92
CA PHE C 466 -10.33 -13.70 -38.59
C PHE C 466 -11.55 -13.64 -37.67
N THR C 467 -11.29 -13.47 -36.37
CA THR C 467 -12.39 -13.41 -35.43
C THR C 467 -13.14 -12.10 -35.60
N LYS C 468 -14.41 -12.15 -35.26
CA LYS C 468 -15.26 -10.98 -35.31
C LYS C 468 -14.82 -9.95 -34.28
N PRO C 469 -14.49 -8.73 -34.74
CA PRO C 469 -14.26 -7.68 -33.76
C PRO C 469 -15.41 -7.55 -32.78
N GLN C 470 -15.10 -7.23 -31.55
CA GLN C 470 -16.09 -7.20 -30.48
C GLN C 470 -17.23 -6.23 -30.78
N ASP C 471 -16.91 -5.07 -31.36
CA ASP C 471 -17.91 -4.05 -31.68
C ASP C 471 -18.35 -4.11 -33.17
N GLY C 472 -18.04 -5.21 -33.85
CA GLY C 472 -18.26 -5.36 -35.30
C GLY C 472 -19.69 -5.04 -35.72
N ASP C 473 -20.66 -5.56 -34.97
CA ASP C 473 -22.07 -5.34 -35.31
C ASP C 473 -22.49 -3.89 -35.21
N VAL C 474 -21.81 -3.15 -34.32
CA VAL C 474 -22.12 -1.75 -34.13
C VAL C 474 -21.38 -0.86 -35.15
N ILE C 475 -20.10 -1.10 -35.38
CA ILE C 475 -19.33 -0.26 -36.29
C ILE C 475 -19.61 -0.57 -37.79
N ALA C 476 -20.02 -1.79 -38.08
CA ALA C 476 -20.23 -2.25 -39.46
C ALA C 476 -21.43 -3.20 -39.55
N PRO C 477 -22.63 -2.69 -39.23
CA PRO C 477 -23.81 -3.51 -39.24
C PRO C 477 -24.14 -4.07 -40.64
N LEU C 478 -23.75 -3.37 -41.70
CA LEU C 478 -24.02 -3.87 -43.04
C LEU C 478 -23.06 -4.97 -43.51
N ILE C 479 -21.91 -5.09 -42.85
CA ILE C 479 -20.89 -6.02 -43.23
C ILE C 479 -20.99 -7.36 -42.50
N THR C 480 -21.25 -7.33 -41.20
CA THR C 480 -21.18 -8.52 -40.37
C THR C 480 -22.17 -9.65 -40.73
N PRO C 481 -23.36 -9.31 -41.27
CA PRO C 481 -24.35 -10.37 -41.55
C PRO C 481 -23.94 -11.33 -42.65
N GLN C 482 -23.06 -10.94 -43.56
CA GLN C 482 -22.60 -11.83 -44.67
C GLN C 482 -21.91 -13.11 -44.16
N LYS C 483 -21.41 -13.04 -42.94
CA LYS C 483 -20.55 -14.10 -42.40
C LYS C 483 -21.34 -14.93 -41.39
N LYS C 484 -21.79 -16.09 -41.82
CA LYS C 484 -22.68 -16.96 -41.00
C LYS C 484 -22.07 -17.31 -39.66
N GLU C 485 -20.78 -17.59 -39.71
CA GLU C 485 -19.95 -17.93 -38.57
C GLU C 485 -20.10 -16.96 -37.40
N TRP C 486 -20.22 -15.67 -37.76
CA TRP C 486 -20.41 -14.60 -36.75
C TRP C 486 -21.90 -14.45 -36.28
N ASN C 487 -22.79 -14.96 -37.12
CA ASN C 487 -24.22 -14.67 -37.10
C ASN C 487 -24.83 -13.76 -38.21
N ASP D 1 -30.98 12.65 14.64
CA ASP D 1 -29.99 11.74 14.01
C ASP D 1 -29.41 12.40 12.74
N THR D 2 -28.07 12.43 12.63
CA THR D 2 -27.44 12.77 11.34
C THR D 2 -26.47 11.65 10.92
N MET D 3 -25.89 11.82 9.74
CA MET D 3 -25.04 10.79 9.10
C MET D 3 -23.74 10.55 9.92
N LYS D 4 -23.34 9.29 10.00
CA LYS D 4 -22.09 8.93 10.63
C LYS D 4 -21.02 8.63 9.60
N VAL D 5 -19.77 8.89 9.97
CA VAL D 5 -18.60 8.51 9.17
C VAL D 5 -17.90 7.39 9.89
N ILE D 6 -17.54 6.37 9.13
CA ILE D 6 -16.70 5.30 9.63
C ILE D 6 -15.44 5.21 8.81
N ASN D 7 -14.29 5.04 9.46
CA ASN D 7 -13.05 4.82 8.75
C ASN D 7 -12.75 3.34 8.58
N ASP D 8 -12.77 2.89 7.34
CA ASP D 8 -12.48 1.53 6.98
C ASP D 8 -11.09 1.49 6.31
N PRO D 9 -10.19 0.59 6.74
CA PRO D 9 -8.88 0.49 6.06
C PRO D 9 -8.97 0.15 4.58
N ILE D 10 -10.03 -0.48 4.11
CA ILE D 10 -10.13 -0.80 2.71
C ILE D 10 -10.70 0.35 1.87
N HIS D 11 -11.79 0.97 2.33
CA HIS D 11 -12.49 1.94 1.51
C HIS D 11 -12.30 3.38 1.97
N GLY D 12 -11.66 3.62 3.11
CA GLY D 12 -11.54 4.95 3.61
C GLY D 12 -12.74 5.36 4.42
N HIS D 13 -13.05 6.65 4.42
CA HIS D 13 -14.20 7.19 5.17
C HIS D 13 -15.49 6.97 4.40
N ILE D 14 -16.35 6.14 4.96
CA ILE D 14 -17.64 5.77 4.48
C ILE D 14 -18.68 6.54 5.27
N GLU D 15 -19.65 7.15 4.57
CA GLU D 15 -20.76 7.85 5.21
C GLU D 15 -21.93 6.91 5.34
N LEU D 16 -22.53 6.91 6.53
CA LEU D 16 -23.70 6.08 6.75
C LEU D 16 -24.91 6.95 7.03
N HIS D 17 -25.93 6.82 6.19
CA HIS D 17 -27.22 7.43 6.44
C HIS D 17 -27.81 6.97 7.80
N PRO D 18 -28.53 7.85 8.51
CA PRO D 18 -29.06 7.52 9.82
C PRO D 18 -29.88 6.26 9.93
N LEU D 19 -30.61 5.92 8.91
CA LEU D 19 -31.37 4.70 8.90
C LEU D 19 -30.47 3.47 8.91
N LEU D 20 -29.37 3.54 8.18
CA LEU D 20 -28.36 2.47 8.18
C LEU D 20 -27.74 2.34 9.55
N VAL D 21 -27.45 3.47 10.18
CA VAL D 21 -26.92 3.45 11.55
C VAL D 21 -27.84 2.72 12.51
N ARG D 22 -29.14 2.98 12.37
CA ARG D 22 -30.13 2.33 13.21
C ARG D 22 -30.17 0.84 13.00
N ILE D 23 -30.09 0.40 11.77
CA ILE D 23 -30.05 -1.04 11.48
C ILE D 23 -28.78 -1.70 12.05
N ILE D 24 -27.68 -0.98 11.97
CA ILE D 24 -26.36 -1.51 12.35
C ILE D 24 -26.27 -1.65 13.87
N ASP D 25 -26.87 -0.71 14.57
CA ASP D 25 -26.79 -0.68 16.03
C ASP D 25 -27.89 -1.52 16.68
N THR D 26 -27.90 -2.78 16.32
CA THR D 26 -28.79 -3.78 16.88
C THR D 26 -27.97 -5.05 17.17
N PRO D 27 -28.46 -5.85 18.12
CA PRO D 27 -27.80 -7.11 18.46
C PRO D 27 -27.67 -8.05 17.28
N GLN D 28 -28.64 -7.99 16.38
CA GLN D 28 -28.65 -8.89 15.24
C GLN D 28 -27.49 -8.60 14.28
N PHE D 29 -27.16 -7.33 14.13
CA PHE D 29 -26.11 -6.93 13.24
C PHE D 29 -24.75 -6.99 13.95
N GLN D 30 -24.73 -6.50 15.19
CA GLN D 30 -23.48 -6.43 15.92
C GLN D 30 -22.89 -7.77 16.20
N ARG D 31 -23.75 -8.77 16.14
CA ARG D 31 -23.37 -10.19 16.21
C ARG D 31 -22.24 -10.54 15.28
N LEU D 32 -22.22 -9.89 14.11
CA LEU D 32 -21.24 -10.18 13.07
C LEU D 32 -19.83 -9.80 13.46
N ARG D 33 -19.66 -9.05 14.56
CA ARG D 33 -18.35 -8.78 15.10
C ARG D 33 -17.69 -10.02 15.68
N TYR D 34 -18.47 -11.06 15.93
CA TYR D 34 -17.93 -12.20 16.65
C TYR D 34 -17.97 -13.44 15.77
N ILE D 35 -18.00 -13.21 14.46
CA ILE D 35 -17.90 -14.27 13.45
C ILE D 35 -16.77 -13.95 12.46
N LYS D 36 -15.70 -14.74 12.49
CA LYS D 36 -14.56 -14.58 11.59
C LYS D 36 -15.00 -14.82 10.14
N GLN D 37 -14.60 -13.88 9.27
CA GLN D 37 -14.84 -13.97 7.86
C GLN D 37 -14.33 -15.27 7.26
N LEU D 38 -13.12 -15.68 7.61
CA LEU D 38 -12.46 -16.81 6.97
C LEU D 38 -12.41 -18.07 7.79
N GLY D 39 -13.20 -18.11 8.87
CA GLY D 39 -13.25 -19.26 9.77
C GLY D 39 -11.87 -19.72 10.29
N GLY D 40 -11.56 -20.97 10.01
CA GLY D 40 -10.30 -21.61 10.39
C GLY D 40 -9.08 -21.05 9.67
N GLY D 41 -9.29 -20.22 8.65
CA GLY D 41 -8.20 -19.59 7.94
C GLY D 41 -7.27 -18.78 8.80
N TYR D 42 -7.79 -18.17 9.87
CA TYR D 42 -7.01 -17.43 10.85
C TYR D 42 -5.96 -18.26 11.52
N TYR D 43 -6.19 -19.56 11.59
CA TYR D 43 -5.24 -20.50 12.19
C TYR D 43 -4.08 -20.84 11.24
N VAL D 44 -4.14 -20.34 9.99
CA VAL D 44 -3.05 -20.47 9.03
C VAL D 44 -2.48 -19.13 8.59
N PHE D 45 -3.38 -18.16 8.42
CA PHE D 45 -3.00 -16.81 8.06
C PHE D 45 -3.33 -15.89 9.24
N PRO D 46 -2.35 -15.59 10.07
CA PRO D 46 -2.59 -14.82 11.27
C PRO D 46 -3.05 -13.37 11.09
N GLY D 47 -2.99 -12.85 9.88
CA GLY D 47 -3.54 -11.54 9.61
C GLY D 47 -5.04 -11.59 9.47
N ALA D 48 -5.63 -12.77 9.26
CA ALA D 48 -7.05 -12.89 8.97
C ALA D 48 -7.95 -12.99 10.22
N SER D 49 -7.80 -11.96 11.03
CA SER D 49 -8.56 -11.77 12.25
C SER D 49 -9.91 -11.10 11.96
N HIS D 50 -10.12 -10.64 10.73
CA HIS D 50 -11.31 -9.87 10.37
C HIS D 50 -12.61 -10.68 10.46
N ASN D 51 -13.67 -9.94 10.80
CA ASN D 51 -14.99 -10.49 11.00
C ASN D 51 -16.01 -10.03 9.98
N ARG D 52 -17.16 -10.68 9.98
CA ARG D 52 -18.20 -10.43 8.98
C ARG D 52 -18.76 -9.03 9.09
N PHE D 53 -18.69 -8.46 10.29
CA PHE D 53 -19.17 -7.09 10.51
C PHE D 53 -18.62 -6.04 9.55
N GLU D 54 -17.30 -5.94 9.54
CA GLU D 54 -16.62 -4.96 8.72
C GLU D 54 -16.78 -5.28 7.23
N HIS D 55 -16.85 -6.55 6.85
CA HIS D 55 -17.12 -6.87 5.47
C HIS D 55 -18.51 -6.36 5.07
N SER D 56 -19.50 -6.48 5.95
CA SER D 56 -20.87 -6.07 5.66
C SER D 56 -20.95 -4.56 5.45
N LEU D 57 -20.23 -3.80 6.27
CA LEU D 57 -20.14 -2.36 6.05
C LEU D 57 -19.61 -2.06 4.67
N GLY D 58 -18.57 -2.79 4.24
CA GLY D 58 -17.97 -2.55 2.95
C GLY D 58 -18.92 -2.85 1.81
N VAL D 59 -19.60 -3.98 1.90
CA VAL D 59 -20.55 -4.36 0.89
C VAL D 59 -21.65 -3.33 0.77
N GLY D 60 -22.14 -2.85 1.92
CA GLY D 60 -23.16 -1.80 1.95
C GLY D 60 -22.64 -0.52 1.30
N TYR D 61 -21.42 -0.13 1.62
CA TYR D 61 -20.81 1.02 0.99
C TYR D 61 -20.66 0.88 -0.51
N LEU D 62 -20.14 -0.25 -0.97
CA LEU D 62 -19.93 -0.37 -2.41
C LEU D 62 -21.22 -0.43 -3.18
N ALA D 63 -22.22 -1.06 -2.60
CA ALA D 63 -23.55 -1.15 -3.22
C ALA D 63 -24.07 0.25 -3.47
N GLY D 64 -23.96 1.11 -2.47
CA GLY D 64 -24.26 2.53 -2.62
C GLY D 64 -23.44 3.26 -3.69
N CYS D 65 -22.12 2.99 -3.74
CA CYS D 65 -21.28 3.58 -4.74
C CYS D 65 -21.77 3.27 -6.15
N LEU D 66 -22.10 2.02 -6.42
CA LEU D 66 -22.44 1.61 -7.74
C LEU D 66 -23.80 2.23 -8.17
N VAL D 67 -24.77 2.14 -7.30
CA VAL D 67 -26.10 2.67 -7.62
C VAL D 67 -26.03 4.20 -7.79
N HIS D 68 -25.26 4.89 -6.94
N HIS D 68 -25.26 4.88 -6.93
CA HIS D 68 -25.02 6.33 -7.11
CA HIS D 68 -25.01 6.32 -7.08
C HIS D 68 -24.36 6.64 -8.45
C HIS D 68 -24.34 6.65 -8.42
N ALA D 69 -23.29 5.92 -8.77
CA ALA D 69 -22.59 6.15 -10.03
C ALA D 69 -23.53 6.01 -11.25
N LEU D 70 -24.37 5.00 -11.25
CA LEU D 70 -25.28 4.77 -12.38
C LEU D 70 -26.29 5.92 -12.51
N GLY D 71 -26.80 6.36 -11.35
CA GLY D 71 -27.76 7.47 -11.33
C GLY D 71 -27.18 8.77 -11.84
N GLU D 72 -25.93 9.03 -11.48
CA GLU D 72 -25.26 10.23 -11.96
C GLU D 72 -24.99 10.20 -13.45
N LYS D 73 -24.57 9.07 -13.99
CA LYS D 73 -24.33 8.98 -15.43
C LYS D 73 -25.64 8.98 -16.26
N GLN D 74 -26.69 8.39 -15.71
CA GLN D 74 -27.95 8.14 -16.42
C GLN D 74 -29.15 8.57 -15.61
N PRO D 75 -29.39 9.89 -15.54
CA PRO D 75 -30.54 10.43 -14.82
C PRO D 75 -31.87 9.86 -15.32
N GLU D 76 -31.91 9.47 -16.58
CA GLU D 76 -33.12 8.94 -17.17
C GLU D 76 -33.58 7.64 -16.53
N LEU D 77 -32.73 7.02 -15.71
CA LEU D 77 -33.14 5.78 -15.01
C LEU D 77 -34.09 6.07 -13.85
N GLN D 78 -34.11 7.32 -13.36
CA GLN D 78 -34.98 7.70 -12.26
C GLN D 78 -34.68 6.91 -10.95
N ILE D 79 -33.41 6.69 -10.70
CA ILE D 79 -33.03 6.04 -9.46
C ILE D 79 -33.31 7.02 -8.32
N SER D 80 -34.12 6.61 -7.34
CA SER D 80 -34.47 7.46 -6.21
C SER D 80 -33.61 7.20 -4.98
N GLU D 81 -33.57 8.19 -4.06
CA GLU D 81 -32.94 8.01 -2.74
C GLU D 81 -33.45 6.76 -2.09
N ARG D 82 -34.74 6.48 -2.22
CA ARG D 82 -35.33 5.28 -1.72
C ARG D 82 -34.69 3.99 -2.25
N ASP D 83 -34.47 3.97 -3.58
CA ASP D 83 -33.76 2.87 -4.23
C ASP D 83 -32.34 2.67 -3.67
N VAL D 84 -31.62 3.79 -3.52
CA VAL D 84 -30.28 3.77 -2.98
C VAL D 84 -30.25 3.18 -1.60
N LEU D 85 -31.16 3.63 -0.72
CA LEU D 85 -31.17 3.13 0.65
C LEU D 85 -31.47 1.64 0.69
N CYS D 86 -32.39 1.21 -0.17
CA CYS D 86 -32.76 -0.19 -0.18
C CYS D 86 -31.60 -1.04 -0.65
N VAL D 87 -30.84 -0.57 -1.61
CA VAL D 87 -29.72 -1.34 -2.11
C VAL D 87 -28.59 -1.36 -1.04
N GLN D 88 -28.36 -0.24 -0.39
CA GLN D 88 -27.40 -0.22 0.71
C GLN D 88 -27.78 -1.18 1.81
N ILE D 89 -29.05 -1.25 2.19
CA ILE D 89 -29.50 -2.13 3.27
C ILE D 89 -29.35 -3.59 2.89
N ALA D 90 -29.67 -3.93 1.67
CA ALA D 90 -29.45 -5.29 1.21
C ALA D 90 -27.95 -5.63 1.27
N GLY D 91 -27.12 -4.68 0.88
CA GLY D 91 -25.68 -4.90 0.95
C GLY D 91 -25.19 -5.14 2.38
N LEU D 92 -25.65 -4.29 3.28
CA LEU D 92 -25.30 -4.42 4.69
C LEU D 92 -25.74 -5.74 5.27
N CYS D 93 -26.90 -6.21 4.82
CA CYS D 93 -27.55 -7.31 5.48
C CYS D 93 -27.41 -8.67 4.80
N ARG D 94 -26.69 -8.77 3.70
CA ARG D 94 -26.61 -10.07 3.05
C ARG D 94 -25.73 -11.09 3.80
N ASN D 95 -24.97 -10.64 4.77
CA ASN D 95 -24.21 -11.56 5.61
C ASN D 95 -24.80 -11.88 6.97
N LEU D 96 -25.99 -11.39 7.28
CA LEU D 96 -26.61 -11.60 8.58
C LEU D 96 -26.84 -13.05 8.97
N GLY D 97 -26.98 -13.96 8.00
CA GLY D 97 -27.27 -15.33 8.30
C GLY D 97 -26.08 -16.24 8.55
N HIS D 98 -24.88 -15.69 8.51
CA HIS D 98 -23.69 -16.54 8.74
C HIS D 98 -23.63 -17.06 10.16
N GLY D 99 -23.09 -18.26 10.30
CA GLY D 99 -22.95 -18.91 11.60
C GLY D 99 -21.50 -18.90 12.02
N PRO D 100 -21.19 -19.54 13.15
CA PRO D 100 -19.83 -19.61 13.67
C PRO D 100 -18.84 -20.07 12.59
N PHE D 101 -17.76 -19.33 12.42
CA PHE D 101 -16.71 -19.67 11.47
C PHE D 101 -17.19 -19.66 10.00
N SER D 102 -18.23 -18.84 9.76
CA SER D 102 -18.80 -18.59 8.44
C SER D 102 -19.05 -19.91 7.68
N HIS D 103 -18.33 -20.16 6.61
CA HIS D 103 -18.71 -21.24 5.70
C HIS D 103 -18.53 -22.63 6.29
N MET D 104 -17.75 -22.73 7.36
CA MET D 104 -17.65 -23.99 8.07
C MET D 104 -19.06 -24.45 8.55
N PHE D 105 -19.85 -23.49 9.05
CA PHE D 105 -21.10 -23.79 9.69
C PHE D 105 -22.16 -24.29 8.70
N ASP D 106 -22.33 -23.61 7.56
CA ASP D 106 -23.31 -24.10 6.60
C ASP D 106 -22.74 -25.03 5.55
N GLY D 107 -21.42 -24.98 5.38
CA GLY D 107 -20.75 -25.89 4.45
C GLY D 107 -20.39 -27.25 5.00
N ARG D 108 -20.09 -27.35 6.29
CA ARG D 108 -19.69 -28.64 6.89
C ARG D 108 -20.59 -29.06 8.03
N PHE D 109 -20.87 -28.18 8.99
CA PHE D 109 -21.52 -28.60 10.21
C PHE D 109 -23.00 -28.95 10.02
N ILE D 110 -23.78 -28.02 9.50
CA ILE D 110 -25.21 -28.25 9.38
C ILE D 110 -25.50 -29.43 8.46
N PRO D 111 -24.80 -29.56 7.32
CA PRO D 111 -25.04 -30.74 6.51
C PRO D 111 -24.84 -32.03 7.27
N LEU D 112 -23.89 -32.09 8.22
CA LEU D 112 -23.64 -33.33 8.96
C LEU D 112 -24.56 -33.47 10.16
N ALA D 113 -24.85 -32.39 10.86
CA ALA D 113 -25.74 -32.45 12.01
C ALA D 113 -27.21 -32.63 11.64
N ARG D 114 -27.66 -32.00 10.56
CA ARG D 114 -29.09 -32.01 10.19
C ARG D 114 -29.16 -32.32 8.71
N PRO D 115 -28.83 -33.56 8.34
CA PRO D 115 -28.80 -33.90 6.89
C PRO D 115 -30.12 -33.70 6.16
N GLU D 116 -31.25 -33.83 6.86
CA GLU D 116 -32.56 -33.72 6.26
C GLU D 116 -32.91 -32.26 5.87
N VAL D 117 -32.27 -31.28 6.49
CA VAL D 117 -32.57 -29.92 6.25
C VAL D 117 -31.81 -29.36 5.06
N LYS D 118 -32.38 -28.35 4.42
CA LYS D 118 -31.72 -27.62 3.36
C LYS D 118 -31.52 -26.21 3.84
N TRP D 119 -30.33 -25.86 4.29
CA TRP D 119 -30.08 -24.53 4.91
C TRP D 119 -28.95 -23.84 4.25
N THR D 120 -29.07 -22.51 4.11
CA THR D 120 -28.03 -21.69 3.55
C THR D 120 -27.95 -20.41 4.33
N HIS D 121 -26.78 -19.78 4.35
CA HIS D 121 -26.62 -18.49 5.04
C HIS D 121 -27.57 -17.44 4.42
N GLU D 122 -27.84 -17.54 3.11
CA GLU D 122 -28.76 -16.65 2.41
C GLU D 122 -30.16 -16.62 3.04
N GLN D 123 -30.71 -17.84 3.22
CA GLN D 123 -31.97 -18.02 3.90
C GLN D 123 -31.88 -17.49 5.29
N GLY D 124 -30.78 -17.80 5.98
CA GLY D 124 -30.59 -17.30 7.33
C GLY D 124 -30.57 -15.78 7.35
N SER D 125 -30.03 -15.17 6.30
CA SER D 125 -29.94 -13.72 6.26
C SER D 125 -31.30 -13.06 6.21
N VAL D 126 -32.19 -13.64 5.42
CA VAL D 126 -33.56 -13.16 5.28
C VAL D 126 -34.27 -13.27 6.63
N MET D 127 -34.13 -14.41 7.28
CA MET D 127 -34.81 -14.66 8.56
C MET D 127 -34.27 -13.71 9.61
N MET D 128 -32.95 -13.54 9.65
CA MET D 128 -32.34 -12.63 10.63
C MET D 128 -32.78 -11.19 10.34
N PHE D 129 -32.92 -10.85 9.09
CA PHE D 129 -33.29 -9.51 8.69
C PHE D 129 -34.68 -9.15 9.18
N GLU D 130 -35.62 -10.09 8.98
CA GLU D 130 -37.00 -9.93 9.43
C GLU D 130 -37.02 -9.79 10.95
N HIS D 131 -36.23 -10.62 11.63
CA HIS D 131 -36.10 -10.58 13.07
C HIS D 131 -35.55 -9.23 13.50
N LEU D 132 -34.54 -8.72 12.78
CA LEU D 132 -33.92 -7.46 13.14
C LEU D 132 -34.92 -6.30 13.06
N ILE D 133 -35.65 -6.28 11.95
CA ILE D 133 -36.65 -5.25 11.70
C ILE D 133 -37.75 -5.27 12.77
N ASN D 134 -38.33 -6.45 13.03
CA ASN D 134 -39.42 -6.55 13.96
C ASN D 134 -38.99 -6.34 15.40
N SER D 135 -37.83 -6.86 15.79
CA SER D 135 -37.39 -6.74 17.15
C SER D 135 -37.00 -5.32 17.51
N ASN D 136 -36.71 -4.47 16.53
CA ASN D 136 -36.09 -3.20 16.86
C ASN D 136 -36.88 -1.97 16.38
N GLY D 137 -38.12 -2.18 15.93
CA GLY D 137 -38.99 -1.09 15.52
C GLY D 137 -38.45 -0.31 14.34
N ILE D 138 -37.88 -1.01 13.40
CA ILE D 138 -37.25 -0.36 12.25
C ILE D 138 -38.27 0.14 11.21
N LYS D 139 -39.42 -0.55 11.08
CA LYS D 139 -40.42 -0.18 10.08
C LYS D 139 -40.85 1.29 10.12
N PRO D 140 -41.18 1.82 11.31
CA PRO D 140 -41.51 3.23 11.44
C PRO D 140 -40.38 4.16 11.02
N VAL D 141 -39.16 3.78 11.33
CA VAL D 141 -38.03 4.57 10.96
C VAL D 141 -37.83 4.59 9.44
N MET D 142 -38.08 3.46 8.79
CA MET D 142 -38.04 3.37 7.34
C MET D 142 -39.09 4.31 6.72
N GLU D 143 -40.30 4.32 7.31
CA GLU D 143 -41.31 5.24 6.83
C GLU D 143 -40.92 6.69 7.01
N GLN D 144 -40.27 6.97 8.12
CA GLN D 144 -39.80 8.31 8.38
C GLN D 144 -38.85 8.84 7.31
N TYR D 145 -38.12 7.93 6.65
CA TYR D 145 -37.10 8.32 5.64
C TYR D 145 -37.59 8.01 4.25
N GLY D 146 -38.89 7.79 4.09
CA GLY D 146 -39.50 7.73 2.76
C GLY D 146 -39.56 6.36 2.15
N LEU D 147 -39.18 5.34 2.91
CA LEU D 147 -39.34 3.97 2.41
C LEU D 147 -40.79 3.52 2.64
N ILE D 148 -41.22 2.54 1.84
CA ILE D 148 -42.52 1.91 1.98
C ILE D 148 -42.29 0.47 2.38
N PRO D 149 -42.33 0.18 3.70
CA PRO D 149 -41.93 -1.12 4.25
C PRO D 149 -42.44 -2.36 3.48
N GLU D 150 -43.71 -2.38 3.11
CA GLU D 150 -44.27 -3.53 2.42
C GLU D 150 -43.44 -3.89 1.16
N GLU D 151 -43.34 -2.94 0.23
CA GLU D 151 -42.62 -3.15 -1.02
C GLU D 151 -41.12 -3.26 -0.81
N ASP D 152 -40.58 -2.40 0.03
CA ASP D 152 -39.14 -2.23 0.14
C ASP D 152 -38.52 -3.38 0.92
N ILE D 153 -39.19 -3.89 1.93
CA ILE D 153 -38.72 -5.07 2.66
C ILE D 153 -38.67 -6.24 1.73
N CYS D 154 -39.71 -6.36 0.88
CA CYS D 154 -39.73 -7.42 -0.11
C CYS D 154 -38.54 -7.25 -1.08
N PHE D 155 -38.28 -6.03 -1.54
CA PHE D 155 -37.19 -5.74 -2.41
C PHE D 155 -35.83 -6.16 -1.82
N ILE D 156 -35.61 -5.76 -0.58
CA ILE D 156 -34.39 -6.06 0.13
C ILE D 156 -34.16 -7.56 0.23
N LYS D 157 -35.20 -8.29 0.60
CA LYS D 157 -35.09 -9.73 0.69
C LYS D 157 -34.82 -10.37 -0.64
N GLU D 158 -35.50 -9.91 -1.67
CA GLU D 158 -35.28 -10.44 -2.99
C GLU D 158 -33.85 -10.22 -3.46
N GLN D 159 -33.27 -9.10 -3.10
CA GLN D 159 -31.88 -8.78 -3.46
C GLN D 159 -30.91 -9.77 -2.83
N ILE D 160 -31.30 -10.29 -1.68
CA ILE D 160 -30.43 -11.19 -0.92
C ILE D 160 -30.57 -12.64 -1.39
N VAL D 161 -31.80 -13.06 -1.59
CA VAL D 161 -32.06 -14.49 -1.76
C VAL D 161 -32.69 -14.82 -3.13
N GLY D 162 -33.02 -13.81 -3.92
CA GLY D 162 -33.67 -14.02 -5.21
C GLY D 162 -35.19 -14.03 -5.06
N PRO D 163 -35.91 -14.32 -6.16
CA PRO D 163 -37.38 -14.27 -6.13
C PRO D 163 -37.90 -15.16 -5.00
N LEU D 164 -38.84 -14.65 -4.19
CA LEU D 164 -39.46 -15.48 -3.18
C LEU D 164 -40.54 -16.43 -3.75
N GLU D 165 -40.84 -16.35 -5.03
CA GLU D 165 -41.17 -17.63 -5.76
C GLU D 165 -39.93 -18.57 -5.80
N LEU D 172 -41.17 -14.12 -17.67
CA LEU D 172 -42.01 -13.68 -16.60
C LEU D 172 -41.07 -12.96 -15.69
N TRP D 173 -41.35 -11.69 -15.36
CA TRP D 173 -40.66 -10.94 -14.27
C TRP D 173 -41.02 -11.53 -12.87
N PRO D 174 -40.05 -12.20 -12.23
CA PRO D 174 -40.39 -12.94 -11.01
C PRO D 174 -40.26 -12.14 -9.71
N TYR D 175 -39.91 -10.86 -9.80
CA TYR D 175 -39.72 -10.03 -8.64
C TYR D 175 -40.91 -9.13 -8.40
N LYS D 176 -41.18 -8.84 -7.13
CA LYS D 176 -42.28 -7.99 -6.75
C LYS D 176 -41.83 -6.65 -6.14
N GLY D 177 -40.59 -6.56 -5.65
CA GLY D 177 -40.17 -5.39 -4.96
C GLY D 177 -39.89 -4.23 -5.87
N ARG D 178 -39.51 -4.53 -7.12
CA ARG D 178 -39.35 -3.49 -8.14
C ARG D 178 -39.75 -4.07 -9.48
N PRO D 179 -40.13 -3.20 -10.43
CA PRO D 179 -40.50 -3.64 -11.80
C PRO D 179 -39.30 -3.80 -12.70
N GLU D 180 -39.53 -4.22 -13.95
CA GLU D 180 -38.44 -4.54 -14.86
C GLU D 180 -37.61 -3.32 -15.22
N ASN D 181 -38.20 -2.14 -15.20
CA ASN D 181 -37.46 -0.97 -15.53
C ASN D 181 -36.34 -0.72 -14.49
N LYS D 182 -36.45 -1.34 -13.29
CA LYS D 182 -35.41 -1.26 -12.28
C LYS D 182 -34.64 -2.59 -12.06
N SER D 183 -34.70 -3.46 -13.04
CA SER D 183 -34.06 -4.78 -12.99
C SER D 183 -32.60 -4.76 -12.64
N PHE D 184 -31.89 -3.77 -13.15
CA PHE D 184 -30.47 -3.60 -12.91
C PHE D 184 -30.14 -3.49 -11.44
N LEU D 185 -31.08 -3.04 -10.61
CA LEU D 185 -30.83 -2.92 -9.18
C LEU D 185 -30.61 -4.26 -8.52
N TYR D 186 -31.19 -5.29 -9.13
CA TYR D 186 -31.02 -6.67 -8.60
C TYR D 186 -29.67 -7.29 -8.94
N GLU D 187 -28.82 -6.58 -9.67
CA GLU D 187 -27.54 -7.11 -10.07
C GLU D 187 -26.39 -6.58 -9.21
N ILE D 188 -26.70 -5.74 -8.23
CA ILE D 188 -25.68 -5.07 -7.43
C ILE D 188 -25.15 -5.88 -6.25
N VAL D 189 -26.03 -6.38 -5.39
CA VAL D 189 -25.63 -6.94 -4.11
C VAL D 189 -25.34 -8.44 -4.22
N SER D 190 -26.25 -9.11 -4.90
CA SER D 190 -26.09 -10.54 -5.05
C SER D 190 -26.56 -10.91 -6.45
N ASN D 191 -25.60 -11.02 -7.36
CA ASN D 191 -25.92 -11.13 -8.77
C ASN D 191 -26.14 -12.59 -9.16
N LYS D 192 -27.40 -12.97 -9.28
CA LYS D 192 -27.72 -14.36 -9.57
C LYS D 192 -27.47 -14.76 -11.02
N ARG D 193 -27.34 -13.78 -11.91
CA ARG D 193 -27.14 -14.07 -13.32
C ARG D 193 -25.71 -14.55 -13.64
N ASN D 194 -24.72 -13.87 -13.08
CA ASN D 194 -23.33 -14.16 -13.40
C ASN D 194 -22.32 -14.00 -12.25
N GLY D 195 -22.77 -13.63 -11.06
CA GLY D 195 -21.92 -13.57 -9.85
C GLY D 195 -21.12 -12.28 -9.70
N ILE D 196 -21.28 -11.33 -10.61
CA ILE D 196 -20.49 -10.14 -10.58
C ILE D 196 -21.21 -9.10 -9.71
N ASP D 197 -20.79 -8.98 -8.45
CA ASP D 197 -21.46 -8.14 -7.51
C ASP D 197 -20.52 -7.53 -6.49
N VAL D 198 -21.04 -6.60 -5.69
CA VAL D 198 -20.19 -5.82 -4.81
C VAL D 198 -19.67 -6.65 -3.62
N ASP D 199 -20.30 -7.78 -3.38
CA ASP D 199 -19.87 -8.66 -2.29
C ASP D 199 -18.46 -9.20 -2.55
N LYS D 200 -18.26 -9.69 -3.75
CA LYS D 200 -16.93 -10.12 -4.20
C LYS D 200 -15.92 -9.02 -4.12
N TRP D 201 -16.32 -7.83 -4.54
CA TRP D 201 -15.37 -6.77 -4.61
C TRP D 201 -14.85 -6.44 -3.26
N ASP D 202 -15.72 -6.46 -2.24
CA ASP D 202 -15.24 -6.15 -0.92
C ASP D 202 -14.36 -7.26 -0.43
N TYR D 203 -14.77 -8.51 -0.56
CA TYR D 203 -13.98 -9.55 0.06
C TYR D 203 -12.62 -9.77 -0.61
N PHE D 204 -12.53 -9.62 -1.92
CA PHE D 204 -11.23 -9.62 -2.62
C PHE D 204 -10.27 -8.65 -1.97
N ALA D 205 -10.67 -7.40 -1.86
CA ALA D 205 -9.86 -6.34 -1.33
C ALA D 205 -9.57 -6.54 0.16
N ARG D 206 -10.58 -6.90 0.92
CA ARG D 206 -10.44 -7.00 2.36
C ARG D 206 -9.67 -8.25 2.75
N ASP D 207 -10.02 -9.37 2.15
CA ASP D 207 -9.32 -10.59 2.46
C ASP D 207 -7.84 -10.42 2.10
N CYS D 208 -7.53 -9.84 0.95
CA CYS D 208 -6.15 -9.63 0.54
C CYS D 208 -5.35 -8.79 1.50
N HIS D 209 -5.94 -7.67 1.92
CA HIS D 209 -5.37 -6.80 2.90
C HIS D 209 -4.97 -7.52 4.20
N HIS D 210 -5.80 -8.47 4.64
CA HIS D 210 -5.57 -9.19 5.83
C HIS D 210 -4.71 -10.44 5.66
N LEU D 211 -4.85 -11.11 4.53
CA LEU D 211 -4.11 -12.31 4.30
C LEU D 211 -2.64 -12.06 4.04
N GLY D 212 -2.31 -10.87 3.49
CA GLY D 212 -0.98 -10.59 3.02
C GLY D 212 -0.77 -11.14 1.60
N ILE D 213 -1.81 -11.11 0.78
CA ILE D 213 -1.70 -11.47 -0.61
C ILE D 213 -2.35 -10.35 -1.37
N GLN D 214 -1.81 -10.01 -2.52
CA GLN D 214 -2.19 -8.79 -3.21
C GLN D 214 -3.36 -9.05 -4.17
N ASN D 215 -4.30 -8.11 -4.18
CA ASN D 215 -5.52 -8.22 -5.01
C ASN D 215 -5.34 -7.64 -6.42
N ASN D 216 -5.66 -8.43 -7.43
CA ASN D 216 -5.49 -8.03 -8.86
C ASN D 216 -6.70 -7.32 -9.58
N PHE D 217 -7.86 -7.38 -8.95
CA PHE D 217 -9.08 -6.79 -9.53
C PHE D 217 -9.37 -5.35 -9.12
N ASP D 218 -9.67 -4.50 -10.11
CA ASP D 218 -9.97 -3.08 -9.87
C ASP D 218 -11.48 -2.76 -10.04
N TYR D 219 -12.21 -2.81 -8.93
CA TYR D 219 -13.66 -2.61 -8.95
C TYR D 219 -14.00 -1.16 -9.23
N LYS D 220 -13.18 -0.23 -8.77
CA LYS D 220 -13.42 1.19 -9.03
C LYS D 220 -13.43 1.46 -10.52
N ARG D 221 -12.51 0.81 -11.23
CA ARG D 221 -12.51 0.94 -12.69
C ARG D 221 -13.81 0.40 -13.26
N PHE D 222 -14.23 -0.76 -12.79
CA PHE D 222 -15.43 -1.36 -13.31
C PHE D 222 -16.63 -0.44 -13.10
N ILE D 223 -16.76 0.10 -11.91
CA ILE D 223 -17.82 1.05 -11.62
C ILE D 223 -17.79 2.24 -12.59
N LYS D 224 -16.61 2.81 -12.87
CA LYS D 224 -16.57 3.87 -13.85
C LYS D 224 -17.08 3.52 -15.26
N PHE D 225 -16.93 2.30 -15.69
CA PHE D 225 -17.27 1.89 -17.02
C PHE D 225 -18.61 1.18 -17.07
N ALA D 226 -19.32 1.09 -15.96
CA ALA D 226 -20.60 0.38 -16.00
C ALA D 226 -21.71 1.32 -16.50
N ARG D 227 -22.66 0.76 -17.23
CA ARG D 227 -23.83 1.49 -17.75
C ARG D 227 -25.03 0.57 -17.76
N VAL D 228 -26.22 1.16 -17.82
CA VAL D 228 -27.43 0.39 -17.95
C VAL D 228 -27.90 0.48 -19.38
N CYS D 229 -28.18 -0.67 -19.98
CA CYS D 229 -28.70 -0.78 -21.34
C CYS D 229 -29.87 -1.75 -21.35
N GLU D 230 -30.71 -1.64 -22.39
CA GLU D 230 -31.81 -2.58 -22.55
C GLU D 230 -31.28 -3.90 -23.10
N VAL D 231 -31.64 -4.99 -22.45
CA VAL D 231 -31.33 -6.35 -22.93
C VAL D 231 -32.62 -7.15 -22.75
N ASP D 232 -33.10 -7.76 -23.84
CA ASP D 232 -34.31 -8.60 -23.82
C ASP D 232 -35.42 -7.99 -22.98
N ASN D 233 -35.76 -6.72 -23.20
CA ASN D 233 -36.83 -6.01 -22.48
C ASN D 233 -36.63 -5.83 -20.96
N GLU D 234 -35.38 -5.96 -20.53
CA GLU D 234 -34.96 -5.60 -19.19
C GLU D 234 -33.87 -4.54 -19.29
N LEU D 235 -33.84 -3.64 -18.33
CA LEU D 235 -32.69 -2.74 -18.14
C LEU D 235 -31.62 -3.38 -17.26
N ARG D 236 -30.47 -3.70 -17.86
CA ARG D 236 -29.38 -4.39 -17.16
C ARG D 236 -28.09 -3.61 -17.16
N ILE D 237 -27.27 -3.91 -16.15
CA ILE D 237 -25.95 -3.34 -16.08
C ILE D 237 -25.07 -3.95 -17.17
N CYS D 238 -24.41 -3.11 -17.96
CA CYS D 238 -23.46 -3.55 -18.97
C CYS D 238 -22.10 -2.98 -18.71
N ALA D 239 -21.09 -3.75 -19.11
CA ALA D 239 -19.71 -3.35 -18.98
C ALA D 239 -19.20 -2.95 -20.34
N ARG D 240 -18.24 -2.03 -20.35
CA ARG D 240 -17.63 -1.63 -21.59
C ARG D 240 -16.91 -2.82 -22.22
N ASP D 241 -17.06 -2.98 -23.53
CA ASP D 241 -16.53 -4.14 -24.26
C ASP D 241 -15.06 -4.52 -23.93
N LYS D 242 -14.20 -3.53 -24.00
CA LYS D 242 -12.78 -3.77 -23.80
C LYS D 242 -12.42 -4.23 -22.38
N GLU D 243 -13.33 -4.05 -21.42
CA GLU D 243 -13.13 -4.50 -20.07
C GLU D 243 -13.40 -6.00 -19.87
N VAL D 244 -13.72 -6.72 -20.94
CA VAL D 244 -14.03 -8.14 -20.81
C VAL D 244 -12.86 -8.97 -20.19
N GLY D 245 -11.64 -8.63 -20.59
CA GLY D 245 -10.43 -9.28 -20.08
C GLY D 245 -10.30 -9.13 -18.57
N ASN D 246 -10.57 -7.94 -18.07
CA ASN D 246 -10.60 -7.66 -16.64
C ASN D 246 -11.61 -8.53 -15.90
N LEU D 247 -12.73 -8.88 -16.54
CA LEU D 247 -13.69 -9.75 -15.92
C LEU D 247 -13.26 -11.16 -15.85
N TYR D 248 -12.70 -11.67 -16.93
CA TYR D 248 -12.07 -12.98 -16.89
C TYR D 248 -11.05 -13.03 -15.75
N ASP D 249 -10.25 -11.99 -15.64
CA ASP D 249 -9.25 -11.88 -14.58
C ASP D 249 -9.86 -11.87 -13.19
N MET D 250 -11.03 -11.26 -13.05
CA MET D 250 -11.69 -11.24 -11.73
C MET D 250 -11.99 -12.65 -11.23
N PHE D 251 -12.47 -13.49 -12.13
CA PHE D 251 -12.76 -14.87 -11.72
C PHE D 251 -11.52 -15.67 -11.52
N HIS D 252 -10.49 -15.38 -12.31
CA HIS D 252 -9.22 -16.02 -12.11
C HIS D 252 -8.67 -15.71 -10.71
N THR D 253 -8.84 -14.46 -10.30
CA THR D 253 -8.42 -14.01 -8.99
C THR D 253 -9.18 -14.73 -7.87
N ARG D 254 -10.48 -14.84 -8.05
CA ARG D 254 -11.26 -15.57 -7.11
C ARG D 254 -10.78 -17.01 -6.94
N ASN D 255 -10.50 -17.66 -8.05
CA ASN D 255 -9.99 -19.00 -8.03
C ASN D 255 -8.62 -19.14 -7.35
N SER D 256 -7.74 -18.17 -7.57
CA SER D 256 -6.44 -18.13 -6.93
C SER D 256 -6.57 -18.01 -5.47
N LEU D 257 -7.47 -17.16 -5.02
CA LEU D 257 -7.72 -16.98 -3.58
C LEU D 257 -8.23 -18.23 -2.94
N HIS D 258 -9.13 -18.94 -3.62
CA HIS D 258 -9.54 -20.21 -3.09
C HIS D 258 -8.40 -21.21 -3.00
N ARG D 259 -7.57 -21.28 -4.04
CA ARG D 259 -6.46 -22.22 -4.09
C ARG D 259 -5.38 -21.90 -3.05
N ARG D 260 -5.06 -20.62 -2.85
CA ARG D 260 -4.02 -20.23 -1.93
C ARG D 260 -4.48 -20.15 -0.49
N ALA D 261 -5.70 -19.68 -0.27
CA ALA D 261 -6.15 -19.34 1.08
C ALA D 261 -7.41 -20.07 1.51
N TYR D 262 -8.52 -19.85 0.83
CA TYR D 262 -9.80 -20.32 1.36
C TYR D 262 -9.87 -21.85 1.41
N GLN D 263 -9.17 -22.53 0.52
CA GLN D 263 -9.14 -23.98 0.55
C GLN D 263 -7.77 -24.50 0.97
N HIS D 264 -7.01 -23.68 1.64
CA HIS D 264 -5.71 -24.14 2.16
C HIS D 264 -5.90 -25.47 2.90
N LYS D 265 -5.04 -26.42 2.61
CA LYS D 265 -5.19 -27.84 3.07
C LYS D 265 -5.26 -27.91 4.59
N VAL D 266 -4.48 -27.09 5.26
CA VAL D 266 -4.48 -27.08 6.72
C VAL D 266 -5.61 -26.24 7.27
N GLY D 267 -5.92 -25.11 6.66
CA GLY D 267 -7.11 -24.37 7.11
C GLY D 267 -8.35 -25.25 7.05
N ASN D 268 -8.48 -26.04 6.00
CA ASN D 268 -9.62 -26.91 5.85
C ASN D 268 -9.66 -28.02 6.89
N ILE D 269 -8.49 -28.56 7.26
CA ILE D 269 -8.49 -29.65 8.23
C ILE D 269 -8.84 -29.08 9.62
N ILE D 270 -8.42 -27.86 9.86
CA ILE D 270 -8.83 -27.17 11.10
C ILE D 270 -10.34 -26.95 11.17
N ASP D 271 -10.92 -26.47 10.09
CA ASP D 271 -12.37 -26.34 9.98
C ASP D 271 -13.04 -27.68 10.25
N THR D 272 -12.46 -28.73 9.68
CA THR D 272 -13.00 -30.08 9.88
C THR D 272 -12.92 -30.52 11.33
N MET D 273 -11.80 -30.22 11.98
CA MET D 273 -11.65 -30.57 13.40
C MET D 273 -12.62 -29.80 14.28
N ILE D 274 -12.79 -28.54 13.96
CA ILE D 274 -13.73 -27.68 14.71
C ILE D 274 -15.15 -28.21 14.51
N THR D 275 -15.48 -28.58 13.29
CA THR D 275 -16.78 -29.14 12.98
C THR D 275 -17.04 -30.43 13.81
N ASP D 276 -16.01 -31.28 13.89
N ASP D 276 -16.02 -31.30 13.85
CA ASP D 276 -16.11 -32.51 14.68
CA ASP D 276 -16.06 -32.53 14.65
C ASP D 276 -16.33 -32.21 16.15
C ASP D 276 -16.32 -32.23 16.15
N ALA D 277 -15.62 -31.23 16.70
CA ALA D 277 -15.87 -30.82 18.08
C ALA D 277 -17.29 -30.33 18.29
N PHE D 278 -17.82 -29.58 17.33
CA PHE D 278 -19.19 -29.03 17.46
C PHE D 278 -20.19 -30.15 17.46
N LEU D 279 -19.98 -31.14 16.60
CA LEU D 279 -20.84 -32.33 16.57
C LEU D 279 -20.82 -33.05 17.90
N LYS D 280 -19.65 -33.20 18.50
CA LYS D 280 -19.54 -33.85 19.79
C LYS D 280 -20.07 -33.02 20.96
N ALA D 281 -20.23 -31.76 20.74
CA ALA D 281 -20.73 -30.88 21.79
C ALA D 281 -22.22 -30.61 21.62
N ASP D 282 -22.77 -31.00 20.49
CA ASP D 282 -24.10 -30.50 20.07
C ASP D 282 -25.22 -30.98 20.99
N ASP D 283 -25.06 -32.14 21.63
CA ASP D 283 -26.01 -32.63 22.60
C ASP D 283 -26.03 -31.85 23.91
N TYR D 284 -24.96 -31.14 24.21
CA TYR D 284 -24.74 -30.65 25.56
C TYR D 284 -24.76 -29.12 25.71
N ILE D 285 -24.46 -28.40 24.64
CA ILE D 285 -24.51 -26.93 24.69
C ILE D 285 -25.94 -26.48 24.50
N GLU D 286 -26.42 -25.61 25.39
CA GLU D 286 -27.81 -25.12 25.26
C GLU D 286 -27.82 -23.60 25.03
N ILE D 287 -28.61 -23.18 24.06
CA ILE D 287 -28.73 -21.79 23.75
C ILE D 287 -30.19 -21.40 23.93
N THR D 288 -30.38 -20.36 24.74
CA THR D 288 -31.70 -19.91 25.10
C THR D 288 -32.26 -19.02 24.01
N GLY D 289 -33.43 -19.36 23.53
CA GLY D 289 -34.13 -18.57 22.53
C GLY D 289 -35.42 -17.95 23.00
N ALA D 290 -36.37 -17.82 22.08
CA ALA D 290 -37.63 -17.15 22.35
C ALA D 290 -38.40 -17.85 23.46
N GLY D 291 -38.89 -17.04 24.43
CA GLY D 291 -39.69 -17.52 25.55
C GLY D 291 -38.90 -18.42 26.50
N GLY D 292 -37.58 -18.25 26.56
CA GLY D 292 -36.75 -19.08 27.41
C GLY D 292 -36.45 -20.50 26.91
N LYS D 293 -37.06 -20.91 25.80
CA LYS D 293 -36.86 -22.25 25.25
C LYS D 293 -35.36 -22.49 24.89
N LYS D 294 -34.91 -23.73 25.04
CA LYS D 294 -33.51 -24.06 24.88
C LYS D 294 -33.29 -24.71 23.54
N TYR D 295 -32.20 -24.33 22.88
CA TYR D 295 -31.85 -24.88 21.55
C TYR D 295 -30.45 -25.39 21.59
N ARG D 296 -30.13 -26.23 20.61
CA ARG D 296 -28.77 -26.71 20.40
C ARG D 296 -28.09 -25.94 19.29
N ILE D 297 -26.78 -26.12 19.16
CA ILE D 297 -26.02 -25.50 18.09
C ILE D 297 -26.72 -25.76 16.76
N SER D 298 -27.14 -27.00 16.51
CA SER D 298 -27.70 -27.40 15.26
C SER D 298 -29.15 -26.95 15.08
N THR D 299 -29.86 -26.59 16.16
CA THR D 299 -31.25 -26.20 16.03
C THR D 299 -31.48 -24.71 16.25
N ALA D 300 -30.42 -24.00 16.62
CA ALA D 300 -30.51 -22.55 16.81
C ALA D 300 -30.97 -21.82 15.57
N ILE D 301 -30.74 -22.43 14.43
CA ILE D 301 -31.20 -21.89 13.14
C ILE D 301 -32.71 -21.81 12.99
N ASP D 302 -33.43 -22.51 13.86
CA ASP D 302 -34.89 -22.46 13.84
C ASP D 302 -35.46 -21.28 14.60
N ASP D 303 -34.67 -20.66 15.47
CA ASP D 303 -35.14 -19.52 16.23
C ASP D 303 -34.12 -18.41 16.16
N MET D 304 -34.48 -17.29 15.54
CA MET D 304 -33.54 -16.21 15.32
C MET D 304 -33.05 -15.58 16.62
N GLU D 305 -33.87 -15.59 17.65
CA GLU D 305 -33.48 -15.09 18.95
C GLU D 305 -32.30 -15.89 19.50
N ALA D 306 -32.35 -17.22 19.31
CA ALA D 306 -31.22 -18.06 19.69
C ALA D 306 -30.05 -17.91 18.75
N TYR D 307 -30.35 -17.79 17.45
CA TYR D 307 -29.32 -17.70 16.45
C TYR D 307 -28.46 -16.42 16.65
N THR D 308 -29.13 -15.34 17.10
CA THR D 308 -28.47 -14.09 17.46
C THR D 308 -27.28 -14.32 18.41
N LYS D 309 -27.40 -15.34 19.26
CA LYS D 309 -26.39 -15.62 20.28
C LYS D 309 -25.45 -16.75 19.88
N LEU D 310 -25.57 -17.23 18.66
CA LEU D 310 -24.69 -18.27 18.16
C LEU D 310 -23.54 -17.69 17.32
N THR D 311 -22.36 -17.56 17.92
CA THR D 311 -21.19 -16.97 17.28
C THR D 311 -19.95 -17.83 17.54
N ASP D 312 -18.79 -17.31 17.18
CA ASP D 312 -17.51 -18.04 17.34
C ASP D 312 -17.25 -18.35 18.79
N ASN D 313 -17.88 -17.59 19.68
CA ASN D 313 -17.87 -17.86 21.11
C ASN D 313 -18.08 -19.31 21.51
N ILE D 314 -18.90 -20.04 20.76
CA ILE D 314 -19.09 -21.44 21.04
C ILE D 314 -17.80 -22.22 21.10
N PHE D 315 -16.84 -21.84 20.27
CA PHE D 315 -15.53 -22.49 20.28
C PHE D 315 -14.92 -22.39 21.66
N LEU D 316 -14.89 -21.20 22.21
CA LEU D 316 -14.25 -20.96 23.51
C LEU D 316 -15.05 -21.53 24.67
N GLU D 317 -16.37 -21.45 24.58
CA GLU D 317 -17.24 -22.09 25.56
C GLU D 317 -16.88 -23.57 25.67
N ILE D 318 -16.78 -24.26 24.55
CA ILE D 318 -16.29 -25.63 24.58
C ILE D 318 -14.86 -25.79 25.11
N LEU D 319 -13.94 -24.98 24.65
CA LEU D 319 -12.54 -25.11 25.02
C LEU D 319 -12.34 -24.91 26.53
N TYR D 320 -13.04 -23.97 27.08
CA TYR D 320 -12.91 -23.62 28.49
C TYR D 320 -13.86 -24.40 29.39
N SER D 321 -14.67 -25.28 28.82
CA SER D 321 -15.67 -26.04 29.61
C SER D 321 -14.95 -26.99 30.59
N THR D 322 -15.64 -27.28 31.70
CA THR D 322 -15.17 -28.28 32.66
C THR D 322 -16.09 -29.49 32.71
N ASP D 323 -17.33 -29.38 32.21
CA ASP D 323 -18.25 -30.48 32.12
C ASP D 323 -17.63 -31.71 31.45
N PRO D 324 -17.66 -32.86 32.16
CA PRO D 324 -17.11 -34.12 31.62
C PRO D 324 -17.84 -34.59 30.37
N LYS D 325 -19.11 -34.19 30.18
CA LYS D 325 -19.83 -34.53 28.96
C LYS D 325 -19.17 -33.96 27.72
N LEU D 326 -18.51 -32.81 27.88
CA LEU D 326 -17.87 -32.09 26.76
C LEU D 326 -16.40 -32.44 26.60
N LYS D 327 -15.95 -33.46 27.31
CA LYS D 327 -14.57 -33.86 27.30
C LYS D 327 -14.07 -34.20 25.90
N ASP D 328 -14.82 -34.96 25.10
CA ASP D 328 -14.33 -35.36 23.77
C ASP D 328 -14.24 -34.14 22.84
N ALA D 329 -15.25 -33.28 22.88
CA ALA D 329 -15.24 -32.09 22.09
C ALA D 329 -14.08 -31.16 22.48
N ARG D 330 -13.92 -30.98 23.79
CA ARG D 330 -12.87 -30.13 24.33
C ARG D 330 -11.49 -30.69 23.94
N GLU D 331 -11.31 -31.99 23.92
CA GLU D 331 -10.00 -32.57 23.55
C GLU D 331 -9.62 -32.30 22.14
N ILE D 332 -10.59 -32.30 21.24
CA ILE D 332 -10.33 -32.00 19.85
C ILE D 332 -9.79 -30.58 19.70
N LEU D 333 -10.44 -29.62 20.35
CA LEU D 333 -9.99 -28.26 20.31
C LEU D 333 -8.63 -28.09 20.94
N LYS D 334 -8.36 -28.84 21.98
CA LYS D 334 -7.04 -28.75 22.62
C LYS D 334 -5.94 -29.26 21.70
N GLN D 335 -6.26 -30.25 20.90
CA GLN D 335 -5.29 -30.75 19.94
C GLN D 335 -4.99 -29.69 18.87
N ILE D 336 -5.98 -28.88 18.54
CA ILE D 336 -5.75 -27.73 17.68
C ILE D 336 -4.71 -26.79 18.31
N GLU D 337 -4.89 -26.43 19.57
CA GLU D 337 -4.00 -25.52 20.27
C GLU D 337 -2.56 -26.04 20.35
N TYR D 338 -2.39 -27.35 20.53
CA TYR D 338 -1.07 -27.96 20.56
C TYR D 338 -0.55 -28.30 19.17
N ARG D 339 -1.39 -28.01 18.18
CA ARG D 339 -1.06 -28.22 16.79
C ARG D 339 -0.80 -29.69 16.50
N ASN D 340 -1.57 -30.54 17.16
CA ASN D 340 -1.57 -31.94 16.85
C ASN D 340 -2.75 -32.19 15.95
N LEU D 341 -2.61 -31.76 14.70
CA LEU D 341 -3.68 -31.81 13.74
C LEU D 341 -3.67 -33.12 12.95
N PHE D 342 -4.81 -33.49 12.37
CA PHE D 342 -4.81 -34.59 11.42
C PHE D 342 -3.80 -34.24 10.31
N LYS D 343 -3.13 -35.26 9.76
CA LYS D 343 -2.01 -35.03 8.88
C LYS D 343 -2.49 -35.12 7.43
N TYR D 344 -2.02 -34.16 6.63
CA TYR D 344 -2.33 -34.13 5.22
C TYR D 344 -1.48 -35.22 4.56
N VAL D 345 -2.12 -36.05 3.77
CA VAL D 345 -1.42 -37.12 3.08
C VAL D 345 -1.13 -36.72 1.63
N GLY D 346 -2.14 -36.18 0.94
CA GLY D 346 -1.95 -35.74 -0.41
C GLY D 346 -3.20 -35.27 -1.10
N GLU D 347 -3.02 -34.88 -2.36
CA GLU D 347 -4.08 -34.32 -3.18
C GLU D 347 -4.03 -34.93 -4.57
N THR D 348 -5.20 -35.11 -5.18
CA THR D 348 -5.31 -35.65 -6.51
C THR D 348 -6.60 -35.16 -7.15
N GLN D 349 -6.79 -35.44 -8.43
CA GLN D 349 -8.00 -35.02 -9.12
C GLN D 349 -8.55 -36.15 -9.95
N PRO D 350 -9.87 -36.14 -10.18
CA PRO D 350 -10.44 -37.09 -11.11
C PRO D 350 -9.95 -36.81 -12.53
N THR D 351 -10.07 -37.83 -13.38
CA THR D 351 -9.64 -37.75 -14.77
C THR D 351 -10.83 -37.90 -15.69
N GLY D 352 -10.72 -37.32 -16.90
CA GLY D 352 -11.79 -37.40 -17.90
C GLY D 352 -13.13 -36.82 -17.45
N GLN D 353 -14.19 -37.60 -17.62
CA GLN D 353 -15.54 -37.19 -17.31
C GLN D 353 -15.95 -37.51 -15.89
N ILE D 354 -15.04 -38.06 -15.12
CA ILE D 354 -15.37 -38.61 -13.80
C ILE D 354 -15.72 -37.46 -12.85
N LYS D 355 -16.85 -37.57 -12.16
CA LYS D 355 -17.27 -36.53 -11.27
C LYS D 355 -17.83 -37.17 -9.99
N ILE D 356 -17.31 -36.76 -8.86
CA ILE D 356 -17.71 -37.36 -7.60
C ILE D 356 -18.94 -36.66 -7.09
N LYS D 357 -19.98 -37.44 -6.81
CA LYS D 357 -21.25 -36.93 -6.36
C LYS D 357 -21.23 -36.83 -4.84
N ARG D 358 -22.01 -35.87 -4.34
CA ARG D 358 -22.13 -35.65 -2.88
C ARG D 358 -22.52 -36.90 -2.08
N GLU D 359 -23.38 -37.72 -2.67
CA GLU D 359 -23.84 -38.95 -2.00
C GLU D 359 -22.73 -39.98 -1.85
N ASP D 360 -21.62 -39.85 -2.60
CA ASP D 360 -20.50 -40.76 -2.50
C ASP D 360 -19.36 -40.31 -1.60
N TYR D 361 -19.45 -39.12 -1.01
CA TYR D 361 -18.40 -38.62 -0.15
C TYR D 361 -18.12 -39.56 1.04
N GLU D 362 -19.18 -40.12 1.65
CA GLU D 362 -19.03 -40.95 2.82
C GLU D 362 -18.30 -42.28 2.51
N SER D 363 -18.45 -42.77 1.29
CA SER D 363 -17.85 -44.03 0.91
C SER D 363 -16.31 -43.94 0.64
N LEU D 364 -15.78 -42.72 0.58
CA LEU D 364 -14.42 -42.55 0.09
C LEU D 364 -13.32 -43.01 1.06
N PRO D 365 -13.46 -42.68 2.36
CA PRO D 365 -12.49 -43.19 3.33
C PRO D 365 -12.39 -44.72 3.30
N LYS D 366 -13.53 -45.37 3.15
CA LYS D 366 -13.59 -46.81 3.01
C LYS D 366 -12.84 -47.30 1.79
N GLU D 367 -13.00 -46.61 0.65
CA GLU D 367 -12.24 -47.01 -0.53
C GLU D 367 -10.71 -46.90 -0.31
N VAL D 368 -10.30 -45.84 0.35
CA VAL D 368 -8.87 -45.63 0.56
C VAL D 368 -8.32 -46.78 1.41
N ALA D 369 -9.02 -47.08 2.50
CA ALA D 369 -8.62 -48.16 3.40
C ALA D 369 -8.64 -49.56 2.76
N SER D 370 -9.43 -49.71 1.70
CA SER D 370 -9.56 -50.98 0.95
C SER D 370 -8.52 -51.21 -0.13
N ALA D 371 -7.75 -50.18 -0.42
CA ALA D 371 -6.70 -50.30 -1.41
C ALA D 371 -5.62 -51.27 -0.89
N LYS D 372 -4.95 -51.98 -1.80
CA LYS D 372 -4.00 -53.02 -1.40
C LYS D 372 -2.64 -52.78 -2.02
N PRO D 373 -1.95 -51.75 -1.53
CA PRO D 373 -0.62 -51.46 -2.04
C PRO D 373 0.34 -52.63 -1.77
N LYS D 374 1.10 -53.05 -2.76
CA LYS D 374 2.05 -54.18 -2.60
C LYS D 374 3.32 -53.65 -1.93
N VAL D 375 3.25 -53.32 -0.65
CA VAL D 375 4.38 -52.71 0.05
C VAL D 375 4.33 -53.24 1.47
N LEU D 376 5.49 -53.35 2.09
CA LEU D 376 5.55 -53.85 3.43
C LEU D 376 5.12 -52.76 4.43
N LEU D 377 4.12 -53.07 5.24
CA LEU D 377 3.56 -52.08 6.18
C LEU D 377 3.54 -52.59 7.63
N ASP D 378 4.04 -51.77 8.54
CA ASP D 378 4.03 -52.09 9.98
C ASP D 378 2.60 -52.05 10.54
N VAL D 379 1.81 -51.05 10.11
CA VAL D 379 0.46 -50.90 10.53
C VAL D 379 -0.52 -51.04 9.36
N LYS D 380 -1.72 -51.51 9.68
CA LYS D 380 -2.85 -51.52 8.76
C LYS D 380 -3.86 -50.47 9.25
N LEU D 381 -4.35 -49.66 8.32
CA LEU D 381 -5.23 -48.55 8.65
C LEU D 381 -6.65 -48.88 8.24
N LYS D 382 -7.58 -48.29 8.97
CA LYS D 382 -9.01 -48.50 8.76
C LYS D 382 -9.66 -47.25 8.24
N ALA D 383 -10.87 -47.42 7.70
CA ALA D 383 -11.63 -46.28 7.11
C ALA D 383 -11.71 -45.06 8.02
N GLU D 384 -12.00 -45.28 9.29
CA GLU D 384 -12.13 -44.19 10.26
C GLU D 384 -10.83 -43.42 10.47
N ASP D 385 -9.68 -43.95 10.03
CA ASP D 385 -8.42 -43.24 10.12
C ASP D 385 -8.22 -42.20 9.00
N PHE D 386 -9.06 -42.26 7.98
CA PHE D 386 -8.93 -41.39 6.81
C PHE D 386 -10.03 -40.35 6.74
N ILE D 387 -9.61 -39.12 6.37
CA ILE D 387 -10.53 -38.09 5.97
C ILE D 387 -10.32 -37.78 4.50
N VAL D 388 -11.42 -37.70 3.75
CA VAL D 388 -11.36 -37.36 2.34
C VAL D 388 -12.18 -36.09 2.14
N ASP D 389 -11.55 -35.01 1.68
CA ASP D 389 -12.21 -33.71 1.50
C ASP D 389 -12.31 -33.48 0.00
N VAL D 390 -13.53 -33.34 -0.51
CA VAL D 390 -13.72 -33.13 -1.92
C VAL D 390 -14.09 -31.67 -2.14
N ILE D 391 -13.33 -30.97 -2.96
CA ILE D 391 -13.57 -29.54 -3.21
C ILE D 391 -13.94 -29.30 -4.65
N ASN D 392 -15.12 -28.72 -4.87
CA ASN D 392 -15.53 -28.24 -6.17
C ASN D 392 -15.05 -26.83 -6.44
N MET D 393 -14.13 -26.67 -7.38
CA MET D 393 -13.64 -25.36 -7.80
C MET D 393 -14.28 -24.99 -9.10
N ASP D 394 -14.86 -23.80 -9.20
CA ASP D 394 -15.42 -23.33 -10.50
C ASP D 394 -15.43 -21.80 -10.58
N TYR D 395 -15.97 -21.28 -11.67
CA TYR D 395 -16.10 -19.84 -11.88
C TYR D 395 -17.46 -19.32 -11.38
N GLY D 396 -18.08 -20.05 -10.45
CA GLY D 396 -19.29 -19.64 -9.78
C GLY D 396 -20.57 -20.16 -10.42
N MET D 397 -20.45 -20.89 -11.54
CA MET D 397 -21.64 -21.38 -12.24
C MET D 397 -21.48 -22.82 -12.72
N GLN D 398 -20.95 -23.68 -11.87
CA GLN D 398 -20.61 -25.05 -12.25
C GLN D 398 -19.74 -25.02 -13.51
N GLU D 399 -20.15 -25.77 -14.55
N GLU D 399 -20.08 -25.79 -14.55
CA GLU D 399 -19.37 -25.90 -15.76
CA GLU D 399 -19.23 -25.84 -15.74
C GLU D 399 -19.45 -24.66 -16.66
C GLU D 399 -19.40 -24.62 -16.65
N LYS D 400 -20.37 -23.76 -16.37
CA LYS D 400 -20.67 -22.60 -17.25
C LYS D 400 -19.73 -21.40 -17.09
N ASN D 401 -19.46 -20.75 -18.21
CA ASN D 401 -18.63 -19.58 -18.26
C ASN D 401 -19.48 -18.35 -17.96
N PRO D 402 -19.24 -17.72 -16.82
CA PRO D 402 -20.09 -16.56 -16.46
C PRO D 402 -20.03 -15.40 -17.43
N ILE D 403 -18.95 -15.28 -18.20
CA ILE D 403 -18.84 -14.15 -19.11
C ILE D 403 -19.80 -14.29 -20.29
N ASP D 404 -20.24 -15.52 -20.58
CA ASP D 404 -21.35 -15.72 -21.49
C ASP D 404 -22.66 -15.12 -21.01
N HIS D 405 -22.74 -14.79 -19.73
CA HIS D 405 -23.94 -14.21 -19.15
C HIS D 405 -23.78 -12.73 -18.78
N VAL D 406 -22.79 -12.08 -19.38
CA VAL D 406 -22.52 -10.67 -19.17
C VAL D 406 -22.85 -9.91 -20.44
N SER D 407 -23.39 -8.71 -20.31
CA SER D 407 -23.67 -7.86 -21.45
C SER D 407 -22.70 -6.69 -21.49
N PHE D 408 -22.30 -6.30 -22.70
CA PHE D 408 -21.35 -5.24 -22.94
C PHE D 408 -21.91 -4.14 -23.82
N TYR D 409 -21.21 -3.02 -23.86
CA TYR D 409 -21.54 -1.93 -24.77
C TYR D 409 -20.24 -1.41 -25.36
N CYS D 410 -20.32 -0.79 -26.52
N CYS D 410 -20.33 -0.75 -26.50
CA CYS D 410 -19.13 -0.24 -27.18
CA CYS D 410 -19.17 -0.24 -27.22
C CYS D 410 -19.22 1.27 -27.26
C CYS D 410 -19.23 1.28 -27.28
N LYS D 411 -18.07 1.94 -27.32
CA LYS D 411 -18.04 3.40 -27.21
C LYS D 411 -18.82 4.07 -28.33
N THR D 412 -18.84 3.49 -29.52
CA THR D 412 -19.55 4.12 -30.66
C THR D 412 -21.08 4.05 -30.53
N ALA D 413 -21.62 3.15 -29.69
CA ALA D 413 -23.07 3.04 -29.45
C ALA D 413 -23.35 2.59 -28.00
N PRO D 414 -23.19 3.52 -27.05
CA PRO D 414 -23.21 3.17 -25.63
C PRO D 414 -24.55 2.62 -25.13
N ASN D 415 -25.61 2.80 -25.91
CA ASN D 415 -26.90 2.31 -25.52
C ASN D 415 -27.24 0.96 -26.11
N ARG D 416 -26.39 0.45 -26.99
CA ARG D 416 -26.65 -0.84 -27.59
C ARG D 416 -25.82 -1.96 -26.92
N ALA D 417 -26.56 -2.87 -26.28
CA ALA D 417 -25.96 -4.01 -25.58
C ALA D 417 -25.51 -5.08 -26.57
N ILE D 418 -24.37 -5.69 -26.29
CA ILE D 418 -23.82 -6.77 -27.09
C ILE D 418 -23.29 -7.91 -26.24
N ARG D 419 -22.97 -9.01 -26.92
CA ARG D 419 -22.43 -10.22 -26.31
C ARG D 419 -21.05 -10.46 -26.84
N ILE D 420 -20.18 -11.02 -26.00
CA ILE D 420 -18.81 -11.33 -26.38
C ILE D 420 -18.53 -12.77 -26.01
N THR D 421 -18.02 -13.56 -26.95
CA THR D 421 -17.68 -14.95 -26.72
C THR D 421 -16.23 -15.07 -26.31
N LYS D 422 -15.88 -16.23 -25.78
CA LYS D 422 -14.51 -16.50 -25.29
C LYS D 422 -13.45 -16.34 -26.40
N ASN D 423 -13.77 -16.85 -27.58
CA ASN D 423 -12.90 -16.76 -28.74
C ASN D 423 -12.71 -15.36 -29.27
N GLN D 424 -13.64 -14.47 -29.00
CA GLN D 424 -13.40 -13.06 -29.32
C GLN D 424 -12.46 -12.37 -28.32
N VAL D 425 -12.07 -13.06 -27.25
CA VAL D 425 -11.17 -12.46 -26.27
C VAL D 425 -9.74 -12.97 -26.35
N SER D 426 -9.56 -14.28 -26.22
CA SER D 426 -8.21 -14.82 -26.14
C SER D 426 -8.24 -16.32 -26.20
N GLN D 427 -7.23 -16.92 -26.82
CA GLN D 427 -7.02 -18.38 -26.73
C GLN D 427 -6.25 -18.82 -25.50
N LEU D 428 -5.83 -17.88 -24.67
CA LEU D 428 -5.10 -18.21 -23.43
C LEU D 428 -6.04 -18.38 -22.23
N LEU D 429 -7.34 -18.44 -22.49
CA LEU D 429 -8.31 -18.57 -21.43
C LEU D 429 -8.54 -20.06 -21.16
N PRO D 430 -9.09 -20.42 -19.98
CA PRO D 430 -9.43 -21.83 -19.68
C PRO D 430 -10.35 -22.47 -20.70
N GLU D 431 -10.19 -23.76 -20.96
CA GLU D 431 -11.19 -24.48 -21.79
C GLU D 431 -12.34 -25.03 -20.98
N LYS D 432 -12.12 -25.25 -19.68
CA LYS D 432 -13.14 -25.69 -18.75
C LYS D 432 -13.25 -24.69 -17.60
N PHE D 433 -14.40 -24.65 -16.92
CA PHE D 433 -14.65 -23.68 -15.89
C PHE D 433 -14.96 -24.32 -14.53
N ALA D 434 -14.79 -25.64 -14.42
CA ALA D 434 -15.02 -26.38 -13.18
C ALA D 434 -14.09 -27.59 -13.06
N GLU D 435 -13.70 -27.91 -11.84
CA GLU D 435 -12.90 -29.09 -11.51
C GLU D 435 -13.06 -29.49 -10.05
N GLN D 436 -12.58 -30.67 -9.70
CA GLN D 436 -12.65 -31.16 -8.33
C GLN D 436 -11.26 -31.50 -7.80
N LEU D 437 -11.03 -31.18 -6.55
CA LEU D 437 -9.80 -31.57 -5.87
C LEU D 437 -10.19 -32.51 -4.76
N ILE D 438 -9.36 -33.53 -4.57
CA ILE D 438 -9.56 -34.46 -3.48
C ILE D 438 -8.34 -34.40 -2.61
N ARG D 439 -8.55 -34.05 -1.35
CA ARG D 439 -7.51 -34.11 -0.33
C ARG D 439 -7.77 -35.26 0.61
N VAL D 440 -6.70 -35.94 0.98
CA VAL D 440 -6.77 -37.02 1.93
C VAL D 440 -5.88 -36.68 3.11
N TYR D 441 -6.42 -36.92 4.30
CA TYR D 441 -5.73 -36.76 5.53
C TYR D 441 -5.83 -38.03 6.37
N CYS D 442 -4.88 -38.17 7.29
CA CYS D 442 -4.86 -39.32 8.19
C CYS D 442 -4.97 -38.84 9.62
N LYS D 443 -5.86 -39.48 10.39
CA LYS D 443 -6.07 -39.13 11.80
C LYS D 443 -5.02 -39.73 12.71
N LYS D 444 -4.28 -40.75 12.25
CA LYS D 444 -3.13 -41.29 12.98
C LYS D 444 -1.85 -40.60 12.48
N VAL D 445 -1.17 -39.96 13.40
CA VAL D 445 -0.16 -38.96 13.04
C VAL D 445 1.27 -39.42 13.25
N ASP D 446 1.44 -40.61 13.82
CA ASP D 446 2.80 -41.16 13.99
C ASP D 446 3.45 -41.50 12.64
N ARG D 447 4.77 -41.62 12.67
CA ARG D 447 5.55 -41.80 11.45
C ARG D 447 5.14 -43.03 10.65
N LYS D 448 4.88 -44.14 11.32
CA LYS D 448 4.58 -45.36 10.59
C LYS D 448 3.18 -45.33 9.98
N SER D 449 2.24 -44.73 10.70
CA SER D 449 0.87 -44.62 10.17
C SER D 449 0.86 -43.72 8.93
N LEU D 450 1.62 -42.64 8.98
CA LEU D 450 1.63 -41.71 7.90
C LEU D 450 2.29 -42.28 6.66
N TYR D 451 3.38 -43.03 6.88
CA TYR D 451 4.03 -43.78 5.77
C TYR D 451 3.01 -44.69 5.11
N ALA D 452 2.25 -45.40 5.93
CA ALA D 452 1.27 -46.34 5.43
C ALA D 452 0.16 -45.62 4.68
N ALA D 453 -0.32 -44.53 5.28
CA ALA D 453 -1.40 -43.71 4.69
C ALA D 453 -1.01 -43.25 3.29
N ARG D 454 0.24 -42.88 3.12
CA ARG D 454 0.76 -42.49 1.84
C ARG D 454 0.66 -43.63 0.80
N GLN D 455 0.97 -44.85 1.22
CA GLN D 455 0.97 -45.98 0.28
C GLN D 455 -0.48 -46.28 -0.12
N TYR D 456 -1.41 -46.32 0.85
CA TYR D 456 -2.79 -46.54 0.55
C TYR D 456 -3.33 -45.51 -0.43
N PHE D 457 -3.00 -44.24 -0.14
CA PHE D 457 -3.52 -43.10 -0.90
C PHE D 457 -3.06 -43.19 -2.32
N VAL D 458 -1.75 -43.34 -2.54
CA VAL D 458 -1.27 -43.40 -3.89
C VAL D 458 -1.80 -44.63 -4.65
N GLN D 459 -1.97 -45.73 -3.96
CA GLN D 459 -2.51 -46.94 -4.54
C GLN D 459 -3.94 -46.69 -4.97
N TRP D 460 -4.71 -46.06 -4.10
CA TRP D 460 -6.07 -45.68 -4.41
C TRP D 460 -6.18 -44.74 -5.62
N CYS D 461 -5.26 -43.78 -5.71
CA CYS D 461 -5.24 -42.88 -6.88
C CYS D 461 -5.05 -43.69 -8.16
N ALA D 462 -4.08 -44.61 -8.13
CA ALA D 462 -3.78 -45.49 -9.25
C ALA D 462 -4.99 -46.36 -9.58
N ASP D 463 -5.56 -47.02 -8.59
CA ASP D 463 -6.77 -47.83 -8.82
C ASP D 463 -7.92 -47.02 -9.43
N ARG D 464 -8.10 -45.76 -9.05
CA ARG D 464 -9.23 -45.00 -9.53
C ARG D 464 -8.92 -44.21 -10.77
N ASN D 465 -7.66 -44.30 -11.22
CA ASN D 465 -7.20 -43.54 -12.37
C ASN D 465 -7.30 -42.02 -12.18
N PHE D 466 -7.03 -41.58 -10.96
CA PHE D 466 -6.93 -40.17 -10.64
C PHE D 466 -5.55 -39.69 -11.07
N THR D 467 -5.33 -38.39 -11.01
CA THR D 467 -4.04 -37.85 -11.40
C THR D 467 -2.99 -38.22 -10.37
N LYS D 468 -1.76 -38.32 -10.84
CA LYS D 468 -0.64 -38.63 -10.01
C LYS D 468 -0.37 -37.50 -9.02
N PRO D 469 -0.36 -37.80 -7.71
CA PRO D 469 0.04 -36.75 -6.78
C PRO D 469 1.41 -36.22 -7.12
N GLN D 470 1.63 -34.94 -6.88
CA GLN D 470 2.84 -34.28 -7.31
C GLN D 470 4.08 -34.90 -6.70
N ASP D 471 4.00 -35.32 -5.43
CA ASP D 471 5.14 -35.92 -4.74
C ASP D 471 5.06 -37.48 -4.73
N GLY D 472 4.20 -38.05 -5.58
CA GLY D 472 3.92 -39.49 -5.60
C GLY D 472 5.17 -40.36 -5.68
N ASP D 473 6.09 -39.99 -6.57
CA ASP D 473 7.31 -40.78 -6.75
C ASP D 473 8.21 -40.77 -5.52
N VAL D 474 8.10 -39.71 -4.71
CA VAL D 474 8.90 -39.58 -3.51
C VAL D 474 8.22 -40.28 -2.33
N ILE D 475 6.92 -40.07 -2.13
CA ILE D 475 6.24 -40.65 -0.99
C ILE D 475 5.93 -42.17 -1.17
N ALA D 476 5.80 -42.61 -2.41
CA ALA D 476 5.42 -43.99 -2.71
C ALA D 476 6.16 -44.49 -3.97
N PRO D 477 7.47 -44.55 -3.90
CA PRO D 477 8.28 -45.01 -5.01
C PRO D 477 7.97 -46.45 -5.47
N LEU D 478 7.53 -47.30 -4.55
CA LEU D 478 7.18 -48.66 -4.92
C LEU D 478 5.81 -48.81 -5.60
N ILE D 479 4.96 -47.80 -5.46
CA ILE D 479 3.62 -47.85 -5.98
C ILE D 479 3.48 -47.23 -7.36
N THR D 480 4.13 -46.09 -7.58
CA THR D 480 3.93 -45.31 -8.80
C THR D 480 4.35 -46.01 -10.12
N PRO D 481 5.36 -46.90 -10.07
CA PRO D 481 5.79 -47.54 -11.34
C PRO D 481 4.78 -48.46 -11.99
N GLN D 482 3.83 -49.03 -11.23
CA GLN D 482 2.78 -49.92 -11.78
C GLN D 482 1.91 -49.24 -12.85
N LYS D 483 1.86 -47.93 -12.79
CA LYS D 483 0.92 -47.15 -13.61
C LYS D 483 1.66 -46.48 -14.74
N LYS D 484 1.56 -47.06 -15.92
CA LYS D 484 2.32 -46.61 -17.11
C LYS D 484 2.07 -45.14 -17.45
N GLU D 485 0.81 -44.78 -17.32
CA GLU D 485 0.31 -43.43 -17.55
C GLU D 485 1.12 -42.39 -16.81
N TRP D 486 1.53 -42.72 -15.58
CA TRP D 486 2.36 -41.79 -14.75
C TRP D 486 3.88 -41.85 -15.13
N ASN D 487 4.27 -42.92 -15.77
CA ASN D 487 5.64 -43.38 -15.94
C ASN D 487 6.15 -44.61 -15.12
PG DGT E . 3.95 1.91 24.71
O1G DGT E . 4.18 2.33 26.16
O2G DGT E . 3.02 2.81 23.90
O3G DGT E . 5.15 1.41 23.98
O3B DGT E . 3.10 0.57 24.93
PB DGT E . 3.80 -0.71 25.60
O1B DGT E . 5.30 -0.50 25.53
O2B DGT E . 3.09 -1.05 26.90
O3A DGT E . 3.44 -1.83 24.49
PA DGT E . 1.93 -2.41 24.42
O1A DGT E . 1.74 -3.24 23.14
O2A DGT E . 1.60 -2.99 25.80
O5' DGT E . 1.14 -1.01 24.21
C5' DGT E . 1.04 -0.43 22.91
C4' DGT E . -0.09 -1.09 22.15
O4' DGT E . -1.20 -1.08 22.98
C3' DGT E . -0.50 -0.34 20.94
O3' DGT E . -1.11 -1.19 19.97
C2' DGT E . -1.51 0.64 21.42
C1' DGT E . -2.11 -0.06 22.59
N9 DGT E . -2.40 0.88 23.71
C8 DGT E . -1.53 1.43 24.60
N7 DGT E . -2.20 2.19 25.54
C5 DGT E . -3.51 2.13 25.22
C6 DGT E . -4.77 2.69 25.75
O6 DGT E . -4.76 3.44 26.75
N1 DGT E . -5.92 2.36 25.11
C2 DGT E . -5.93 1.54 24.00
N2 DGT E . -7.09 1.24 23.38
N3 DGT E . -4.83 0.98 23.47
C4 DGT E . -3.63 1.24 24.03
PG DTP F . 25.94 9.94 4.45
O1G DTP F . 26.07 11.22 5.20
O2G DTP F . 25.95 8.64 5.17
O3G DTP F . 26.86 9.81 3.26
PB DTP F . 23.86 10.19 2.52
O1B DTP F . 24.94 9.67 1.60
O2B DTP F . 23.24 11.51 2.19
O3B DTP F . 24.39 10.11 4.04
PA DTP F . 21.30 9.26 3.23
O1A DTP F . 21.49 8.43 4.43
O2A DTP F . 20.75 10.64 3.27
O3A DTP F . 22.68 9.11 2.46
O5' DTP F . 20.24 8.31 2.57
C5' DTP F . 20.45 7.76 1.30
C4' DTP F . 19.15 7.18 0.78
O4' DTP F . 18.10 7.20 1.76
C3' DTP F . 18.68 7.97 -0.43
O3' DTP F . 18.16 7.03 -1.35
C2' DTP F . 17.63 8.91 0.12
C1' DTP F . 17.10 8.10 1.31
N9 DTP F . 16.73 8.84 2.52
C8 DTP F . 17.37 9.87 3.07
N7 DTP F . 16.71 10.22 4.21
C5 DTP F . 15.66 9.40 4.36
C6 DTP F . 14.57 9.19 5.31
N6 DTP F . 14.42 9.94 6.43
N1 DTP F . 13.70 8.21 5.03
C2 DTP F . 13.75 7.38 3.97
N3 DTP F . 14.72 7.51 3.09
C4 DTP F . 15.66 8.48 3.23
MG MG G . 3.14 -27.28 7.26
PG DTP H . -18.37 13.09 16.57
O1G DTP H . -18.10 13.96 17.77
O2G DTP H . -18.18 13.91 15.35
O3G DTP H . -19.62 12.24 16.55
PB DTP H . -17.12 10.58 16.49
O1B DTP H . -18.48 9.94 16.54
O2B DTP H . -16.27 10.28 17.68
O3B DTP H . -17.08 12.15 16.42
PA DTP H . -14.97 10.39 14.70
O1A DTP H . -14.87 11.58 13.78
O2A DTP H . -13.97 10.35 15.81
O3A DTP H . -16.45 10.03 15.15
O5' DTP H . -14.59 9.35 13.61
C5' DTP H . -15.39 8.25 13.29
C4' DTP H . -14.45 7.36 12.49
O4' DTP H . -13.23 7.99 12.10
C3' DTP H . -14.06 6.18 13.33
O3' DTP H . -14.11 5.15 12.39
C2' DTP H . -12.65 6.44 13.80
C1' DTP H . -12.10 7.31 12.68
N9 DTP H . -11.15 8.35 13.05
C8 DTP H . -11.26 9.12 14.12
N7 DTP H . -10.26 10.02 14.09
C5 DTP H . -9.51 9.84 13.01
C6 DTP H . -8.31 10.48 12.42
N6 DTP H . -7.72 11.51 13.04
N1 DTP H . -7.81 9.99 11.28
C2 DTP H . -8.43 8.96 10.65
N3 DTP H . -9.53 8.33 11.13
C4 DTP H . -10.10 8.72 12.31
PG DGT I . 4.40 24.77 -0.20
O1G DGT I . 3.25 23.85 -0.03
O2G DGT I . 5.62 24.41 0.59
O3G DGT I . 4.12 26.26 -0.23
O3B DGT I . 4.78 24.46 -1.73
PB DGT I . 4.36 25.54 -2.84
O1B DGT I . 3.05 26.13 -2.33
O2B DGT I . 5.52 26.45 -3.24
O3A DGT I . 3.98 24.54 -4.04
PA DGT I . 5.14 23.67 -4.74
O1A DGT I . 4.52 22.41 -5.30
O2A DGT I . 5.90 24.59 -5.63
O5' DGT I . 6.09 23.28 -3.48
C5' DGT I . 6.12 21.95 -2.98
C4' DGT I . 6.59 21.00 -4.08
O4' DGT I . 7.77 21.51 -4.66
C3' DGT I . 6.92 19.63 -3.57
O3' DGT I . 6.45 18.62 -4.47
C2' DGT I . 8.42 19.58 -3.44
C1' DGT I . 8.91 20.73 -4.26
N9 DGT I . 9.89 21.55 -3.50
C8 DGT I . 9.63 22.65 -2.76
N7 DGT I . 10.78 23.17 -2.23
C5 DGT I . 11.80 22.38 -2.63
C6 DGT I . 13.28 22.35 -2.44
O6 DGT I . 13.90 23.20 -1.76
N1 DGT I . 13.97 21.37 -3.04
C2 DGT I . 13.37 20.44 -3.80
N2 DGT I . 14.14 19.48 -4.36
N3 DGT I . 12.03 20.40 -4.03
C4 DGT I . 11.21 21.33 -3.48
PG DGT J . 29.63 10.15 0.25
O1G DGT J . 30.26 9.36 -0.88
O2G DGT J . 28.45 9.45 0.88
O3G DGT J . 30.57 10.75 1.22
O3B DGT J . 29.13 11.47 -0.47
PB DGT J . 27.62 12.02 -0.38
O1B DGT J . 26.87 11.40 0.77
O2B DGT J . 27.76 13.50 -0.31
O3A DGT J . 27.01 11.59 -1.81
PA DGT J . 26.38 10.12 -1.98
O1A DGT J . 27.00 9.42 -3.16
O2A DGT J . 26.37 9.39 -0.65
O5' DGT J . 24.88 10.45 -2.42
C5' DGT J . 23.83 10.66 -1.47
C4' DGT J . 22.88 9.47 -1.50
O4' DGT J . 22.16 9.44 -2.77
C3' DGT J . 23.54 8.08 -1.39
O3' DGT J . 23.67 7.65 -0.04
C2' DGT J . 22.61 7.15 -2.17
C1' DGT J . 21.74 8.09 -3.00
N9 DGT J . 21.79 7.87 -4.45
C8 DGT J . 20.74 7.79 -5.29
N7 DGT J . 21.14 7.59 -6.56
C5 DGT J . 22.45 7.58 -6.54
C6 DGT J . 23.48 7.41 -7.55
O6 DGT J . 23.14 7.26 -8.73
N1 DGT J . 24.76 7.41 -7.17
C2 DGT J . 25.11 7.58 -5.88
N2 DGT J . 26.43 7.60 -5.56
N3 DGT J . 24.21 7.74 -4.85
C4 DGT J . 22.89 7.75 -5.16
MG MG K . -9.82 7.19 -25.64
MG MG L . 26.85 9.23 1.39
PG DGT M . 10.16 -10.24 -20.51
O1G DGT M . 9.61 -10.25 -19.13
O2G DGT M . 9.76 -11.49 -21.23
O3G DGT M . 10.02 -8.92 -21.21
O3B DGT M . 11.75 -10.45 -20.35
PB DGT M . 12.83 -9.96 -21.45
O1B DGT M . 12.72 -10.83 -22.68
O2B DGT M . 14.16 -9.84 -20.74
O3A DGT M . 12.37 -8.46 -21.84
PA DGT M . 12.28 -7.36 -20.64
O1A DGT M . 13.38 -6.34 -20.82
O2A DGT M . 12.19 -8.13 -19.36
O5' DGT M . 10.85 -6.64 -20.86
C5' DGT M . 10.05 -6.26 -19.77
C4' DGT M . 9.95 -4.74 -19.65
O4' DGT M . 9.86 -4.17 -20.93
C3' DGT M . 8.68 -4.32 -18.91
O3' DGT M . 8.91 -3.35 -17.87
C2' DGT M . 7.73 -3.80 -19.97
C1' DGT M . 8.60 -3.50 -21.16
N9 DGT M . 7.94 -3.88 -22.48
C8 DGT M . 8.06 -4.99 -23.25
N7 DGT M . 7.34 -4.90 -24.42
C5 DGT M . 6.74 -3.70 -24.41
C6 DGT M . 5.82 -2.91 -25.28
O6 DGT M . 5.38 -3.36 -26.36
N1 DGT M . 5.45 -1.68 -24.85
C2 DGT M . 5.86 -1.14 -23.67
N2 DGT M . 5.47 0.09 -23.28
N3 DGT M . 6.70 -1.78 -22.85
C4 DGT M . 7.15 -3.03 -23.14
PG DGT N . -10.23 8.94 -28.28
O1G DGT N . -10.41 10.43 -28.39
O2G DGT N . -10.35 8.40 -26.87
O3G DGT N . -10.95 8.08 -29.27
O3B DGT N . -8.69 8.78 -28.64
PB DGT N . -7.79 7.51 -28.19
O1B DGT N . -8.50 6.55 -27.26
O2B DGT N . -7.23 6.93 -29.46
O3A DGT N . -6.64 8.31 -27.44
PA DGT N . -6.93 8.96 -25.99
O1A DGT N . -6.64 10.42 -25.97
O2A DGT N . -8.26 8.50 -25.44
O5' DGT N . -5.67 8.31 -25.23
C5' DGT N . -5.72 7.01 -24.65
C4' DGT N . -5.81 7.13 -23.12
O4' DGT N . -4.61 7.71 -22.58
C3' DGT N . -6.92 8.02 -22.59
O3' DGT N . -8.10 7.22 -22.49
C2' DGT N . -6.41 8.52 -21.25
C1' DGT N . -4.92 8.35 -21.32
N9 DGT N . -4.08 9.56 -21.29
C8 DGT N . -2.91 9.64 -20.62
N7 DGT N . -2.30 10.84 -20.78
C5 DGT N . -3.07 11.56 -21.59
C6 DGT N . -3.01 12.93 -22.18
O6 DGT N . -2.11 13.76 -21.99
N1 DGT N . -3.99 13.30 -22.94
C2 DGT N . -5.02 12.49 -23.23
N2 DGT N . -5.95 13.00 -24.10
N3 DGT N . -5.15 11.21 -22.73
C4 DGT N . -4.22 10.71 -21.93
PG DTP O . 3.95 -27.40 4.47
O1G DTP O . 3.26 -28.08 3.31
O2G DTP O . 5.45 -27.43 4.47
O3G DTP O . 3.41 -27.80 5.82
PB DTP O . 2.22 -25.38 5.21
O1B DTP O . 2.50 -25.67 6.65
O2B DTP O . 0.90 -25.76 4.60
O3B DTP O . 3.44 -25.88 4.27
PA DTP O . 2.37 -23.06 3.67
O1A DTP O . 3.73 -23.18 3.05
O2A DTP O . 1.10 -23.22 2.90
O3A DTP O . 2.34 -23.81 5.07
O5' DTP O . 2.49 -21.58 4.20
C5' DTP O . 2.09 -21.21 5.48
C4' DTP O . 1.98 -19.68 5.48
O4' DTP O . 2.10 -19.07 4.18
C3' DTP O . 0.62 -19.34 6.06
O3' DTP O . 0.71 -18.34 7.08
C2' DTP O . -0.17 -18.92 4.83
C1' DTP O . 0.86 -18.49 3.80
N9 DTP O . 0.55 -18.93 2.42
C8 DTP O . 0.14 -20.13 2.00
N7 DTP O . 0.01 -20.11 0.65
C5 DTP O . 0.35 -18.88 0.19
C6 DTP O . 0.46 -18.15 -1.11
N6 DTP O . 0.18 -18.66 -2.33
N1 DTP O . 0.86 -16.85 -1.02
C2 DTP O . 1.16 -16.20 0.12
N3 DTP O . 1.08 -16.81 1.28
C4 DTP O . 0.69 -18.12 1.38
MG MG P . -20.46 10.39 16.85
PG DGT Q . -23.04 10.31 18.57
O1G DGT Q . -24.06 9.30 18.20
O2G DGT Q . -22.09 10.66 17.46
O3G DGT Q . -23.44 11.46 19.41
O3B DGT Q . -22.29 9.45 19.67
PB DGT Q . -20.70 9.29 19.75
O1B DGT Q . -20.04 10.18 18.75
O2B DGT Q . -20.29 9.34 21.18
O3A DGT Q . -20.60 7.74 19.40
PA DGT Q . -20.76 7.23 17.91
O1A DGT Q . -21.88 6.24 17.93
O2A DGT Q . -20.74 8.42 16.97
O5' DGT Q . -19.42 6.38 17.80
C5' DGT Q . -18.20 7.02 17.46
C4' DGT Q . -17.80 6.58 16.06
O4' DGT Q . -17.63 5.16 15.97
C3' DGT Q . -18.80 6.89 14.96
O3' DGT Q . -18.49 8.19 14.42
C2' DGT Q . -18.65 5.77 13.93
C1' DGT Q . -17.76 4.75 14.60
N9 DGT Q . -18.31 3.38 14.66
C8 DGT Q . -17.58 2.26 14.51
N7 DGT Q . -18.34 1.16 14.63
C5 DGT Q . -19.59 1.58 14.88
C6 DGT Q . -20.85 0.94 15.14
O6 DGT Q . -21.00 -0.28 15.17
N1 DGT Q . -21.90 1.69 15.35
C2 DGT Q . -21.83 3.01 15.37
N2 DGT Q . -22.97 3.68 15.64
N3 DGT Q . -20.68 3.68 15.16
C4 DGT Q . -19.56 3.02 14.91
PG DTP R . -11.37 4.66 -25.37
O1G DTP R . -11.57 3.31 -26.02
O2G DTP R . -12.55 5.24 -24.62
O3G DTP R . -10.60 5.75 -26.09
PB DTP R . -8.80 4.56 -24.16
O1B DTP R . -8.68 5.97 -24.64
O2B DTP R . -7.96 3.44 -24.69
O3B DTP R . -10.31 4.05 -24.34
PA DTP R . -8.41 3.27 -21.59
O1A DTP R . -9.73 3.02 -20.92
O2A DTP R . -7.83 2.05 -22.26
O3A DTP R . -8.52 4.57 -22.57
O5' DTP R . -7.41 3.86 -20.49
C5' DTP R . -7.87 4.78 -19.51
C4' DTP R . -6.79 4.94 -18.45
O4' DTP R . -6.71 3.76 -17.72
C3' DTP R . -5.40 5.10 -19.02
O3' DTP R . -4.70 5.93 -18.10
C2' DTP R . -4.75 3.73 -19.08
C1' DTP R . -5.50 3.03 -17.95
N9 DTP R . -5.90 1.62 -18.14
C8 DTP R . -6.22 1.04 -19.30
N7 DTP R . -6.59 -0.24 -19.09
C5 DTP R . -6.53 -0.49 -17.79
C6 DTP R . -6.82 -1.64 -16.92
N6 DTP R . -7.22 -2.80 -17.47
N1 DTP R . -6.64 -1.52 -15.60
C2 DTP R . -6.21 -0.35 -15.06
N3 DTP R . -5.92 0.73 -15.81
C4 DTP R . -6.08 0.74 -17.16
PG DGT S . -18.98 -16.24 -3.38
O1G DGT S . -19.28 -14.80 -3.64
O2G DGT S . -18.15 -16.88 -4.42
O3G DGT S . -18.49 -16.59 -2.00
O3B DGT S . -20.42 -16.96 -3.42
PB DGT S . -21.45 -16.68 -2.20
O1B DGT S . -22.50 -17.77 -2.08
O2B DGT S . -21.87 -15.22 -2.30
O3A DGT S . -20.60 -16.84 -0.86
PA DGT S . -19.93 -15.53 -0.20
O1A DGT S . -19.61 -14.57 -1.32
O2A DGT S . -20.76 -15.10 0.98
O5' DGT S . -18.55 -16.07 0.43
C5' DGT S . -17.32 -15.37 0.24
C4' DGT S . -16.51 -15.43 1.53
O4' DGT S . -16.57 -16.70 2.14
C3' DGT S . -15.05 -15.15 1.24
O3' DGT S . -14.54 -14.17 2.14
C2' DGT S . -14.32 -16.44 1.40
C1' DGT S . -15.27 -17.28 2.21
N9 DGT S . -15.24 -18.70 1.75
C8 DGT S . -15.95 -19.29 0.74
N7 DGT S . -15.67 -20.63 0.68
C5 DGT S . -14.77 -20.92 1.67
C6 DGT S . -14.04 -22.12 2.20
O6 DGT S . -14.18 -23.25 1.68
N1 DGT S . -13.21 -21.96 3.25
C2 DGT S . -13.03 -20.75 3.83
N2 DGT S . -12.20 -20.64 4.89
N3 DGT S . -13.66 -19.62 3.42
C4 DGT S . -14.51 -19.64 2.36
PG DGT T . 3.66 -29.81 9.42
O1G DGT T . 4.33 -29.94 10.77
O2G DGT T . 3.90 -28.50 8.75
O3G DGT T . 3.87 -30.96 8.50
O3B DGT T . 2.07 -29.83 9.70
PB DGT T . 1.05 -28.93 8.80
O1B DGT T . 1.79 -28.39 7.60
O2B DGT T . -0.17 -29.78 8.62
O3A DGT T . 0.54 -27.77 9.74
PA DGT T . 1.40 -26.44 9.88
O1A DGT T . 1.95 -26.41 11.25
O2A DGT T . 2.35 -26.31 8.71
O5' DGT T . 0.26 -25.31 9.77
C5' DGT T . 0.01 -24.70 8.52
C4' DGT T . 0.79 -23.42 8.32
O4' DGT T . 0.02 -22.39 8.96
C3' DGT T . 2.20 -23.34 8.91
O3' DGT T . 3.22 -23.50 7.92
C2' DGT T . 2.31 -21.97 9.53
C1' DGT T . 0.89 -21.41 9.54
N9 DGT T . 0.40 -21.02 10.88
C8 DGT T . -0.47 -20.01 11.15
N7 DGT T . -0.77 -19.89 12.47
C5 DGT T . -0.06 -20.84 13.06
C6 DGT T . 0.13 -21.32 14.44
O6 DGT T . -0.44 -20.79 15.38
N1 DGT T . 0.94 -22.36 14.66
C2 DGT T . 1.60 -22.99 13.67
N2 DGT T . 2.40 -24.03 13.98
N3 DGT T . 1.49 -22.60 12.37
C4 DGT T . 0.70 -21.57 12.02
#